data_2QGQ
#
_entry.id   2QGQ
#
_cell.length_a   88.620
_cell.length_b   88.649
_cell.length_c   96.039
_cell.angle_alpha   89.98
_cell.angle_beta   90.03
_cell.angle_gamma   89.91
#
_symmetry.space_group_name_H-M   'P 1'
#
loop_
_entity.id
_entity.type
_entity.pdbx_description
1 polymer 'Protein TM_1862'
2 non-polymer '3-CYCLOHEXYL-1-PROPYLSULFONIC ACID'
3 water water
#
_entity_poly.entity_id   1
_entity_poly.type   'polypeptide(L)'
_entity_poly.pdbx_seq_one_letter_code
;EERPYAYVKISDGCDRGCTFCSIPSFKGSLRSRSIEDITREVEDLLKEGKKEIILVAQDTTSYGIDLYRKQALPDLLRRL
NSLNGEFWIRV(MSE)YLHPDHLTEEIISA(MSE)LELDKVVKYFDVPVQHGSDKILKL(MSE)GRTKSSEELKK(MSE)
LSSIRERFPDAVLRTSIIVGFPGETEEDFEELKQFVEEIQFDKLGAFVYSDEEGTVAFNLKEKVDPE(MSE)AKRRQEEL
LLLQAEISNSRLDRFVGKKLKFLVEGKEGKFLVGRTWTEAPEVDGVVFVRGKGKIGDFLEVVIKEHDEYD(MSE)WGSVI
LEHHHHHH
;
_entity_poly.pdbx_strand_id   A,B,C,D,E,F,G,H
#
loop_
_chem_comp.id
_chem_comp.type
_chem_comp.name
_chem_comp.formula
CXS non-polymer '3-CYCLOHEXYL-1-PROPYLSULFONIC ACID' 'C9 H19 N O3 S'
#
# COMPACT_ATOMS: atom_id res chain seq x y z
N GLU A 1 -23.98 7.47 58.13
CA GLU A 1 -23.21 8.70 58.47
C GLU A 1 -22.97 9.51 57.20
N GLU A 2 -22.23 10.61 57.31
CA GLU A 2 -21.95 11.45 56.16
C GLU A 2 -20.60 11.15 55.50
N ARG A 3 -19.92 10.10 55.96
CA ARG A 3 -18.62 9.75 55.38
C ARG A 3 -18.84 9.17 53.98
N PRO A 4 -18.05 9.62 52.99
CA PRO A 4 -18.19 9.12 51.63
C PRO A 4 -17.56 7.75 51.36
N TYR A 5 -16.95 7.16 52.39
CA TYR A 5 -16.32 5.85 52.23
C TYR A 5 -16.86 4.84 53.22
N ALA A 6 -16.59 3.56 52.99
CA ALA A 6 -17.06 2.51 53.87
C ALA A 6 -16.13 1.30 53.80
N TYR A 7 -15.96 0.66 54.94
CA TYR A 7 -15.13 -0.53 55.03
C TYR A 7 -16.07 -1.72 54.84
N VAL A 8 -15.62 -2.69 54.06
CA VAL A 8 -16.42 -3.89 53.80
C VAL A 8 -15.56 -5.09 54.19
N LYS A 9 -15.99 -5.82 55.20
CA LYS A 9 -15.24 -6.99 55.67
C LYS A 9 -15.58 -8.19 54.81
N ILE A 10 -14.65 -8.58 53.95
CA ILE A 10 -14.88 -9.69 53.05
C ILE A 10 -14.71 -11.06 53.71
N SER A 11 -14.15 -11.07 54.91
CA SER A 11 -13.94 -12.29 55.68
C SER A 11 -13.46 -11.89 57.06
N ASP A 12 -13.61 -12.77 58.05
CA ASP A 12 -13.18 -12.47 59.41
C ASP A 12 -12.41 -13.65 60.00
N GLY A 13 -11.90 -14.52 59.14
CA GLY A 13 -11.14 -15.67 59.60
C GLY A 13 -9.66 -15.38 59.73
N CYS A 14 -8.84 -16.42 59.67
CA CYS A 14 -7.40 -16.27 59.80
C CYS A 14 -6.67 -17.50 59.28
N GLY A 28 -9.08 -17.11 64.38
CA GLY A 28 -10.11 -18.10 64.17
C GLY A 28 -10.07 -18.67 62.76
N SER A 29 -10.92 -19.65 62.50
CA SER A 29 -10.99 -20.29 61.18
C SER A 29 -11.34 -19.25 60.11
N LEU A 30 -10.67 -19.36 58.96
CA LEU A 30 -10.91 -18.43 57.86
C LEU A 30 -12.32 -18.59 57.30
N ARG A 31 -13.11 -17.52 57.37
CA ARG A 31 -14.50 -17.55 56.88
C ARG A 31 -14.80 -16.37 55.96
N SER A 32 -14.97 -16.66 54.67
CA SER A 32 -15.24 -15.65 53.66
C SER A 32 -16.72 -15.51 53.35
N ARG A 33 -17.17 -14.28 53.10
CA ARG A 33 -18.56 -14.05 52.74
C ARG A 33 -18.60 -14.32 51.25
N SER A 34 -19.77 -14.68 50.73
CA SER A 34 -19.90 -14.99 49.30
C SER A 34 -19.73 -13.74 48.44
N ILE A 35 -19.29 -13.93 47.20
CA ILE A 35 -19.13 -12.80 46.30
C ILE A 35 -20.46 -12.07 46.17
N GLU A 36 -21.55 -12.81 46.05
CA GLU A 36 -22.87 -12.20 45.93
C GLU A 36 -23.30 -11.42 47.16
N ASP A 37 -22.97 -11.91 48.35
CA ASP A 37 -23.37 -11.18 49.55
C ASP A 37 -22.61 -9.86 49.66
N ILE A 38 -21.31 -9.90 49.41
CA ILE A 38 -20.49 -8.69 49.47
C ILE A 38 -20.95 -7.71 48.40
N THR A 39 -21.33 -8.25 47.24
CA THR A 39 -21.79 -7.40 46.15
C THR A 39 -23.05 -6.63 46.55
N ARG A 40 -24.03 -7.32 47.12
CA ARG A 40 -25.27 -6.69 47.54
C ARG A 40 -25.02 -5.62 48.60
N GLU A 41 -24.05 -5.86 49.47
CA GLU A 41 -23.72 -4.88 50.52
C GLU A 41 -23.16 -3.62 49.85
N VAL A 42 -22.21 -3.81 48.94
CA VAL A 42 -21.63 -2.67 48.25
C VAL A 42 -22.68 -1.89 47.46
N GLU A 43 -23.56 -2.61 46.75
CA GLU A 43 -24.62 -1.96 45.98
C GLU A 43 -25.44 -1.05 46.88
N ASP A 44 -25.78 -1.54 48.06
CA ASP A 44 -26.54 -0.74 49.02
C ASP A 44 -25.73 0.49 49.42
N LEU A 45 -24.43 0.31 49.60
CA LEU A 45 -23.57 1.42 49.96
C LEU A 45 -23.53 2.47 48.85
N LEU A 46 -23.43 2.03 47.60
CA LEU A 46 -23.41 2.97 46.48
C LEU A 46 -24.75 3.68 46.36
N LYS A 47 -25.84 3.00 46.75
CA LYS A 47 -27.15 3.61 46.69
C LYS A 47 -27.26 4.72 47.72
N GLU A 48 -26.58 4.58 48.85
CA GLU A 48 -26.66 5.63 49.87
C GLU A 48 -25.66 6.73 49.62
N GLY A 49 -24.94 6.67 48.50
CA GLY A 49 -23.99 7.71 48.17
C GLY A 49 -22.52 7.48 48.44
N LYS A 50 -22.13 6.29 48.89
CA LYS A 50 -20.72 6.02 49.15
C LYS A 50 -19.92 6.09 47.85
N LYS A 51 -18.74 6.69 47.90
CA LYS A 51 -17.90 6.82 46.71
C LYS A 51 -16.60 6.02 46.78
N GLU A 52 -16.32 5.43 47.93
CA GLU A 52 -15.11 4.65 48.10
C GLU A 52 -15.41 3.39 48.90
N ILE A 53 -15.09 2.24 48.30
CA ILE A 53 -15.33 0.95 48.93
C ILE A 53 -13.96 0.38 49.30
N ILE A 54 -13.75 0.17 50.60
CA ILE A 54 -12.49 -0.34 51.10
C ILE A 54 -12.65 -1.76 51.63
N LEU A 55 -12.08 -2.70 50.87
CA LEU A 55 -12.12 -4.12 51.21
C LEU A 55 -11.08 -4.44 52.29
N VAL A 56 -11.55 -5.01 53.39
CA VAL A 56 -10.68 -5.34 54.51
C VAL A 56 -10.88 -6.76 55.05
N ALA A 57 -9.83 -7.26 55.70
CA ALA A 57 -9.78 -8.58 56.31
C ALA A 57 -8.39 -8.73 56.87
N GLN A 58 -8.17 -9.76 57.68
CA GLN A 58 -6.85 -10.01 58.25
C GLN A 58 -5.86 -10.09 57.09
N ASP A 59 -6.26 -10.80 56.05
CA ASP A 59 -5.44 -10.98 54.86
C ASP A 59 -6.40 -11.04 53.67
N THR A 60 -6.58 -9.91 52.98
CA THR A 60 -7.49 -9.88 51.85
C THR A 60 -7.11 -10.80 50.70
N THR A 61 -5.82 -11.06 50.52
CA THR A 61 -5.39 -11.95 49.45
C THR A 61 -5.83 -13.39 49.69
N SER A 62 -6.23 -13.71 50.92
CA SER A 62 -6.68 -15.06 51.24
C SER A 62 -8.19 -15.26 51.06
N TYR A 63 -8.89 -14.20 50.66
CA TYR A 63 -10.34 -14.26 50.44
C TYR A 63 -10.80 -15.38 49.51
N GLY A 64 -11.82 -16.13 49.90
CA GLY A 64 -12.34 -17.19 49.05
C GLY A 64 -11.75 -18.58 49.17
N ILE A 65 -10.58 -18.69 49.79
CA ILE A 65 -9.94 -19.99 49.95
C ILE A 65 -10.84 -21.01 50.64
N ASP A 66 -11.53 -20.60 51.69
CA ASP A 66 -12.41 -21.48 52.44
C ASP A 66 -13.76 -21.74 51.78
N LEU A 67 -14.16 -20.87 50.85
CA LEU A 67 -15.45 -20.99 50.20
C LEU A 67 -15.41 -21.46 48.75
N TYR A 68 -14.44 -20.95 47.99
CA TYR A 68 -14.31 -21.30 46.59
C TYR A 68 -13.12 -22.22 46.33
N ARG A 69 -12.39 -22.56 47.39
CA ARG A 69 -11.23 -23.41 47.25
C ARG A 69 -10.17 -22.79 46.35
N LYS A 70 -10.06 -21.46 46.40
CA LYS A 70 -9.08 -20.72 45.62
C LYS A 70 -9.19 -19.23 45.91
N GLN A 71 -8.13 -18.49 45.60
CA GLN A 71 -8.11 -17.05 45.84
C GLN A 71 -9.01 -16.33 44.87
N ALA A 72 -10.25 -16.12 45.32
CA ALA A 72 -11.27 -15.48 44.51
C ALA A 72 -11.28 -13.96 44.61
N LEU A 73 -10.21 -13.37 45.13
CA LEU A 73 -10.17 -11.92 45.23
C LEU A 73 -10.34 -11.31 43.84
N PRO A 74 -9.73 -11.94 42.80
CA PRO A 74 -9.87 -11.41 41.43
C PRO A 74 -11.31 -11.33 40.97
N ASP A 75 -12.05 -12.40 41.24
CA ASP A 75 -13.45 -12.52 40.88
C ASP A 75 -14.30 -11.51 41.62
N LEU A 76 -14.01 -11.34 42.91
CA LEU A 76 -14.73 -10.39 43.74
C LEU A 76 -14.56 -8.99 43.18
N LEU A 77 -13.32 -8.60 42.92
CA LEU A 77 -13.04 -7.28 42.37
C LEU A 77 -13.75 -7.03 41.04
N ARG A 78 -13.74 -8.03 40.16
CA ARG A 78 -14.40 -7.89 38.87
C ARG A 78 -15.88 -7.62 39.05
N ARG A 79 -16.49 -8.37 39.96
CA ARG A 79 -17.91 -8.21 40.23
C ARG A 79 -18.23 -6.80 40.74
N LEU A 80 -17.45 -6.34 41.73
CA LEU A 80 -17.64 -5.03 42.32
C LEU A 80 -17.36 -3.94 41.28
N ASN A 81 -16.32 -4.14 40.48
CA ASN A 81 -15.94 -3.17 39.46
C ASN A 81 -17.09 -2.94 38.47
N SER A 82 -17.88 -3.99 38.22
CA SER A 82 -18.98 -3.86 37.27
C SER A 82 -20.22 -3.17 37.83
N LEU A 83 -20.23 -2.89 39.13
CA LEU A 83 -21.39 -2.22 39.69
C LEU A 83 -21.45 -0.83 39.06
N ASN A 84 -22.66 -0.32 38.87
CA ASN A 84 -22.88 0.98 38.23
C ASN A 84 -22.43 2.21 39.02
N GLY A 85 -21.81 3.16 38.32
CA GLY A 85 -21.39 4.39 38.98
C GLY A 85 -19.91 4.70 38.96
N GLU A 86 -19.57 5.92 39.36
CA GLU A 86 -18.19 6.35 39.47
C GLU A 86 -17.88 6.25 40.96
N PHE A 87 -16.94 5.38 41.30
CA PHE A 87 -16.54 5.20 42.68
C PHE A 87 -15.18 4.50 42.73
N TRP A 88 -14.57 4.49 43.90
CA TRP A 88 -13.28 3.85 44.09
C TRP A 88 -13.41 2.55 44.85
N ILE A 89 -12.54 1.60 44.53
CA ILE A 89 -12.48 0.32 45.22
C ILE A 89 -11.02 0.25 45.70
N ARG A 90 -10.83 0.22 47.02
CA ARG A 90 -9.50 0.17 47.60
C ARG A 90 -9.31 -1.12 48.40
N VAL A 91 -8.21 -1.81 48.17
CA VAL A 91 -7.95 -3.05 48.89
C VAL A 91 -6.88 -2.78 49.92
N MSE A 92 -7.04 -3.36 51.10
CA MSE A 92 -6.03 -3.15 52.11
C MSE A 92 -5.65 -4.46 52.76
O MSE A 92 -6.29 -5.48 52.53
CB MSE A 92 -6.50 -2.13 53.14
CG MSE A 92 -6.53 -0.72 52.56
SE MSE A 92 -7.08 0.56 53.80
CE MSE A 92 -5.33 1.07 54.46
N TYR A 93 -4.55 -4.43 53.51
CA TYR A 93 -4.08 -5.60 54.22
C TYR A 93 -3.72 -6.77 53.29
N LEU A 94 -2.93 -6.50 52.26
CA LEU A 94 -2.50 -7.55 51.35
C LEU A 94 -1.32 -8.24 52.02
N HIS A 95 -1.18 -9.56 51.81
CA HIS A 95 -0.07 -10.30 52.36
C HIS A 95 0.84 -10.64 51.18
N PRO A 96 2.09 -10.17 51.20
CA PRO A 96 3.04 -10.41 50.11
C PRO A 96 3.25 -11.86 49.71
N ASP A 97 3.22 -12.78 50.67
CA ASP A 97 3.41 -14.18 50.33
C ASP A 97 2.27 -14.77 49.55
N HIS A 98 1.13 -14.09 49.55
CA HIS A 98 -0.04 -14.58 48.83
C HIS A 98 -0.52 -13.65 47.73
N LEU A 99 0.25 -12.60 47.46
CA LEU A 99 -0.11 -11.65 46.41
C LEU A 99 0.24 -12.27 45.06
N THR A 100 -0.72 -12.98 44.46
CA THR A 100 -0.51 -13.65 43.18
C THR A 100 -0.60 -12.71 41.99
N GLU A 101 -0.22 -13.23 40.82
CA GLU A 101 -0.27 -12.44 39.61
C GLU A 101 -1.72 -12.22 39.21
N GLU A 102 -2.59 -13.16 39.56
CA GLU A 102 -4.01 -13.03 39.26
C GLU A 102 -4.58 -11.81 39.97
N ILE A 103 -4.16 -11.60 41.21
CA ILE A 103 -4.65 -10.45 41.99
C ILE A 103 -4.09 -9.14 41.47
N ILE A 104 -2.76 -9.09 41.32
CA ILE A 104 -2.07 -7.91 40.82
C ILE A 104 -2.66 -7.46 39.48
N SER A 105 -2.80 -8.42 38.56
CA SER A 105 -3.32 -8.11 37.24
C SER A 105 -4.75 -7.58 37.31
N ALA A 106 -5.57 -8.18 38.18
CA ALA A 106 -6.95 -7.74 38.32
C ALA A 106 -7.00 -6.31 38.88
N MSE A 107 -6.16 -6.04 39.86
CA MSE A 107 -6.13 -4.72 40.46
C MSE A 107 -5.66 -3.67 39.47
O MSE A 107 -6.19 -2.56 39.43
CB MSE A 107 -5.23 -4.72 41.70
CG MSE A 107 -5.85 -5.46 42.88
SE MSE A 107 -4.72 -5.59 44.45
CE MSE A 107 -4.79 -3.75 45.04
N LEU A 108 -4.67 -4.02 38.65
CA LEU A 108 -4.16 -3.08 37.65
C LEU A 108 -5.11 -2.94 36.45
N GLU A 109 -5.84 -4.01 36.14
CA GLU A 109 -6.77 -4.02 35.01
C GLU A 109 -8.10 -3.31 35.24
N LEU A 110 -8.71 -3.55 36.40
CA LEU A 110 -10.01 -2.96 36.74
C LEU A 110 -9.93 -1.45 36.95
N ASP A 111 -10.65 -0.70 36.13
CA ASP A 111 -10.60 0.76 36.20
C ASP A 111 -11.04 1.45 37.49
N LYS A 112 -11.90 0.82 38.29
CA LYS A 112 -12.35 1.44 39.54
C LYS A 112 -11.48 1.06 40.73
N VAL A 113 -10.59 0.11 40.52
CA VAL A 113 -9.70 -0.30 41.60
C VAL A 113 -8.52 0.66 41.59
N VAL A 114 -8.33 1.37 42.71
CA VAL A 114 -7.22 2.30 42.78
C VAL A 114 -5.93 1.50 42.88
N LYS A 115 -4.91 1.94 42.15
CA LYS A 115 -3.63 1.24 42.13
C LYS A 115 -2.82 1.50 43.38
N TYR A 116 -3.44 1.12 44.49
CA TYR A 116 -2.91 1.28 45.83
C TYR A 116 -2.65 -0.11 46.38
N PHE A 117 -1.38 -0.39 46.66
CA PHE A 117 -0.99 -1.70 47.16
C PHE A 117 -0.48 -1.66 48.57
N ASP A 118 -1.32 -2.11 49.50
CA ASP A 118 -1.00 -2.15 50.91
C ASP A 118 -0.45 -3.54 51.21
N VAL A 119 0.87 -3.65 51.16
CA VAL A 119 1.52 -4.94 51.37
C VAL A 119 2.76 -4.83 52.26
N PRO A 120 2.57 -5.00 53.59
CA PRO A 120 3.67 -4.94 54.55
C PRO A 120 4.61 -6.13 54.39
N VAL A 121 5.87 -5.85 54.07
CA VAL A 121 6.86 -6.88 53.86
C VAL A 121 7.66 -7.23 55.12
N GLN A 122 7.54 -6.39 56.14
CA GLN A 122 8.20 -6.62 57.42
C GLN A 122 9.72 -6.42 57.44
N HIS A 123 10.40 -6.88 56.40
CA HIS A 123 11.85 -6.71 56.36
C HIS A 123 12.38 -6.94 54.94
N GLY A 124 13.68 -6.71 54.77
CA GLY A 124 14.30 -6.88 53.47
C GLY A 124 15.41 -7.93 53.46
N SER A 125 15.85 -8.32 54.65
CA SER A 125 16.89 -9.32 54.78
C SER A 125 16.28 -10.71 54.68
N ASP A 126 16.85 -11.58 53.85
CA ASP A 126 16.32 -12.93 53.71
C ASP A 126 16.42 -13.72 55.00
N LYS A 127 17.45 -13.45 55.79
CA LYS A 127 17.66 -14.13 57.05
C LYS A 127 16.53 -13.81 58.02
N ILE A 128 16.23 -12.52 58.17
CA ILE A 128 15.18 -12.07 59.07
C ILE A 128 13.81 -12.49 58.54
N LEU A 129 13.62 -12.38 57.22
CA LEU A 129 12.36 -12.77 56.61
C LEU A 129 12.03 -14.23 56.93
N LYS A 130 13.03 -15.09 56.82
CA LYS A 130 12.84 -16.51 57.12
C LYS A 130 12.56 -16.71 58.61
N LEU A 131 13.22 -15.92 59.43
CA LEU A 131 13.04 -16.00 60.87
C LEU A 131 11.65 -15.51 61.29
N MSE A 132 11.02 -14.71 60.43
CA MSE A 132 9.69 -14.19 60.73
C MSE A 132 8.61 -15.10 60.17
O MSE A 132 7.42 -14.93 60.43
CB MSE A 132 9.52 -12.77 60.15
CG MSE A 132 10.55 -11.76 60.67
SE MSE A 132 10.32 -9.96 60.01
CE MSE A 132 10.56 -8.97 61.65
N GLY A 133 9.03 -16.09 59.38
CA GLY A 133 8.08 -17.03 58.80
C GLY A 133 7.68 -16.70 57.37
N ARG A 134 8.17 -15.58 56.86
CA ARG A 134 7.85 -15.16 55.51
C ARG A 134 8.45 -16.14 54.49
N THR A 135 7.68 -16.44 53.46
CA THR A 135 8.10 -17.38 52.42
C THR A 135 8.95 -16.74 51.33
N LYS A 136 8.34 -15.84 50.56
CA LYS A 136 9.04 -15.16 49.48
C LYS A 136 10.31 -14.48 49.97
N SER A 137 11.33 -14.46 49.13
CA SER A 137 12.61 -13.84 49.47
C SER A 137 12.62 -12.37 49.04
N SER A 138 13.59 -11.63 49.51
CA SER A 138 13.71 -10.22 49.16
C SER A 138 13.75 -10.03 47.64
N GLU A 139 14.47 -10.90 46.95
CA GLU A 139 14.58 -10.82 45.50
C GLU A 139 13.20 -10.99 44.86
N GLU A 140 12.43 -11.95 45.37
CA GLU A 140 11.10 -12.19 44.85
C GLU A 140 10.20 -10.99 45.12
N LEU A 141 10.22 -10.51 46.36
CA LEU A 141 9.41 -9.35 46.74
C LEU A 141 9.72 -8.17 45.82
N LYS A 142 11.00 -7.95 45.56
CA LYS A 142 11.45 -6.86 44.70
C LYS A 142 11.01 -7.06 43.25
N LYS A 143 11.07 -8.30 42.77
CA LYS A 143 10.66 -8.56 41.40
C LYS A 143 9.17 -8.28 41.28
N MSE A 144 8.41 -8.76 42.26
CA MSE A 144 6.97 -8.56 42.27
C MSE A 144 6.64 -7.06 42.26
O MSE A 144 5.93 -6.58 41.38
CB MSE A 144 6.35 -9.21 43.51
CG MSE A 144 4.89 -8.91 43.72
SE MSE A 144 4.22 -9.77 45.31
CE MSE A 144 4.96 -8.57 46.65
N LEU A 145 7.17 -6.34 43.25
CA LEU A 145 6.92 -4.90 43.37
C LEU A 145 7.36 -4.12 42.13
N SER A 146 8.53 -4.44 41.59
CA SER A 146 9.03 -3.73 40.41
C SER A 146 8.11 -4.03 39.23
N SER A 147 7.63 -5.26 39.17
CA SER A 147 6.73 -5.68 38.09
C SER A 147 5.50 -4.77 38.07
N ILE A 148 4.97 -4.49 39.26
CA ILE A 148 3.80 -3.62 39.37
C ILE A 148 4.12 -2.23 38.83
N ARG A 149 5.21 -1.67 39.33
CA ARG A 149 5.64 -0.35 38.91
C ARG A 149 5.91 -0.27 37.41
N GLU A 150 6.40 -1.36 36.83
CA GLU A 150 6.67 -1.39 35.39
C GLU A 150 5.37 -1.22 34.59
N ARG A 151 4.31 -1.88 35.03
CA ARG A 151 3.03 -1.77 34.33
C ARG A 151 2.27 -0.50 34.65
N PHE A 152 2.51 0.06 35.84
CA PHE A 152 1.84 1.28 36.24
C PHE A 152 2.78 2.10 37.13
N PRO A 153 3.61 2.96 36.50
CA PRO A 153 4.58 3.82 37.19
C PRO A 153 4.05 4.59 38.41
N ASP A 154 2.80 5.02 38.37
CA ASP A 154 2.24 5.77 39.50
C ASP A 154 1.71 4.90 40.64
N ALA A 155 1.83 3.58 40.51
CA ALA A 155 1.35 2.67 41.53
C ALA A 155 1.85 3.05 42.91
N VAL A 156 0.93 3.17 43.87
CA VAL A 156 1.33 3.49 45.23
C VAL A 156 1.65 2.18 45.93
N LEU A 157 2.84 2.12 46.51
CA LEU A 157 3.33 0.96 47.24
C LEU A 157 3.43 1.37 48.70
N ARG A 158 2.67 0.69 49.55
CA ARG A 158 2.62 0.98 50.99
C ARG A 158 3.04 -0.25 51.78
N THR A 159 3.96 -0.06 52.72
CA THR A 159 4.40 -1.21 53.48
C THR A 159 4.74 -0.85 54.92
N SER A 160 5.11 -1.87 55.67
CA SER A 160 5.46 -1.69 57.07
C SER A 160 6.73 -2.51 57.36
N ILE A 161 7.67 -1.91 58.09
CA ILE A 161 8.92 -2.57 58.42
C ILE A 161 9.12 -2.68 59.92
N ILE A 162 9.71 -3.80 60.36
CA ILE A 162 9.97 -4.04 61.76
C ILE A 162 11.46 -4.15 62.05
N VAL A 163 12.03 -3.14 62.69
CA VAL A 163 13.44 -3.15 63.03
C VAL A 163 13.64 -3.53 64.48
N GLY A 164 14.70 -4.28 64.76
CA GLY A 164 14.97 -4.70 66.12
C GLY A 164 14.55 -6.13 66.39
N PHE A 165 14.37 -6.89 65.32
CA PHE A 165 13.97 -8.28 65.45
C PHE A 165 15.16 -9.09 65.96
N PRO A 166 14.93 -9.98 66.94
CA PRO A 166 15.99 -10.81 67.52
C PRO A 166 16.86 -11.48 66.46
N GLY A 167 18.12 -11.08 66.39
CA GLY A 167 19.04 -11.66 65.43
C GLY A 167 19.36 -10.72 64.29
N GLU A 168 18.85 -9.49 64.36
CA GLU A 168 19.11 -8.50 63.32
C GLU A 168 20.49 -7.90 63.50
N THR A 169 21.37 -8.14 62.53
CA THR A 169 22.73 -7.63 62.60
C THR A 169 22.92 -6.45 61.64
N GLU A 170 24.02 -5.73 61.81
CA GLU A 170 24.34 -4.58 60.97
C GLU A 170 24.18 -4.98 59.50
N GLU A 171 24.53 -6.22 59.19
CA GLU A 171 24.44 -6.73 57.82
C GLU A 171 22.99 -6.85 57.37
N ASP A 172 22.11 -7.28 58.28
CA ASP A 172 20.70 -7.43 57.97
C ASP A 172 20.09 -6.05 57.73
N PHE A 173 20.38 -5.11 58.63
CA PHE A 173 19.84 -3.77 58.51
C PHE A 173 20.37 -3.11 57.25
N GLU A 174 21.58 -3.47 56.87
CA GLU A 174 22.20 -2.91 55.68
C GLU A 174 21.45 -3.40 54.44
N GLU A 175 21.09 -4.68 54.42
CA GLU A 175 20.36 -5.27 53.30
C GLU A 175 18.99 -4.61 53.22
N LEU A 176 18.42 -4.32 54.39
CA LEU A 176 17.11 -3.70 54.45
C LEU A 176 17.13 -2.30 53.84
N LYS A 177 18.20 -1.56 54.11
CA LYS A 177 18.32 -0.21 53.58
C LYS A 177 18.40 -0.18 52.06
N GLN A 178 19.16 -1.08 51.46
CA GLN A 178 19.26 -1.08 50.00
C GLN A 178 17.94 -1.62 49.44
N PHE A 179 17.28 -2.44 50.25
CA PHE A 179 16.00 -3.04 49.90
C PHE A 179 14.97 -1.93 49.73
N VAL A 180 14.88 -1.06 50.74
CA VAL A 180 13.92 0.04 50.67
C VAL A 180 14.32 1.06 49.61
N GLU A 181 15.63 1.16 49.36
CA GLU A 181 16.13 2.10 48.39
C GLU A 181 15.84 1.64 46.97
N GLU A 182 15.88 0.34 46.74
CA GLU A 182 15.60 -0.18 45.41
C GLU A 182 14.12 -0.16 45.05
N ILE A 183 13.27 -0.48 46.02
CA ILE A 183 11.83 -0.51 45.76
C ILE A 183 11.19 0.87 45.64
N GLN A 184 11.60 1.82 46.48
CA GLN A 184 11.05 3.17 46.45
C GLN A 184 9.55 3.15 46.79
N PHE A 185 9.24 2.70 48.01
CA PHE A 185 7.85 2.65 48.49
C PHE A 185 7.38 4.10 48.62
N ASP A 186 6.10 4.34 48.34
CA ASP A 186 5.54 5.68 48.48
C ASP A 186 5.29 5.94 49.95
N LYS A 187 4.90 4.90 50.67
CA LYS A 187 4.59 4.99 52.09
C LYS A 187 5.19 3.80 52.82
N LEU A 188 5.77 4.04 53.98
CA LEU A 188 6.38 2.97 54.74
C LEU A 188 6.52 3.31 56.21
N GLY A 189 6.01 2.43 57.06
CA GLY A 189 6.11 2.65 58.50
C GLY A 189 7.19 1.77 59.08
N ALA A 190 7.88 2.27 60.11
CA ALA A 190 8.95 1.52 60.76
C ALA A 190 8.66 1.38 62.24
N PHE A 191 8.53 0.13 62.70
CA PHE A 191 8.23 -0.15 64.10
C PHE A 191 9.34 -1.01 64.72
N VAL A 192 9.48 -0.91 66.05
CA VAL A 192 10.49 -1.67 66.79
C VAL A 192 9.88 -2.95 67.35
N TYR A 193 10.62 -4.05 67.24
CA TYR A 193 10.15 -5.34 67.76
C TYR A 193 9.80 -5.25 69.23
N SER A 194 8.91 -6.14 69.67
CA SER A 194 8.48 -6.16 71.06
C SER A 194 7.81 -7.49 71.41
N ASP A 195 7.82 -7.85 72.69
CA ASP A 195 7.22 -9.09 73.16
C ASP A 195 6.28 -8.85 74.33
N LYS A 207 17.49 -10.68 71.07
CA LYS A 207 18.94 -10.82 71.00
C LYS A 207 19.60 -9.50 70.60
N VAL A 208 18.78 -8.52 70.22
CA VAL A 208 19.27 -7.20 69.82
C VAL A 208 18.85 -6.14 70.83
N ASP A 209 19.75 -5.21 71.11
CA ASP A 209 19.46 -4.14 72.07
C ASP A 209 18.62 -3.01 71.47
N PRO A 210 17.85 -2.32 72.31
CA PRO A 210 16.99 -1.21 71.91
C PRO A 210 17.75 0.05 71.54
N GLU A 211 18.97 0.18 72.07
CA GLU A 211 19.81 1.34 71.81
C GLU A 211 20.04 1.55 70.31
N MSE A 212 20.61 0.54 69.65
CA MSE A 212 20.88 0.64 68.21
C MSE A 212 19.58 0.53 67.44
O MSE A 212 19.46 1.01 66.32
CB MSE A 212 21.84 -0.47 67.77
CG MSE A 212 23.22 0.01 67.31
SE MSE A 212 23.23 1.11 65.69
CE MSE A 212 23.40 -0.28 64.36
N ALA A 213 18.59 -0.13 68.05
CA ALA A 213 17.28 -0.32 67.43
C ALA A 213 16.61 1.03 67.14
N LYS A 214 16.84 2.00 68.03
CA LYS A 214 16.27 3.33 67.87
C LYS A 214 16.95 4.04 66.71
N ARG A 215 18.27 3.96 66.67
CA ARG A 215 19.04 4.59 65.59
C ARG A 215 18.61 4.00 64.24
N ARG A 216 18.38 2.70 64.22
CA ARG A 216 17.96 2.03 62.99
C ARG A 216 16.56 2.46 62.59
N GLN A 217 15.69 2.65 63.57
CA GLN A 217 14.33 3.07 63.29
C GLN A 217 14.33 4.47 62.70
N GLU A 218 15.05 5.39 63.33
CA GLU A 218 15.11 6.76 62.83
C GLU A 218 15.88 6.88 61.52
N GLU A 219 16.81 5.96 61.30
CA GLU A 219 17.59 5.98 60.07
C GLU A 219 16.69 5.54 58.93
N LEU A 220 15.95 4.45 59.15
CA LEU A 220 15.04 3.93 58.15
C LEU A 220 14.02 5.01 57.80
N LEU A 221 13.49 5.67 58.82
CA LEU A 221 12.51 6.72 58.60
C LEU A 221 13.16 7.93 57.95
N LEU A 222 14.40 8.20 58.34
CA LEU A 222 15.15 9.31 57.78
C LEU A 222 15.40 9.10 56.29
N LEU A 223 15.69 7.85 55.92
CA LEU A 223 15.95 7.53 54.52
C LEU A 223 14.63 7.52 53.73
N GLN A 224 13.59 6.96 54.33
CA GLN A 224 12.28 6.90 53.68
C GLN A 224 11.68 8.28 53.46
N ALA A 225 11.89 9.21 54.38
CA ALA A 225 11.35 10.55 54.20
C ALA A 225 11.79 11.09 52.84
N GLU A 226 13.05 10.86 52.49
CA GLU A 226 13.61 11.30 51.22
C GLU A 226 12.83 10.67 50.08
N ILE A 227 12.70 9.35 50.15
CA ILE A 227 11.99 8.57 49.16
C ILE A 227 10.52 8.97 49.06
N SER A 228 9.82 9.05 50.19
CA SER A 228 8.40 9.43 50.17
C SER A 228 8.20 10.81 49.55
N ASN A 229 9.12 11.73 49.82
CA ASN A 229 9.02 13.08 49.28
C ASN A 229 9.24 13.04 47.78
N SER A 230 10.22 12.25 47.36
CA SER A 230 10.52 12.11 45.93
C SER A 230 9.30 11.57 45.20
N ARG A 231 8.66 10.55 45.77
CA ARG A 231 7.47 9.97 45.14
C ARG A 231 6.40 11.04 45.02
N LEU A 232 6.17 11.80 46.09
CA LEU A 232 5.16 12.84 46.07
C LEU A 232 5.46 13.96 45.07
N ASP A 233 6.74 14.20 44.77
CA ASP A 233 7.10 15.25 43.83
C ASP A 233 6.59 15.01 42.41
N ARG A 234 6.59 13.75 41.98
CA ARG A 234 6.13 13.43 40.62
C ARG A 234 4.63 13.58 40.49
N PHE A 235 3.98 14.02 41.56
CA PHE A 235 2.54 14.24 41.55
C PHE A 235 2.25 15.74 41.47
N VAL A 236 3.24 16.54 41.87
CA VAL A 236 3.08 17.99 41.83
C VAL A 236 2.78 18.48 40.42
N GLY A 237 1.83 19.39 40.30
CA GLY A 237 1.47 19.92 39.00
C GLY A 237 0.76 18.90 38.13
N LYS A 238 0.30 17.82 38.73
CA LYS A 238 -0.39 16.75 38.01
C LYS A 238 -1.87 16.69 38.41
N LYS A 239 -2.71 16.23 37.48
CA LYS A 239 -4.14 16.12 37.73
C LYS A 239 -4.50 14.81 38.40
N LEU A 240 -5.18 14.90 39.55
CA LEU A 240 -5.59 13.73 40.31
C LEU A 240 -7.04 13.86 40.74
N LYS A 241 -7.72 12.72 40.88
CA LYS A 241 -9.11 12.71 41.31
C LYS A 241 -9.08 12.98 42.81
N PHE A 242 -10.02 13.79 43.28
CA PHE A 242 -10.12 14.18 44.68
C PHE A 242 -11.52 13.95 45.24
N LEU A 243 -11.60 13.19 46.33
CA LEU A 243 -12.87 12.92 47.00
C LEU A 243 -13.04 13.89 48.16
N VAL A 244 -14.07 14.72 48.11
CA VAL A 244 -14.33 15.70 49.16
C VAL A 244 -14.89 15.02 50.40
N GLU A 245 -14.31 15.29 51.56
CA GLU A 245 -14.79 14.69 52.79
C GLU A 245 -15.23 15.73 53.81
N GLY A 246 -14.80 16.97 53.61
CA GLY A 246 -15.16 18.04 54.52
C GLY A 246 -14.85 19.41 53.97
N LYS A 247 -15.31 20.43 54.67
CA LYS A 247 -15.09 21.81 54.26
C LYS A 247 -14.68 22.66 55.46
N GLU A 248 -13.54 23.31 55.37
CA GLU A 248 -13.05 24.14 56.46
C GLU A 248 -12.71 25.53 55.97
N GLY A 249 -13.67 26.44 56.07
CA GLY A 249 -13.44 27.79 55.61
C GLY A 249 -13.40 27.82 54.10
N LYS A 250 -12.31 28.33 53.53
CA LYS A 250 -12.17 28.43 52.09
C LYS A 250 -11.49 27.19 51.52
N PHE A 251 -11.15 26.25 52.40
CA PHE A 251 -10.48 25.02 51.99
C PHE A 251 -11.40 23.80 51.97
N LEU A 252 -11.10 22.88 51.05
CA LEU A 252 -11.85 21.65 50.93
C LEU A 252 -10.89 20.59 51.46
N VAL A 253 -11.38 19.69 52.30
CA VAL A 253 -10.52 18.65 52.84
C VAL A 253 -10.96 17.31 52.28
N GLY A 254 -9.99 16.49 51.90
CA GLY A 254 -10.31 15.19 51.32
C GLY A 254 -9.08 14.38 50.99
N ARG A 255 -9.22 13.44 50.08
CA ARG A 255 -8.09 12.61 49.69
C ARG A 255 -8.04 12.31 48.20
N THR A 256 -6.82 12.17 47.68
CA THR A 256 -6.61 11.80 46.29
C THR A 256 -6.64 10.27 46.41
N TRP A 257 -6.69 9.56 45.29
CA TRP A 257 -6.75 8.10 45.34
C TRP A 257 -5.60 7.43 46.08
N THR A 258 -4.46 8.12 46.12
CA THR A 258 -3.25 7.61 46.75
C THR A 258 -3.32 7.53 48.28
N GLU A 259 -4.37 8.09 48.87
CA GLU A 259 -4.48 8.10 50.33
C GLU A 259 -5.68 7.36 50.90
N ALA A 260 -5.41 6.43 51.81
CA ALA A 260 -6.46 5.68 52.49
C ALA A 260 -6.93 6.59 53.62
N PRO A 261 -8.16 6.38 54.11
CA PRO A 261 -8.65 7.22 55.20
C PRO A 261 -7.93 6.96 56.52
N GLU A 262 -7.79 8.02 57.32
CA GLU A 262 -7.16 7.96 58.64
C GLU A 262 -5.71 7.52 58.78
N VAL A 263 -5.29 6.52 58.00
CA VAL A 263 -3.94 6.00 58.10
C VAL A 263 -2.88 6.64 57.21
N ASP A 264 -3.30 7.47 56.27
CA ASP A 264 -2.35 8.10 55.39
C ASP A 264 -2.39 9.61 55.54
N GLY A 265 -2.24 10.34 54.44
CA GLY A 265 -2.25 11.78 54.51
C GLY A 265 -3.58 12.38 54.09
N VAL A 266 -3.65 13.71 54.15
CA VAL A 266 -4.86 14.43 53.77
C VAL A 266 -4.48 15.45 52.71
N VAL A 267 -5.46 15.84 51.88
CA VAL A 267 -5.24 16.81 50.82
C VAL A 267 -6.12 18.03 51.03
N PHE A 268 -5.52 19.22 51.02
CA PHE A 268 -6.24 20.48 51.18
C PHE A 268 -6.35 21.19 49.84
N VAL A 269 -7.57 21.44 49.40
CA VAL A 269 -7.78 22.09 48.11
C VAL A 269 -8.74 23.25 48.25
N ARG A 270 -8.36 24.41 47.71
CA ARG A 270 -9.22 25.58 47.79
C ARG A 270 -10.15 25.61 46.58
N GLY A 271 -11.44 25.66 46.85
CA GLY A 271 -12.43 25.70 45.78
C GLY A 271 -13.80 25.34 46.31
N LYS A 272 -14.78 25.28 45.42
CA LYS A 272 -16.15 24.95 45.79
C LYS A 272 -16.42 23.46 45.56
N GLY A 273 -17.27 22.89 46.40
CA GLY A 273 -17.61 21.48 46.27
C GLY A 273 -18.39 20.98 47.47
N LYS A 274 -19.02 19.83 47.33
CA LYS A 274 -19.81 19.25 48.41
C LYS A 274 -19.20 17.90 48.79
N ILE A 275 -19.38 17.53 50.06
CA ILE A 275 -18.88 16.27 50.57
C ILE A 275 -19.41 15.12 49.72
N GLY A 276 -18.55 14.14 49.45
CA GLY A 276 -18.96 13.00 48.64
C GLY A 276 -18.72 13.20 47.15
N ASP A 277 -18.34 14.41 46.75
CA ASP A 277 -18.10 14.68 45.35
C ASP A 277 -16.68 14.42 44.87
N PHE A 278 -16.55 13.98 43.63
CA PHE A 278 -15.24 13.74 43.03
C PHE A 278 -14.88 15.00 42.26
N LEU A 279 -13.68 15.50 42.48
CA LEU A 279 -13.23 16.72 41.79
C LEU A 279 -11.87 16.47 41.18
N GLU A 280 -11.51 17.34 40.26
CA GLU A 280 -10.23 17.26 39.58
C GLU A 280 -9.36 18.30 40.29
N VAL A 281 -8.21 17.88 40.81
CA VAL A 281 -7.33 18.82 41.50
C VAL A 281 -5.90 18.71 41.01
N VAL A 282 -5.14 19.79 41.21
CA VAL A 282 -3.74 19.83 40.81
C VAL A 282 -2.92 20.13 42.06
N ILE A 283 -2.08 19.19 42.46
CA ILE A 283 -1.23 19.37 43.64
C ILE A 283 -0.16 20.40 43.34
N LYS A 284 -0.01 21.37 44.25
CA LYS A 284 0.97 22.44 44.09
C LYS A 284 2.16 22.22 45.02
N GLU A 285 1.89 21.67 46.21
CA GLU A 285 2.93 21.41 47.19
C GLU A 285 2.51 20.35 48.20
N HIS A 286 3.50 19.79 48.89
CA HIS A 286 3.25 18.79 49.92
C HIS A 286 4.22 18.98 51.08
N ASP A 287 3.85 18.50 52.25
CA ASP A 287 4.69 18.63 53.44
C ASP A 287 4.25 17.63 54.49
N GLU A 288 5.22 16.92 55.07
CA GLU A 288 4.91 15.94 56.10
C GLU A 288 3.91 14.91 55.57
N TYR A 289 4.02 14.64 54.27
CA TYR A 289 3.16 13.68 53.58
C TYR A 289 1.75 14.17 53.30
N ASP A 290 1.47 15.43 53.61
CA ASP A 290 0.16 16.00 53.33
C ASP A 290 0.29 16.86 52.08
N MSE A 291 -0.82 17.09 51.38
CA MSE A 291 -0.79 17.87 50.15
C MSE A 291 -1.69 19.09 50.10
O MSE A 291 -2.73 19.14 50.78
CB MSE A 291 -1.10 16.97 48.96
CG MSE A 291 -0.12 15.81 48.77
SE MSE A 291 -0.58 14.68 47.25
CE MSE A 291 -1.48 13.26 48.22
N TRP A 292 -1.31 20.07 49.29
CA TRP A 292 -2.07 21.30 49.11
C TRP A 292 -2.21 21.58 47.63
N GLY A 293 -3.44 21.86 47.19
CA GLY A 293 -3.65 22.13 45.78
C GLY A 293 -4.86 23.01 45.55
N SER A 294 -5.40 22.94 44.34
CA SER A 294 -6.56 23.74 43.97
C SER A 294 -7.42 22.98 42.97
N VAL A 295 -8.72 23.28 42.98
CA VAL A 295 -9.66 22.64 42.07
C VAL A 295 -9.49 23.14 40.65
N ILE A 296 -9.41 22.20 39.71
CA ILE A 296 -9.24 22.54 38.30
C ILE A 296 -10.20 21.69 37.47
N GLU B 2 -19.87 39.75 12.73
CA GLU B 2 -18.38 39.84 12.77
C GLU B 2 -17.73 38.46 12.82
N ARG B 3 -18.51 37.45 13.19
CA ARG B 3 -17.99 36.08 13.27
C ARG B 3 -17.89 35.47 11.88
N PRO B 4 -16.89 34.60 11.65
CA PRO B 4 -16.68 33.94 10.36
C PRO B 4 -17.61 32.77 10.01
N TYR B 5 -18.54 32.42 10.89
CA TYR B 5 -19.44 31.32 10.60
C TYR B 5 -20.89 31.80 10.60
N ALA B 6 -21.76 31.00 9.97
CA ALA B 6 -23.17 31.32 9.91
C ALA B 6 -23.99 30.05 9.90
N TYR B 7 -25.12 30.07 10.59
CA TYR B 7 -26.00 28.91 10.62
C TYR B 7 -27.01 29.09 9.50
N VAL B 8 -27.21 28.03 8.73
CA VAL B 8 -28.16 28.05 7.63
C VAL B 8 -29.22 26.98 7.93
N LYS B 9 -30.46 27.43 8.13
CA LYS B 9 -31.58 26.52 8.43
C LYS B 9 -32.16 26.02 7.12
N ILE B 10 -31.95 24.75 6.82
CA ILE B 10 -32.43 24.19 5.57
C ILE B 10 -33.85 23.65 5.60
N SER B 11 -34.42 23.58 6.79
CA SER B 11 -35.76 23.06 7.01
C SER B 11 -36.24 23.46 8.39
N ASP B 12 -37.55 23.35 8.62
CA ASP B 12 -38.13 23.67 9.90
C ASP B 12 -39.35 22.79 10.15
N GLY B 13 -39.74 22.66 11.41
CA GLY B 13 -40.88 21.83 11.76
C GLY B 13 -40.64 20.37 11.44
N GLY B 28 -44.13 21.94 13.04
CA GLY B 28 -45.08 20.90 12.71
C GLY B 28 -44.66 20.09 11.50
N SER B 29 -45.38 20.24 10.39
CA SER B 29 -45.09 19.53 9.16
C SER B 29 -43.69 19.88 8.66
N LEU B 30 -42.99 18.89 8.11
CA LEU B 30 -41.64 19.10 7.60
C LEU B 30 -41.66 20.10 6.44
N ARG B 31 -41.01 21.24 6.63
CA ARG B 31 -40.96 22.28 5.61
C ARG B 31 -39.52 22.58 5.22
N SER B 32 -39.09 22.09 4.07
CA SER B 32 -37.72 22.32 3.64
C SER B 32 -37.64 23.39 2.56
N ARG B 33 -36.52 24.12 2.54
CA ARG B 33 -36.32 25.15 1.53
C ARG B 33 -35.69 24.50 0.30
N SER B 34 -35.86 25.10 -0.88
CA SER B 34 -35.31 24.55 -2.10
C SER B 34 -33.79 24.65 -2.13
N ILE B 35 -33.15 23.79 -2.90
CA ILE B 35 -31.70 23.80 -3.01
C ILE B 35 -31.26 25.14 -3.58
N GLU B 36 -32.04 25.67 -4.52
CA GLU B 36 -31.70 26.95 -5.14
C GLU B 36 -31.75 28.11 -4.14
N ASP B 37 -32.75 28.12 -3.26
CA ASP B 37 -32.86 29.19 -2.26
C ASP B 37 -31.75 29.08 -1.22
N ILE B 38 -31.45 27.87 -0.76
CA ILE B 38 -30.39 27.73 0.23
C ILE B 38 -29.07 28.18 -0.38
N THR B 39 -28.83 27.77 -1.62
CA THR B 39 -27.61 28.13 -2.33
C THR B 39 -27.42 29.64 -2.49
N ARG B 40 -28.50 30.36 -2.80
CA ARG B 40 -28.40 31.81 -2.95
C ARG B 40 -28.05 32.43 -1.60
N GLU B 41 -28.64 31.90 -0.53
CA GLU B 41 -28.33 32.45 0.78
C GLU B 41 -26.83 32.25 1.07
N VAL B 42 -26.35 31.03 0.87
CA VAL B 42 -24.95 30.73 1.11
C VAL B 42 -24.02 31.60 0.28
N GLU B 43 -24.29 31.70 -1.02
CA GLU B 43 -23.46 32.53 -1.89
C GLU B 43 -23.37 33.95 -1.32
N ASP B 44 -24.47 34.48 -0.81
CA ASP B 44 -24.46 35.82 -0.22
C ASP B 44 -23.57 35.82 1.02
N LEU B 45 -23.72 34.80 1.86
CA LEU B 45 -22.92 34.70 3.08
C LEU B 45 -21.43 34.70 2.71
N LEU B 46 -21.06 33.95 1.68
CA LEU B 46 -19.66 33.88 1.26
C LEU B 46 -19.17 35.24 0.75
N LYS B 47 -20.05 36.02 0.13
CA LYS B 47 -19.66 37.33 -0.36
C LYS B 47 -19.39 38.32 0.76
N GLU B 48 -20.06 38.14 1.89
CA GLU B 48 -19.86 39.04 3.01
C GLU B 48 -18.70 38.62 3.92
N GLY B 49 -17.96 37.59 3.52
CA GLY B 49 -16.83 37.16 4.33
C GLY B 49 -16.95 35.88 5.15
N LYS B 50 -18.14 35.30 5.23
CA LYS B 50 -18.30 34.06 6.00
C LYS B 50 -17.43 32.95 5.44
N LYS B 51 -16.80 32.17 6.32
CA LYS B 51 -15.93 31.09 5.90
C LYS B 51 -16.45 29.71 6.31
N GLU B 52 -17.44 29.67 7.19
CA GLU B 52 -17.98 28.39 7.63
C GLU B 52 -19.51 28.42 7.57
N ILE B 53 -20.06 27.48 6.80
CA ILE B 53 -21.50 27.36 6.62
C ILE B 53 -21.99 26.14 7.38
N ILE B 54 -22.81 26.39 8.41
CA ILE B 54 -23.32 25.31 9.24
C ILE B 54 -24.79 25.04 8.96
N LEU B 55 -25.04 23.86 8.38
CA LEU B 55 -26.37 23.41 8.03
C LEU B 55 -27.09 22.82 9.23
N VAL B 56 -28.25 23.41 9.56
CA VAL B 56 -29.05 22.98 10.70
C VAL B 56 -30.52 22.79 10.36
N ALA B 57 -31.15 21.96 11.17
CA ALA B 57 -32.56 21.63 11.07
C ALA B 57 -32.78 20.73 12.28
N GLN B 58 -34.02 20.34 12.51
CA GLN B 58 -34.33 19.45 13.62
C GLN B 58 -33.63 18.15 13.28
N ASP B 59 -33.64 17.82 12.00
CA ASP B 59 -33.02 16.61 11.48
C ASP B 59 -32.56 16.93 10.06
N THR B 60 -31.25 17.15 9.87
CA THR B 60 -30.74 17.49 8.54
C THR B 60 -30.81 16.34 7.53
N THR B 61 -30.73 15.11 8.01
CA THR B 61 -30.79 13.96 7.13
C THR B 61 -32.16 13.82 6.45
N SER B 62 -33.20 14.39 7.03
CA SER B 62 -34.52 14.29 6.41
C SER B 62 -34.78 15.42 5.39
N TYR B 63 -33.78 16.28 5.18
CA TYR B 63 -33.91 17.39 4.22
C TYR B 63 -34.46 17.03 2.83
N GLY B 64 -35.47 17.75 2.39
CA GLY B 64 -36.03 17.52 1.06
C GLY B 64 -37.10 16.47 0.86
N ILE B 65 -37.25 15.57 1.81
CA ILE B 65 -38.26 14.51 1.68
C ILE B 65 -39.63 15.08 1.29
N ASP B 66 -39.99 16.20 1.87
CA ASP B 66 -41.27 16.85 1.61
C ASP B 66 -41.32 17.61 0.30
N LEU B 67 -40.17 18.12 -0.15
CA LEU B 67 -40.09 18.91 -1.37
C LEU B 67 -39.68 18.13 -2.63
N TYR B 68 -38.72 17.23 -2.46
CA TYR B 68 -38.24 16.45 -3.60
C TYR B 68 -38.67 15.00 -3.54
N ARG B 69 -39.43 14.66 -2.51
CA ARG B 69 -39.90 13.30 -2.31
C ARG B 69 -38.74 12.33 -2.09
N LYS B 70 -37.67 12.84 -1.50
CA LYS B 70 -36.50 12.03 -1.19
C LYS B 70 -35.44 12.81 -0.41
N GLN B 71 -34.45 12.09 0.08
CA GLN B 71 -33.39 12.71 0.86
C GLN B 71 -32.38 13.39 -0.05
N ALA B 72 -32.60 14.68 -0.27
CA ALA B 72 -31.76 15.47 -1.15
C ALA B 72 -30.57 16.12 -0.48
N LEU B 73 -30.27 15.74 0.76
CA LEU B 73 -29.12 16.33 1.45
C LEU B 73 -27.89 16.22 0.55
N PRO B 74 -27.64 15.03 -0.03
CA PRO B 74 -26.48 14.86 -0.90
C PRO B 74 -26.43 15.92 -2.01
N ASP B 75 -27.58 16.14 -2.65
CA ASP B 75 -27.71 17.11 -3.74
C ASP B 75 -27.40 18.52 -3.27
N LEU B 76 -27.91 18.85 -2.10
CA LEU B 76 -27.68 20.17 -1.53
C LEU B 76 -26.19 20.36 -1.27
N LEU B 77 -25.55 19.36 -0.68
CA LEU B 77 -24.12 19.44 -0.37
C LEU B 77 -23.27 19.64 -1.62
N ARG B 78 -23.58 18.89 -2.67
CA ARG B 78 -22.83 19.01 -3.93
C ARG B 78 -22.98 20.41 -4.52
N ARG B 79 -24.19 20.94 -4.43
CA ARG B 79 -24.47 22.28 -4.95
C ARG B 79 -23.66 23.32 -4.19
N LEU B 80 -23.71 23.25 -2.86
CA LEU B 80 -22.98 24.18 -2.01
C LEU B 80 -21.47 24.03 -2.19
N ASN B 81 -20.99 22.79 -2.25
CA ASN B 81 -19.56 22.51 -2.41
C ASN B 81 -19.02 23.08 -3.72
N SER B 82 -19.89 23.19 -4.72
CA SER B 82 -19.52 23.71 -6.04
C SER B 82 -19.36 25.23 -6.06
N LEU B 83 -19.83 25.93 -5.02
CA LEU B 83 -19.68 27.38 -4.99
C LEU B 83 -18.18 27.68 -4.93
N ASN B 84 -17.78 28.81 -5.52
CA ASN B 84 -16.37 29.22 -5.60
C ASN B 84 -15.69 29.71 -4.31
N GLY B 85 -14.47 29.25 -4.08
CA GLY B 85 -13.73 29.70 -2.92
C GLY B 85 -13.50 28.66 -1.84
N GLU B 86 -12.62 29.00 -0.90
CA GLU B 86 -12.33 28.12 0.21
C GLU B 86 -13.24 28.46 1.39
N PHE B 87 -13.97 27.47 1.87
CA PHE B 87 -14.88 27.63 3.02
C PHE B 87 -15.25 26.25 3.53
N TRP B 88 -15.80 26.19 4.73
CA TRP B 88 -16.20 24.91 5.31
C TRP B 88 -17.71 24.75 5.28
N ILE B 89 -18.15 23.51 5.10
CA ILE B 89 -19.57 23.22 5.14
C ILE B 89 -19.66 22.22 6.28
N ARG B 90 -20.35 22.61 7.36
CA ARG B 90 -20.50 21.74 8.50
C ARG B 90 -21.96 21.36 8.66
N VAL B 91 -22.24 20.07 8.77
CA VAL B 91 -23.60 19.61 8.95
C VAL B 91 -23.81 19.23 10.41
N MSE B 92 -24.94 19.62 10.96
CA MSE B 92 -25.22 19.25 12.33
C MSE B 92 -26.59 18.58 12.42
O MSE B 92 -27.34 18.58 11.46
CB MSE B 92 -25.12 20.48 13.23
CG MSE B 92 -23.70 21.04 13.21
SE MSE B 92 -23.32 22.28 14.61
CE MSE B 92 -23.01 20.98 16.02
N TYR B 93 -26.86 17.97 13.57
CA TYR B 93 -28.15 17.32 13.80
C TYR B 93 -28.54 16.21 12.82
N LEU B 94 -27.61 15.29 12.54
CA LEU B 94 -27.91 14.15 11.67
C LEU B 94 -28.70 13.19 12.54
N HIS B 95 -29.58 12.40 11.94
CA HIS B 95 -30.34 11.41 12.71
C HIS B 95 -29.83 10.06 12.21
N PRO B 96 -29.32 9.22 13.11
CA PRO B 96 -28.79 7.91 12.73
C PRO B 96 -29.71 7.02 11.90
N ASP B 97 -31.00 6.96 12.24
CA ASP B 97 -31.92 6.11 11.49
C ASP B 97 -32.12 6.56 10.04
N HIS B 98 -31.80 7.82 9.76
CA HIS B 98 -31.95 8.38 8.41
C HIS B 98 -30.61 8.75 7.77
N LEU B 99 -29.51 8.37 8.40
CA LEU B 99 -28.18 8.66 7.88
C LEU B 99 -27.81 7.57 6.87
N THR B 100 -28.19 7.78 5.62
CA THR B 100 -27.92 6.80 4.56
C THR B 100 -26.48 6.83 4.09
N GLU B 101 -26.11 5.82 3.32
CA GLU B 101 -24.75 5.77 2.80
C GLU B 101 -24.52 6.85 1.75
N GLU B 102 -25.60 7.27 1.08
CA GLU B 102 -25.50 8.33 0.06
C GLU B 102 -25.06 9.62 0.74
N ILE B 103 -25.64 9.88 1.91
CA ILE B 103 -25.33 11.06 2.68
C ILE B 103 -23.92 10.93 3.22
N ILE B 104 -23.62 9.80 3.86
CA ILE B 104 -22.28 9.61 4.41
C ILE B 104 -21.24 9.74 3.30
N SER B 105 -21.50 9.08 2.16
CA SER B 105 -20.57 9.13 1.04
C SER B 105 -20.34 10.57 0.55
N ALA B 106 -21.42 11.34 0.44
CA ALA B 106 -21.30 12.72 -0.03
C ALA B 106 -20.45 13.53 0.94
N MSE B 107 -20.70 13.35 2.23
CA MSE B 107 -19.95 14.09 3.24
C MSE B 107 -18.46 13.75 3.19
O MSE B 107 -17.62 14.63 3.38
CB MSE B 107 -20.54 13.82 4.63
CG MSE B 107 -21.90 14.48 4.81
SE MSE B 107 -22.75 14.12 6.49
CE MSE B 107 -21.55 15.15 7.61
N LEU B 108 -18.14 12.50 2.94
CA LEU B 108 -16.74 12.07 2.85
C LEU B 108 -16.10 12.55 1.55
N GLU B 109 -16.87 12.50 0.46
CA GLU B 109 -16.43 12.87 -0.88
C GLU B 109 -16.22 14.35 -1.18
N LEU B 110 -17.13 15.20 -0.72
CA LEU B 110 -17.04 16.64 -0.97
C LEU B 110 -15.97 17.25 -0.08
N ASP B 111 -14.92 17.76 -0.70
CA ASP B 111 -13.79 18.32 0.02
C ASP B 111 -14.04 19.49 0.97
N LYS B 112 -15.07 20.30 0.72
CA LYS B 112 -15.35 21.44 1.59
C LYS B 112 -16.17 21.05 2.81
N VAL B 113 -16.75 19.86 2.77
CA VAL B 113 -17.54 19.37 3.88
C VAL B 113 -16.58 18.81 4.94
N VAL B 114 -16.64 19.34 6.15
CA VAL B 114 -15.76 18.84 7.21
C VAL B 114 -16.27 17.46 7.61
N LYS B 115 -15.34 16.56 7.87
CA LYS B 115 -15.63 15.18 8.24
C LYS B 115 -16.00 15.09 9.71
N TYR B 116 -17.02 15.87 10.04
CA TYR B 116 -17.57 16.02 11.38
C TYR B 116 -18.97 15.44 11.35
N PHE B 117 -19.18 14.36 12.11
CA PHE B 117 -20.48 13.68 12.15
C PHE B 117 -21.21 13.79 13.48
N ASP B 118 -22.16 14.72 13.51
CA ASP B 118 -22.98 15.00 14.68
C ASP B 118 -24.22 14.11 14.58
N VAL B 119 -24.13 12.94 15.20
CA VAL B 119 -25.18 11.93 15.15
C VAL B 119 -25.51 11.29 16.52
N PRO B 120 -26.46 11.88 17.27
CA PRO B 120 -26.86 11.36 18.58
C PRO B 120 -27.56 10.00 18.46
N VAL B 121 -26.93 8.95 19.00
CA VAL B 121 -27.53 7.62 18.93
C VAL B 121 -28.46 7.29 20.10
N GLN B 122 -28.40 8.12 21.16
CA GLN B 122 -29.25 7.96 22.33
C GLN B 122 -28.92 6.81 23.26
N HIS B 123 -28.57 5.65 22.69
CA HIS B 123 -28.25 4.48 23.51
C HIS B 123 -27.55 3.39 22.69
N GLY B 124 -27.10 2.35 23.38
CA GLY B 124 -26.42 1.25 22.71
C GLY B 124 -27.12 -0.09 22.87
N SER B 125 -28.11 -0.15 23.76
CA SER B 125 -28.85 -1.39 23.97
C SER B 125 -30.03 -1.49 23.01
N ASP B 126 -30.13 -2.61 22.29
CA ASP B 126 -31.24 -2.78 21.35
C ASP B 126 -32.57 -2.64 22.08
N LYS B 127 -32.70 -3.30 23.22
CA LYS B 127 -33.95 -3.22 23.98
C LYS B 127 -34.37 -1.76 24.18
N ILE B 128 -33.42 -0.94 24.61
CA ILE B 128 -33.70 0.47 24.87
C ILE B 128 -33.92 1.28 23.59
N LEU B 129 -33.13 1.01 22.56
CA LEU B 129 -33.27 1.71 21.29
C LEU B 129 -34.71 1.50 20.76
N LYS B 130 -35.18 0.26 20.79
CA LYS B 130 -36.53 -0.06 20.32
C LYS B 130 -37.55 0.68 21.17
N LEU B 131 -37.30 0.71 22.47
CA LEU B 131 -38.20 1.39 23.40
C LEU B 131 -38.26 2.89 23.10
N MSE B 132 -37.16 3.43 22.59
CA MSE B 132 -37.10 4.86 22.28
C MSE B 132 -37.65 5.16 20.89
O MSE B 132 -37.78 6.33 20.52
CB MSE B 132 -35.67 5.36 22.37
CG MSE B 132 -34.99 5.13 23.71
SE MSE B 132 -33.15 5.73 23.64
CE MSE B 132 -32.90 6.10 25.53
N GLY B 133 -37.96 4.11 20.13
CA GLY B 133 -38.49 4.31 18.80
C GLY B 133 -37.43 4.38 17.71
N ARG B 134 -36.20 4.00 18.05
CA ARG B 134 -35.13 4.03 17.05
C ARG B 134 -35.19 2.76 16.20
N THR B 135 -34.98 2.93 14.90
CA THR B 135 -35.05 1.82 13.96
C THR B 135 -33.78 0.98 13.79
N LYS B 136 -32.63 1.63 13.66
CA LYS B 136 -31.37 0.90 13.49
C LYS B 136 -30.90 0.24 14.77
N SER B 137 -30.39 -0.99 14.64
CA SER B 137 -29.89 -1.74 15.80
C SER B 137 -28.50 -1.26 16.18
N SER B 138 -28.05 -1.61 17.39
CA SER B 138 -26.73 -1.21 17.85
C SER B 138 -25.67 -1.77 16.90
N GLU B 139 -25.96 -2.93 16.31
CA GLU B 139 -25.03 -3.55 15.38
C GLU B 139 -24.90 -2.70 14.12
N GLU B 140 -26.03 -2.32 13.56
CA GLU B 140 -26.04 -1.49 12.36
C GLU B 140 -25.38 -0.16 12.64
N LEU B 141 -25.65 0.41 13.81
CA LEU B 141 -25.05 1.69 14.17
C LEU B 141 -23.54 1.56 14.22
N LYS B 142 -23.04 0.56 14.93
CA LYS B 142 -21.60 0.35 15.04
C LYS B 142 -20.96 0.12 13.67
N LYS B 143 -21.65 -0.63 12.81
CA LYS B 143 -21.13 -0.91 11.47
C LYS B 143 -21.04 0.40 10.67
N MSE B 144 -22.10 1.20 10.76
CA MSE B 144 -22.15 2.47 10.05
C MSE B 144 -21.00 3.38 10.49
O MSE B 144 -20.21 3.86 9.67
CB MSE B 144 -23.49 3.16 10.33
CG MSE B 144 -23.61 4.57 9.75
SE MSE B 144 -25.31 5.37 10.26
CE MSE B 144 -24.89 5.75 12.13
N LEU B 145 -20.90 3.61 11.79
CA LEU B 145 -19.86 4.48 12.36
C LEU B 145 -18.45 3.95 12.12
N SER B 146 -18.27 2.64 12.25
CA SER B 146 -16.94 2.06 12.04
C SER B 146 -16.54 2.24 10.57
N SER B 147 -17.52 2.15 9.67
CA SER B 147 -17.29 2.31 8.24
C SER B 147 -16.79 3.72 7.91
N ILE B 148 -17.31 4.71 8.61
CA ILE B 148 -16.88 6.09 8.39
C ILE B 148 -15.41 6.21 8.77
N ARG B 149 -15.07 5.69 9.95
CA ARG B 149 -13.70 5.72 10.46
C ARG B 149 -12.75 4.94 9.54
N GLU B 150 -13.26 3.88 8.91
CA GLU B 150 -12.45 3.08 8.00
C GLU B 150 -12.03 3.91 6.78
N ARG B 151 -12.96 4.69 6.26
CA ARG B 151 -12.69 5.53 5.10
C ARG B 151 -11.91 6.79 5.43
N PHE B 152 -12.13 7.32 6.63
CA PHE B 152 -11.46 8.54 7.09
C PHE B 152 -11.18 8.39 8.59
N PRO B 153 -10.01 7.86 8.96
CA PRO B 153 -9.60 7.64 10.35
C PRO B 153 -9.76 8.84 11.27
N ASP B 154 -9.51 10.05 10.77
CA ASP B 154 -9.65 11.23 11.61
C ASP B 154 -11.09 11.70 11.74
N ALA B 155 -12.04 10.96 11.19
CA ALA B 155 -13.44 11.37 11.27
C ALA B 155 -13.88 11.67 12.69
N VAL B 156 -14.47 12.85 12.88
CA VAL B 156 -14.96 13.24 14.19
C VAL B 156 -16.39 12.74 14.36
N LEU B 157 -16.60 11.91 15.37
CA LEU B 157 -17.91 11.35 15.67
C LEU B 157 -18.40 11.98 16.96
N ARG B 158 -19.52 12.68 16.87
CA ARG B 158 -20.11 13.37 17.99
C ARG B 158 -21.50 12.82 18.28
N THR B 159 -21.79 12.54 19.54
CA THR B 159 -23.09 12.00 19.87
C THR B 159 -23.58 12.35 21.26
N SER B 160 -24.77 11.85 21.56
CA SER B 160 -25.42 12.10 22.82
C SER B 160 -26.09 10.79 23.26
N ILE B 161 -26.03 10.51 24.55
CA ILE B 161 -26.61 9.29 25.12
C ILE B 161 -27.57 9.65 26.23
N ILE B 162 -28.64 8.87 26.34
CA ILE B 162 -29.62 9.10 27.40
C ILE B 162 -29.62 7.86 28.29
N VAL B 163 -29.35 8.06 29.59
CA VAL B 163 -29.36 6.96 30.54
C VAL B 163 -30.56 7.14 31.48
N GLY B 164 -30.98 6.08 32.13
CA GLY B 164 -32.11 6.19 33.04
C GLY B 164 -33.46 6.12 32.35
N PHE B 165 -33.47 5.75 31.07
CA PHE B 165 -34.72 5.64 30.33
C PHE B 165 -35.52 4.46 30.92
N PRO B 166 -36.85 4.61 31.03
CA PRO B 166 -37.68 3.53 31.59
C PRO B 166 -37.42 2.17 30.97
N GLY B 167 -36.98 1.22 31.79
CA GLY B 167 -36.71 -0.12 31.31
C GLY B 167 -35.23 -0.45 31.24
N GLU B 168 -34.39 0.58 31.36
CA GLU B 168 -32.94 0.38 31.31
C GLU B 168 -32.48 -0.38 32.56
N THR B 169 -31.93 -1.57 32.33
CA THR B 169 -31.44 -2.42 33.41
C THR B 169 -29.92 -2.37 33.42
N GLU B 170 -29.30 -3.11 34.33
CA GLU B 170 -27.84 -3.13 34.39
C GLU B 170 -27.29 -3.80 33.13
N GLU B 171 -28.04 -4.73 32.56
CA GLU B 171 -27.60 -5.40 31.35
C GLU B 171 -27.55 -4.39 30.20
N ASP B 172 -28.59 -3.57 30.10
CA ASP B 172 -28.67 -2.55 29.07
C ASP B 172 -27.51 -1.56 29.19
N PHE B 173 -27.28 -1.07 30.40
CA PHE B 173 -26.20 -0.13 30.62
C PHE B 173 -24.85 -0.77 30.30
N GLU B 174 -24.75 -2.06 30.59
CA GLU B 174 -23.51 -2.79 30.30
C GLU B 174 -23.26 -2.80 28.79
N GLU B 175 -24.33 -2.98 28.01
CA GLU B 175 -24.22 -2.99 26.55
C GLU B 175 -23.81 -1.60 26.08
N LEU B 176 -24.40 -0.59 26.71
CA LEU B 176 -24.08 0.81 26.37
C LEU B 176 -22.58 1.05 26.54
N LYS B 177 -22.01 0.62 27.66
CA LYS B 177 -20.59 0.83 27.87
C LYS B 177 -19.74 0.15 26.80
N GLN B 178 -20.02 -1.11 26.50
CA GLN B 178 -19.25 -1.80 25.47
C GLN B 178 -19.43 -1.09 24.12
N PHE B 179 -20.64 -0.58 23.91
CA PHE B 179 -21.00 0.13 22.68
C PHE B 179 -20.10 1.37 22.50
N VAL B 180 -20.10 2.24 23.50
CA VAL B 180 -19.28 3.45 23.40
C VAL B 180 -17.80 3.13 23.35
N GLU B 181 -17.41 2.06 24.03
CA GLU B 181 -16.01 1.66 24.03
C GLU B 181 -15.55 1.19 22.65
N GLU B 182 -16.42 0.49 21.94
CA GLU B 182 -16.09 0.00 20.61
C GLU B 182 -16.03 1.11 19.56
N ILE B 183 -17.00 2.00 19.59
CA ILE B 183 -17.05 3.10 18.62
C ILE B 183 -15.96 4.15 18.82
N GLN B 184 -15.66 4.50 20.07
CA GLN B 184 -14.64 5.50 20.37
C GLN B 184 -15.01 6.87 19.79
N PHE B 185 -16.15 7.41 20.23
CA PHE B 185 -16.64 8.73 19.80
C PHE B 185 -15.63 9.78 20.26
N ASP B 186 -15.46 10.84 19.48
CA ASP B 186 -14.53 11.91 19.88
C ASP B 186 -15.21 12.79 20.93
N LYS B 187 -16.51 12.99 20.73
CA LYS B 187 -17.30 13.83 21.60
C LYS B 187 -18.60 13.11 21.96
N LEU B 188 -18.90 13.04 23.25
CA LEU B 188 -20.11 12.37 23.68
C LEU B 188 -20.70 13.02 24.93
N GLY B 189 -21.98 13.35 24.83
CA GLY B 189 -22.67 13.95 25.96
C GLY B 189 -23.55 12.85 26.54
N ALA B 190 -23.72 12.87 27.86
CA ALA B 190 -24.56 11.87 28.54
C ALA B 190 -25.58 12.60 29.38
N PHE B 191 -26.86 12.37 29.11
CA PHE B 191 -27.92 13.04 29.86
C PHE B 191 -28.82 12.04 30.58
N VAL B 192 -29.43 12.49 31.69
CA VAL B 192 -30.33 11.66 32.47
C VAL B 192 -31.75 11.85 31.94
N TYR B 193 -32.43 10.75 31.69
CA TYR B 193 -33.81 10.76 31.18
C TYR B 193 -34.71 11.66 32.03
N SER B 194 -35.70 12.26 31.37
CA SER B 194 -36.64 13.15 32.05
C SER B 194 -38.06 12.97 31.51
N ASP B 195 -38.99 12.65 32.39
CA ASP B 195 -40.40 12.47 31.98
C ASP B 195 -41.24 13.68 32.37
N LYS B 207 -39.13 4.10 36.16
CA LYS B 207 -38.62 2.75 36.26
C LYS B 207 -37.25 2.70 36.95
N VAL B 208 -36.37 3.64 36.60
CA VAL B 208 -35.04 3.68 37.21
C VAL B 208 -34.87 4.93 38.07
N ASP B 209 -34.57 4.70 39.35
CA ASP B 209 -34.37 5.78 40.31
C ASP B 209 -33.42 6.85 39.76
N PRO B 210 -33.71 8.13 40.03
CA PRO B 210 -32.84 9.20 39.54
C PRO B 210 -31.42 9.04 40.05
N GLU B 211 -31.26 8.51 41.25
CA GLU B 211 -29.93 8.31 41.82
C GLU B 211 -29.14 7.31 40.97
N MSE B 212 -29.79 6.22 40.59
CA MSE B 212 -29.16 5.21 39.76
C MSE B 212 -28.81 5.81 38.40
O MSE B 212 -27.74 5.54 37.86
CB MSE B 212 -30.09 4.01 39.57
CG MSE B 212 -29.53 2.91 38.68
SE MSE B 212 -27.82 2.24 39.33
CE MSE B 212 -28.50 1.10 40.76
N ALA B 213 -29.69 6.64 37.86
CA ALA B 213 -29.46 7.27 36.56
C ALA B 213 -28.26 8.19 36.63
N LYS B 214 -28.08 8.85 37.76
CA LYS B 214 -26.96 9.76 37.93
C LYS B 214 -25.66 8.98 38.03
N ARG B 215 -25.72 7.81 38.66
CA ARG B 215 -24.53 6.96 38.80
C ARG B 215 -24.12 6.44 37.41
N ARG B 216 -25.13 6.14 36.60
CA ARG B 216 -24.86 5.64 35.25
C ARG B 216 -24.29 6.77 34.41
N GLN B 217 -24.81 7.98 34.59
CA GLN B 217 -24.33 9.14 33.84
C GLN B 217 -22.89 9.47 34.18
N GLU B 218 -22.58 9.38 35.47
CA GLU B 218 -21.24 9.68 35.97
C GLU B 218 -20.22 8.65 35.51
N GLU B 219 -20.60 7.39 35.49
CA GLU B 219 -19.68 6.36 35.06
C GLU B 219 -19.41 6.48 33.57
N LEU B 220 -20.46 6.72 32.80
CA LEU B 220 -20.35 6.87 31.35
C LEU B 220 -19.41 8.02 31.00
N LEU B 221 -19.63 9.16 31.63
CA LEU B 221 -18.81 10.35 31.40
C LEU B 221 -17.36 10.10 31.80
N LEU B 222 -17.15 9.31 32.85
CA LEU B 222 -15.79 8.99 33.29
C LEU B 222 -15.12 8.12 32.22
N LEU B 223 -15.85 7.14 31.71
CA LEU B 223 -15.33 6.27 30.65
C LEU B 223 -15.02 7.04 29.37
N GLN B 224 -15.92 7.93 28.98
CA GLN B 224 -15.73 8.72 27.76
C GLN B 224 -14.55 9.68 27.91
N ALA B 225 -14.28 10.07 29.15
CA ALA B 225 -13.17 10.98 29.42
C ALA B 225 -11.87 10.43 28.83
N GLU B 226 -11.57 9.17 29.09
CA GLU B 226 -10.34 8.57 28.55
C GLU B 226 -10.40 8.50 27.02
N ILE B 227 -11.53 8.08 26.49
CA ILE B 227 -11.71 7.97 25.05
C ILE B 227 -11.50 9.31 24.36
N SER B 228 -12.14 10.36 24.87
CA SER B 228 -11.98 11.68 24.26
C SER B 228 -10.53 12.13 24.27
N ASN B 229 -9.84 11.89 25.38
CA ASN B 229 -8.43 12.25 25.52
C ASN B 229 -7.58 11.48 24.53
N SER B 230 -7.91 10.21 24.35
CA SER B 230 -7.21 9.34 23.44
C SER B 230 -7.38 9.79 21.98
N ARG B 231 -8.59 10.25 21.63
CA ARG B 231 -8.82 10.71 20.27
C ARG B 231 -8.05 12.00 20.04
N LEU B 232 -8.05 12.87 21.05
CA LEU B 232 -7.32 14.13 20.92
C LEU B 232 -5.81 13.90 20.79
N ASP B 233 -5.30 12.88 21.47
CA ASP B 233 -3.87 12.59 21.39
C ASP B 233 -3.37 12.33 19.97
N ARG B 234 -4.18 11.70 19.14
CA ARG B 234 -3.68 11.42 17.80
C ARG B 234 -3.51 12.65 16.92
N PHE B 235 -3.99 13.80 17.40
CA PHE B 235 -3.83 15.04 16.65
C PHE B 235 -2.51 15.72 17.03
N VAL B 236 -1.88 15.28 18.12
CA VAL B 236 -0.62 15.88 18.53
C VAL B 236 0.40 15.67 17.41
N GLY B 237 0.96 16.76 16.91
CA GLY B 237 1.93 16.67 15.84
C GLY B 237 1.28 16.65 14.46
N LYS B 238 -0.05 16.59 14.43
CA LYS B 238 -0.79 16.56 13.17
C LYS B 238 -1.09 17.97 12.70
N LYS B 239 -1.22 18.11 11.38
CA LYS B 239 -1.54 19.38 10.76
C LYS B 239 -3.05 19.40 10.51
N LEU B 240 -3.70 20.49 10.90
CA LEU B 240 -5.15 20.64 10.73
C LEU B 240 -5.55 22.03 10.28
N LYS B 241 -6.58 22.09 9.42
CA LYS B 241 -7.09 23.36 8.92
C LYS B 241 -7.74 24.08 10.12
N PHE B 242 -7.43 25.37 10.24
CA PHE B 242 -7.89 26.19 11.36
C PHE B 242 -8.52 27.50 10.87
N LEU B 243 -9.58 27.93 11.54
CA LEU B 243 -10.27 29.16 11.18
C LEU B 243 -10.09 30.15 12.33
N VAL B 244 -9.55 31.33 12.01
CA VAL B 244 -9.30 32.37 13.00
C VAL B 244 -10.58 33.10 13.41
N GLU B 245 -10.81 33.19 14.72
CA GLU B 245 -12.01 33.89 15.22
C GLU B 245 -11.64 35.04 16.14
N GLY B 246 -10.38 35.11 16.57
CA GLY B 246 -9.99 36.19 17.45
C GLY B 246 -8.48 36.25 17.60
N LYS B 247 -7.99 37.37 18.12
CA LYS B 247 -6.57 37.56 18.33
C LYS B 247 -6.34 38.00 19.76
N GLU B 248 -5.36 37.41 20.43
CA GLU B 248 -5.05 37.75 21.81
C GLU B 248 -3.54 37.85 21.94
N GLY B 249 -3.00 39.03 21.68
CA GLY B 249 -1.56 39.22 21.77
C GLY B 249 -0.84 38.57 20.60
N LYS B 250 -0.03 37.56 20.89
CA LYS B 250 0.72 36.85 19.86
C LYS B 250 0.04 35.52 19.58
N PHE B 251 -1.15 35.35 20.13
CA PHE B 251 -1.93 34.14 19.97
C PHE B 251 -3.16 34.32 19.11
N LEU B 252 -3.49 33.30 18.34
CA LEU B 252 -4.69 33.32 17.50
C LEU B 252 -5.65 32.32 18.10
N VAL B 253 -6.91 32.72 18.22
CA VAL B 253 -7.93 31.85 18.79
C VAL B 253 -8.97 31.51 17.74
N GLY B 254 -9.39 30.26 17.74
CA GLY B 254 -10.39 29.83 16.78
C GLY B 254 -10.68 28.35 16.91
N ARG B 255 -10.96 27.70 15.78
CA ARG B 255 -11.26 26.28 15.78
C ARG B 255 -10.72 25.54 14.58
N THR B 256 -10.27 24.31 14.82
CA THR B 256 -9.82 23.47 13.74
C THR B 256 -11.15 22.93 13.22
N TRP B 257 -11.16 22.32 12.03
CA TRP B 257 -12.40 21.81 11.46
C TRP B 257 -13.16 20.84 12.37
N THR B 258 -12.44 20.23 13.30
CA THR B 258 -12.98 19.24 14.25
C THR B 258 -13.90 19.81 15.32
N GLU B 259 -13.91 21.12 15.48
CA GLU B 259 -14.72 21.77 16.52
C GLU B 259 -15.83 22.66 15.99
N ALA B 260 -17.06 22.47 16.49
CA ALA B 260 -18.17 23.30 16.06
C ALA B 260 -18.16 24.49 17.01
N PRO B 261 -18.73 25.63 16.57
CA PRO B 261 -18.73 26.77 17.48
C PRO B 261 -19.55 26.54 18.76
N GLU B 262 -19.11 27.18 19.84
CA GLU B 262 -19.78 27.14 21.15
C GLU B 262 -19.96 25.81 21.87
N VAL B 263 -20.29 24.74 21.16
CA VAL B 263 -20.56 23.46 21.79
C VAL B 263 -19.38 22.51 21.97
N ASP B 264 -18.27 22.79 21.30
CA ASP B 264 -17.12 21.91 21.44
C ASP B 264 -15.98 22.65 22.15
N GLY B 265 -14.74 22.42 21.71
CA GLY B 265 -13.62 23.09 22.35
C GLY B 265 -13.11 24.29 21.57
N VAL B 266 -11.98 24.83 22.02
CA VAL B 266 -11.37 25.97 21.36
C VAL B 266 -9.91 25.61 21.09
N VAL B 267 -9.33 26.27 20.08
CA VAL B 267 -7.93 26.02 19.72
C VAL B 267 -7.15 27.33 19.70
N PHE B 268 -6.03 27.33 20.41
CA PHE B 268 -5.14 28.48 20.54
C PHE B 268 -3.87 28.19 19.75
N VAL B 269 -3.50 29.11 18.87
CA VAL B 269 -2.31 28.93 18.05
C VAL B 269 -1.42 30.18 18.01
N ARG B 270 -0.12 29.97 18.08
CA ARG B 270 0.83 31.08 18.05
C ARG B 270 1.15 31.43 16.59
N GLY B 271 0.83 32.65 16.19
CA GLY B 271 1.10 33.05 14.83
C GLY B 271 0.40 34.35 14.45
N LYS B 272 0.59 34.77 13.20
CA LYS B 272 -0.01 36.01 12.73
C LYS B 272 -1.23 35.69 11.86
N GLY B 273 -2.22 36.57 11.87
CA GLY B 273 -3.41 36.35 11.07
C GLY B 273 -4.56 37.23 11.47
N LYS B 274 -5.62 37.21 10.69
CA LYS B 274 -6.80 38.01 10.97
C LYS B 274 -8.06 37.17 10.98
N ILE B 275 -9.07 37.64 11.70
CA ILE B 275 -10.34 36.95 11.80
C ILE B 275 -10.86 36.60 10.41
N GLY B 276 -11.20 35.33 10.20
CA GLY B 276 -11.71 34.91 8.91
C GLY B 276 -10.70 34.14 8.09
N ASP B 277 -9.43 34.25 8.45
CA ASP B 277 -8.39 33.55 7.72
C ASP B 277 -8.39 32.05 7.99
N PHE B 278 -8.04 31.29 6.95
CA PHE B 278 -7.91 29.85 7.06
C PHE B 278 -6.41 29.62 7.16
N LEU B 279 -5.98 28.91 8.20
CA LEU B 279 -4.57 28.62 8.39
C LEU B 279 -4.32 27.14 8.59
N GLU B 280 -3.06 26.78 8.46
CA GLU B 280 -2.60 25.42 8.64
C GLU B 280 -1.91 25.47 10.00
N VAL B 281 -2.27 24.57 10.91
CA VAL B 281 -1.67 24.56 12.24
C VAL B 281 -1.33 23.14 12.69
N VAL B 282 -0.36 23.04 13.58
CA VAL B 282 0.05 21.75 14.11
C VAL B 282 -0.21 21.78 15.60
N ILE B 283 -0.96 20.79 16.09
CA ILE B 283 -1.32 20.73 17.51
C ILE B 283 -0.15 20.25 18.35
N LYS B 284 0.16 20.98 19.41
CA LYS B 284 1.26 20.62 20.28
C LYS B 284 0.78 19.88 21.54
N GLU B 285 -0.37 20.30 22.06
CA GLU B 285 -0.92 19.68 23.27
C GLU B 285 -2.41 19.98 23.42
N HIS B 286 -3.07 19.24 24.31
CA HIS B 286 -4.48 19.50 24.56
C HIS B 286 -4.78 19.23 26.03
N ASP B 287 -5.81 19.91 26.53
CA ASP B 287 -6.22 19.73 27.92
C ASP B 287 -7.63 20.27 28.06
N GLU B 288 -8.47 19.49 28.76
CA GLU B 288 -9.87 19.87 28.99
C GLU B 288 -10.62 20.15 27.69
N TYR B 289 -10.27 19.40 26.64
CA TYR B 289 -10.92 19.52 25.34
C TYR B 289 -10.51 20.76 24.53
N ASP B 290 -9.54 21.53 25.02
CA ASP B 290 -9.04 22.68 24.27
C ASP B 290 -7.65 22.31 23.77
N MSE B 291 -7.24 22.89 22.64
CA MSE B 291 -5.94 22.58 22.06
C MSE B 291 -5.04 23.79 21.88
O MSE B 291 -5.52 24.92 21.72
CB MSE B 291 -6.11 21.92 20.68
CG MSE B 291 -6.79 20.55 20.71
SE MSE B 291 -7.00 19.73 18.95
CE MSE B 291 -8.94 19.87 18.76
N TRP B 292 -3.74 23.55 21.92
CA TRP B 292 -2.73 24.58 21.73
C TRP B 292 -1.76 24.09 20.67
N GLY B 293 -1.38 24.99 19.77
CA GLY B 293 -0.46 24.62 18.72
C GLY B 293 0.17 25.83 18.08
N SER B 294 0.71 25.66 16.88
CA SER B 294 1.35 26.76 16.16
C SER B 294 1.01 26.70 14.68
N VAL B 295 1.01 27.86 14.04
CA VAL B 295 0.72 27.96 12.61
C VAL B 295 1.92 27.57 11.76
N ILE B 296 1.66 26.90 10.64
CA ILE B 296 2.71 26.49 9.73
C ILE B 296 2.95 27.59 8.71
N GLU C 2 -26.91 -4.65 -56.27
CA GLU C 2 -26.08 -3.41 -56.13
C GLU C 2 -24.83 -3.71 -55.31
N ARG C 3 -23.76 -2.97 -55.58
CA ARG C 3 -22.50 -3.17 -54.87
C ARG C 3 -22.55 -2.56 -53.47
N PRO C 4 -21.91 -3.21 -52.49
CA PRO C 4 -21.91 -2.69 -51.12
C PRO C 4 -20.87 -1.59 -50.89
N TYR C 5 -20.13 -1.22 -51.92
CA TYR C 5 -19.11 -0.18 -51.77
C TYR C 5 -19.33 0.97 -52.75
N ALA C 6 -18.73 2.11 -52.48
CA ALA C 6 -18.85 3.26 -53.35
C ALA C 6 -17.59 4.10 -53.33
N TYR C 7 -17.22 4.64 -54.49
CA TYR C 7 -16.06 5.51 -54.59
C TYR C 7 -16.57 6.92 -54.40
N VAL C 8 -15.84 7.69 -53.60
CA VAL C 8 -16.22 9.06 -53.32
C VAL C 8 -15.06 9.94 -53.76
N LYS C 9 -15.30 10.79 -54.77
CA LYS C 9 -14.26 11.66 -55.30
C LYS C 9 -14.18 12.92 -54.45
N ILE C 10 -13.12 13.02 -53.64
CA ILE C 10 -12.96 14.15 -52.74
C ILE C 10 -12.32 15.37 -53.39
N SER C 11 -11.77 15.18 -54.59
CA SER C 11 -11.11 16.24 -55.34
C SER C 11 -10.97 15.81 -56.79
N ASP C 12 -10.54 16.73 -57.65
CA ASP C 12 -10.35 16.38 -59.06
C ASP C 12 -9.54 17.45 -59.78
N GLY C 28 -5.56 19.42 -64.22
CA GLY C 28 -6.01 20.79 -64.07
C GLY C 28 -5.79 21.33 -62.66
N SER C 29 -6.42 22.45 -62.37
CA SER C 29 -6.29 23.08 -61.05
C SER C 29 -6.93 22.18 -59.99
N LEU C 30 -6.20 21.96 -58.90
CA LEU C 30 -6.67 21.12 -57.80
C LEU C 30 -7.93 21.72 -57.16
N ARG C 31 -9.04 21.01 -57.29
CA ARG C 31 -10.32 21.45 -56.73
C ARG C 31 -10.87 20.42 -55.75
N SER C 32 -10.89 20.76 -54.47
CA SER C 32 -11.41 19.83 -53.48
C SER C 32 -12.81 20.21 -53.01
N ARG C 33 -13.65 19.20 -52.79
CA ARG C 33 -15.01 19.44 -52.31
C ARG C 33 -14.91 19.66 -50.81
N SER C 34 -15.88 20.37 -50.25
CA SER C 34 -15.87 20.67 -48.82
C SER C 34 -16.15 19.44 -47.96
N ILE C 35 -15.60 19.44 -46.74
CA ILE C 35 -15.81 18.31 -45.85
C ILE C 35 -17.31 18.07 -45.68
N GLU C 36 -18.07 19.15 -45.52
CA GLU C 36 -19.52 19.03 -45.36
C GLU C 36 -20.21 18.40 -46.55
N ASP C 37 -19.82 18.77 -47.77
CA ASP C 37 -20.45 18.18 -48.95
C ASP C 37 -20.12 16.71 -49.10
N ILE C 38 -18.88 16.34 -48.81
CA ILE C 38 -18.47 14.94 -48.90
C ILE C 38 -19.20 14.15 -47.82
N THR C 39 -19.28 14.73 -46.63
CA THR C 39 -19.96 14.08 -45.52
C THR C 39 -21.42 13.77 -45.86
N ARG C 40 -22.15 14.75 -46.42
CA ARG C 40 -23.55 14.52 -46.80
C ARG C 40 -23.64 13.43 -47.86
N GLU C 41 -22.67 13.38 -48.77
CA GLU C 41 -22.71 12.35 -49.81
C GLU C 41 -22.57 10.97 -49.17
N VAL C 42 -21.58 10.82 -48.29
CA VAL C 42 -21.35 9.54 -47.62
C VAL C 42 -22.56 9.12 -46.77
N GLU C 43 -23.18 10.08 -46.10
CA GLU C 43 -24.36 9.80 -45.29
C GLU C 43 -25.46 9.20 -46.16
N ASP C 44 -25.68 9.75 -47.35
CA ASP C 44 -26.71 9.21 -48.23
C ASP C 44 -26.34 7.80 -48.67
N LEU C 45 -25.05 7.58 -48.88
CA LEU C 45 -24.57 6.27 -49.29
C LEU C 45 -24.80 5.23 -48.18
N LEU C 46 -24.54 5.63 -46.94
CA LEU C 46 -24.73 4.72 -45.82
C LEU C 46 -26.21 4.43 -45.65
N LYS C 47 -27.03 5.44 -45.92
CA LYS C 47 -28.48 5.31 -45.81
C LYS C 47 -28.98 4.31 -46.85
N GLU C 48 -28.32 4.22 -48.00
CA GLU C 48 -28.78 3.27 -49.02
C GLU C 48 -28.18 1.88 -48.83
N GLY C 49 -27.46 1.69 -47.72
CA GLY C 49 -26.88 0.39 -47.44
C GLY C 49 -25.40 0.16 -47.71
N LYS C 50 -24.68 1.14 -48.25
CA LYS C 50 -23.25 0.96 -48.52
C LYS C 50 -22.49 0.65 -47.23
N LYS C 51 -21.51 -0.23 -47.31
CA LYS C 51 -20.72 -0.62 -46.16
C LYS C 51 -19.24 -0.30 -46.29
N GLU C 52 -18.85 0.24 -47.43
CA GLU C 52 -17.47 0.58 -47.66
C GLU C 52 -17.40 1.86 -48.49
N ILE C 53 -16.72 2.85 -47.94
CA ILE C 53 -16.56 4.16 -48.56
C ILE C 53 -15.10 4.30 -48.97
N ILE C 54 -14.87 4.37 -50.27
CA ILE C 54 -13.52 4.48 -50.80
C ILE C 54 -13.26 5.88 -51.34
N LEU C 55 -12.40 6.60 -50.62
CA LEU C 55 -12.05 7.97 -50.98
C LEU C 55 -10.99 7.96 -52.09
N VAL C 56 -11.29 8.64 -53.20
CA VAL C 56 -10.37 8.70 -54.33
C VAL C 56 -10.12 10.13 -54.84
N ALA C 57 -9.01 10.25 -55.57
CA ALA C 57 -8.57 11.51 -56.17
C ALA C 57 -7.21 11.24 -56.79
N GLN C 58 -6.71 12.19 -57.56
CA GLN C 58 -5.39 12.04 -58.16
C GLN C 58 -4.40 11.82 -57.02
N ASP C 59 -4.55 12.61 -55.98
CA ASP C 59 -3.68 12.51 -54.81
C ASP C 59 -4.52 12.84 -53.59
N THR C 60 -4.99 11.81 -52.89
CA THR C 60 -5.83 12.03 -51.72
C THR C 60 -5.16 12.80 -50.59
N THR C 61 -3.84 12.66 -50.46
CA THR C 61 -3.11 13.36 -49.41
C THR C 61 -3.06 14.87 -49.63
N SER C 62 -3.41 15.32 -50.84
CA SER C 62 -3.40 16.74 -51.13
C SER C 62 -4.77 17.39 -50.96
N TYR C 63 -5.74 16.61 -50.48
CA TYR C 63 -7.10 17.10 -50.25
C TYR C 63 -7.17 18.31 -49.31
N GLY C 64 -7.89 19.36 -49.70
CA GLY C 64 -8.05 20.52 -48.83
C GLY C 64 -7.05 21.65 -48.94
N ILE C 65 -5.91 21.40 -49.57
CA ILE C 65 -4.89 22.43 -49.72
C ILE C 65 -5.45 23.69 -50.38
N ASP C 66 -6.27 23.52 -51.40
CA ASP C 66 -6.85 24.64 -52.13
C ASP C 66 -7.98 25.34 -51.39
N LEU C 67 -8.74 24.58 -50.62
CA LEU C 67 -9.89 25.11 -49.91
C LEU C 67 -9.61 25.54 -48.46
N TYR C 68 -8.91 24.70 -47.71
CA TYR C 68 -8.61 24.99 -46.31
C TYR C 68 -7.19 25.49 -46.10
N ARG C 69 -6.41 25.56 -47.17
CA ARG C 69 -5.02 26.01 -47.05
C ARG C 69 -4.22 25.08 -46.15
N LYS C 70 -4.50 23.78 -46.25
CA LYS C 70 -3.82 22.77 -45.46
C LYS C 70 -4.36 21.38 -45.77
N GLN C 71 -3.55 20.36 -45.52
CA GLN C 71 -3.96 18.99 -45.78
C GLN C 71 -5.04 18.57 -44.80
N ALA C 72 -6.29 18.78 -45.19
CA ALA C 72 -7.42 18.45 -44.33
C ALA C 72 -7.90 17.02 -44.40
N LEU C 73 -7.10 16.12 -44.98
CA LEU C 73 -7.52 14.72 -45.05
C LEU C 73 -7.85 14.19 -43.65
N PRO C 74 -7.04 14.55 -42.64
CA PRO C 74 -7.30 14.08 -41.27
C PRO C 74 -8.68 14.48 -40.78
N ASP C 75 -9.00 15.76 -40.98
CA ASP C 75 -10.29 16.33 -40.59
C ASP C 75 -11.43 15.64 -41.31
N LEU C 76 -11.26 15.43 -42.61
CA LEU C 76 -12.28 14.77 -43.39
C LEU C 76 -12.53 13.36 -42.84
N LEU C 77 -11.46 12.61 -42.63
CA LEU C 77 -11.57 11.26 -42.10
C LEU C 77 -12.27 11.21 -40.74
N ARG C 78 -11.91 12.10 -39.82
CA ARG C 78 -12.55 12.10 -38.51
C ARG C 78 -14.05 12.36 -38.64
N ARG C 79 -14.41 13.27 -39.55
CA ARG C 79 -15.80 13.60 -39.78
C ARG C 79 -16.59 12.39 -40.30
N LEU C 80 -16.01 11.67 -41.26
CA LEU C 80 -16.68 10.50 -41.83
C LEU C 80 -16.73 9.36 -40.81
N ASN C 81 -15.66 9.23 -40.02
CA ASN C 81 -15.59 8.19 -39.00
C ASN C 81 -16.72 8.32 -37.99
N SER C 82 -17.10 9.57 -37.68
CA SER C 82 -18.15 9.81 -36.71
C SER C 82 -19.55 9.51 -37.22
N LEU C 83 -19.71 9.31 -38.53
CA LEU C 83 -21.02 9.00 -39.07
C LEU C 83 -21.48 7.68 -38.43
N ASN C 84 -22.78 7.57 -38.18
CA ASN C 84 -23.36 6.39 -37.54
C ASN C 84 -23.33 5.11 -38.37
N GLY C 85 -23.03 4.00 -37.71
CA GLY C 85 -23.04 2.71 -38.38
C GLY C 85 -21.73 1.95 -38.41
N GLU C 86 -21.81 0.69 -38.82
CA GLU C 86 -20.63 -0.14 -38.96
C GLU C 86 -20.33 -0.14 -40.46
N PHE C 87 -19.20 0.43 -40.83
CA PHE C 87 -18.79 0.48 -42.22
C PHE C 87 -17.28 0.70 -42.31
N TRP C 88 -16.73 0.51 -43.51
CA TRP C 88 -15.30 0.70 -43.75
C TRP C 88 -15.07 2.00 -44.52
N ILE C 89 -13.97 2.66 -44.19
CA ILE C 89 -13.54 3.86 -44.89
C ILE C 89 -12.15 3.48 -45.45
N ARG C 90 -12.00 3.44 -46.76
CA ARG C 90 -10.73 3.09 -47.40
C ARG C 90 -10.21 4.27 -48.21
N VAL C 91 -8.93 4.58 -48.03
CA VAL C 91 -8.31 5.68 -48.75
C VAL C 91 -7.41 5.07 -49.80
N MSE C 92 -7.39 5.70 -50.97
CA MSE C 92 -6.54 5.19 -52.02
C MSE C 92 -5.77 6.32 -52.67
O MSE C 92 -6.03 7.49 -52.39
CB MSE C 92 -7.37 4.41 -53.04
CG MSE C 92 -7.89 3.10 -52.47
SE MSE C 92 -8.76 2.00 -53.76
CE MSE C 92 -7.22 0.95 -54.31
N TYR C 93 -4.78 5.96 -53.48
CA TYR C 93 -3.96 6.93 -54.19
C TYR C 93 -3.25 7.92 -53.28
N LEU C 94 -2.53 7.40 -52.29
CA LEU C 94 -1.77 8.27 -51.39
C LEU C 94 -0.46 8.56 -52.12
N HIS C 95 0.10 9.75 -51.90
CA HIS C 95 1.38 10.13 -52.52
C HIS C 95 2.40 10.15 -51.38
N PRO C 96 3.42 9.29 -51.45
CA PRO C 96 4.45 9.21 -50.41
C PRO C 96 5.10 10.52 -49.96
N ASP C 97 5.31 11.45 -50.88
CA ASP C 97 5.93 12.71 -50.49
C ASP C 97 5.01 13.58 -49.67
N HIS C 98 3.70 13.35 -49.80
CA HIS C 98 2.71 14.15 -49.10
C HIS C 98 2.05 13.42 -47.94
N LEU C 99 2.47 12.18 -47.69
CA LEU C 99 1.90 11.40 -46.60
C LEU C 99 2.51 11.85 -45.28
N THR C 100 1.83 12.76 -44.61
CA THR C 100 2.30 13.32 -43.34
C THR C 100 1.93 12.44 -42.14
N GLU C 101 2.58 12.72 -41.02
CA GLU C 101 2.31 11.97 -39.80
C GLU C 101 0.88 12.21 -39.33
N GLU C 102 0.34 13.38 -39.65
CA GLU C 102 -1.01 13.71 -39.26
C GLU C 102 -2.02 12.82 -39.98
N ILE C 103 -1.72 12.50 -41.24
CA ILE C 103 -2.62 11.64 -42.01
C ILE C 103 -2.48 10.19 -41.52
N ILE C 104 -1.24 9.74 -41.40
CA ILE C 104 -0.95 8.40 -40.93
C ILE C 104 -1.62 8.17 -39.58
N SER C 105 -1.38 9.07 -38.65
CA SER C 105 -1.94 8.95 -37.32
C SER C 105 -3.47 8.87 -37.34
N ALA C 106 -4.11 9.71 -38.16
CA ALA C 106 -5.56 9.72 -38.26
C ALA C 106 -6.08 8.37 -38.79
N MSE C 107 -5.44 7.88 -39.84
CA MSE C 107 -5.82 6.62 -40.43
C MSE C 107 -5.65 5.47 -39.44
O MSE C 107 -6.43 4.52 -39.43
CB MSE C 107 -5.00 6.36 -41.69
CG MSE C 107 -5.38 7.29 -42.83
SE MSE C 107 -4.32 7.07 -44.45
CE MSE C 107 -4.85 5.27 -44.95
N LEU C 108 -4.63 5.56 -38.59
CA LEU C 108 -4.38 4.52 -37.62
C LEU C 108 -5.30 4.57 -36.39
N GLU C 109 -5.62 5.77 -35.93
CA GLU C 109 -6.47 5.92 -34.76
C GLU C 109 -7.97 5.80 -35.01
N LEU C 110 -8.44 6.25 -36.17
CA LEU C 110 -9.87 6.19 -36.51
C LEU C 110 -10.28 4.73 -36.75
N ASP C 111 -11.10 4.20 -35.85
CA ASP C 111 -11.50 2.80 -35.92
C ASP C 111 -12.17 2.30 -37.21
N LYS C 112 -12.87 3.15 -37.94
CA LYS C 112 -13.53 2.70 -39.17
C LYS C 112 -12.63 2.79 -40.40
N VAL C 113 -11.50 3.46 -40.27
CA VAL C 113 -10.58 3.56 -41.40
C VAL C 113 -9.77 2.28 -41.44
N VAL C 114 -9.85 1.56 -42.55
CA VAL C 114 -9.10 0.32 -42.69
C VAL C 114 -7.62 0.64 -42.82
N LYS C 115 -6.77 -0.09 -42.11
CA LYS C 115 -5.33 0.17 -42.12
C LYS C 115 -4.70 -0.32 -43.42
N TYR C 116 -5.19 0.25 -44.50
CA TYR C 116 -4.76 -0.06 -45.85
C TYR C 116 -4.08 1.20 -46.40
N PHE C 117 -2.81 1.07 -46.70
CA PHE C 117 -2.03 2.19 -47.21
C PHE C 117 -1.61 1.98 -48.65
N ASP C 118 -2.29 2.69 -49.54
CA ASP C 118 -2.03 2.62 -50.98
C ASP C 118 -1.08 3.76 -51.30
N VAL C 119 0.21 3.46 -51.30
CA VAL C 119 1.23 4.47 -51.54
C VAL C 119 2.33 4.00 -52.49
N PRO C 120 2.15 4.27 -53.80
CA PRO C 120 3.13 3.88 -54.82
C PRO C 120 4.39 4.72 -54.67
N VAL C 121 5.52 4.06 -54.44
CA VAL C 121 6.79 4.72 -54.25
C VAL C 121 7.62 4.80 -55.53
N GLN C 122 7.21 4.05 -56.55
CA GLN C 122 7.88 4.06 -57.84
C GLN C 122 9.26 3.39 -57.89
N HIS C 123 10.10 3.62 -56.88
CA HIS C 123 11.43 3.01 -56.88
C HIS C 123 12.06 3.03 -55.50
N GLY C 124 13.22 2.38 -55.38
CA GLY C 124 13.92 2.31 -54.11
C GLY C 124 15.29 2.95 -54.14
N SER C 125 15.76 3.25 -55.35
CA SER C 125 17.06 3.88 -55.52
C SER C 125 16.92 5.40 -55.44
N ASP C 126 17.71 6.03 -54.57
CA ASP C 126 17.64 7.49 -54.43
C ASP C 126 17.94 8.21 -55.73
N LYS C 127 18.88 7.69 -56.50
CA LYS C 127 19.25 8.30 -57.77
C LYS C 127 18.04 8.28 -58.71
N ILE C 128 17.39 7.13 -58.81
CA ILE C 128 16.22 6.98 -59.68
C ILE C 128 15.07 7.85 -59.17
N LEU C 129 14.89 7.87 -57.85
CA LEU C 129 13.83 8.66 -57.24
C LEU C 129 13.94 10.13 -57.62
N LYS C 130 15.16 10.67 -57.52
CA LYS C 130 15.40 12.07 -57.86
C LYS C 130 15.13 12.30 -59.35
N LEU C 131 15.47 11.32 -60.17
CA LEU C 131 15.26 11.41 -61.61
C LEU C 131 13.78 11.33 -61.97
N MSE C 132 12.93 11.04 -60.99
CA MSE C 132 11.50 10.94 -61.23
C MSE C 132 10.76 12.13 -60.63
O MSE C 132 9.57 12.32 -60.87
CB MSE C 132 10.95 9.64 -60.66
CG MSE C 132 11.62 8.38 -61.21
SE MSE C 132 10.87 6.75 -60.50
CE MSE C 132 11.22 5.56 -61.97
N GLY C 133 11.47 12.92 -59.83
CA GLY C 133 10.85 14.07 -59.20
C GLY C 133 10.47 13.82 -57.75
N ARG C 134 10.72 12.61 -57.27
CA ARG C 134 10.40 12.27 -55.90
C ARG C 134 11.23 13.08 -54.91
N THR C 135 10.58 13.51 -53.84
CA THR C 135 11.23 14.32 -52.81
C THR C 135 11.89 13.48 -51.73
N LYS C 136 11.09 12.70 -51.01
CA LYS C 136 11.59 11.86 -49.93
C LYS C 136 12.57 10.81 -50.44
N SER C 137 13.56 10.49 -49.62
CA SER C 137 14.57 9.50 -49.98
C SER C 137 14.13 8.10 -49.56
N SER C 138 14.83 7.09 -50.05
CA SER C 138 14.49 5.71 -49.71
C SER C 138 14.50 5.52 -48.20
N GLU C 139 15.49 6.12 -47.55
CA GLU C 139 15.62 6.02 -46.09
C GLU C 139 14.37 6.59 -45.44
N GLU C 140 13.91 7.73 -45.95
CA GLU C 140 12.72 8.36 -45.38
C GLU C 140 11.49 7.50 -45.62
N LEU C 141 11.34 7.03 -46.85
CA LEU C 141 10.20 6.17 -47.21
C LEU C 141 10.16 4.95 -46.28
N LYS C 142 11.32 4.32 -46.11
CA LYS C 142 11.43 3.15 -45.25
C LYS C 142 11.11 3.45 -43.80
N LYS C 143 11.58 4.60 -43.31
CA LYS C 143 11.32 4.96 -41.92
C LYS C 143 9.83 5.20 -41.74
N MSE C 144 9.23 5.87 -42.72
CA MSE C 144 7.79 6.14 -42.69
C MSE C 144 7.02 4.83 -42.67
O MSE C 144 6.18 4.60 -41.79
CB MSE C 144 7.38 6.98 -43.90
CG MSE C 144 5.89 7.18 -44.05
SE MSE C 144 5.48 8.22 -45.63
CE MSE C 144 5.69 6.84 -46.97
N LEU C 145 7.29 3.96 -43.64
CA LEU C 145 6.60 2.68 -43.74
C LEU C 145 6.81 1.79 -42.51
N SER C 146 8.04 1.72 -42.01
CA SER C 146 8.32 0.89 -40.83
C SER C 146 7.57 1.47 -39.63
N SER C 147 7.50 2.80 -39.57
CA SER C 147 6.81 3.48 -38.48
C SER C 147 5.36 3.03 -38.43
N ILE C 148 4.75 2.86 -39.60
CA ILE C 148 3.36 2.43 -39.69
C ILE C 148 3.22 1.01 -39.13
N ARG C 149 4.06 0.11 -39.64
CA ARG C 149 4.06 -1.29 -39.21
C ARG C 149 4.34 -1.45 -37.72
N GLU C 150 5.17 -0.57 -37.16
CA GLU C 150 5.49 -0.65 -35.73
C GLU C 150 4.24 -0.40 -34.89
N ARG C 151 3.43 0.57 -35.30
CA ARG C 151 2.21 0.89 -34.57
C ARG C 151 1.08 -0.07 -34.88
N PHE C 152 1.11 -0.67 -36.05
CA PHE C 152 0.07 -1.62 -36.44
C PHE C 152 0.68 -2.68 -37.35
N PRO C 153 1.19 -3.77 -36.75
CA PRO C 153 1.82 -4.88 -37.47
C PRO C 153 1.05 -5.44 -38.68
N ASP C 154 -0.28 -5.48 -38.59
CA ASP C 154 -1.07 -6.00 -39.70
C ASP C 154 -1.35 -4.98 -40.81
N ALA C 155 -0.78 -3.79 -40.70
CA ALA C 155 -1.00 -2.76 -41.70
C ALA C 155 -0.68 -3.26 -43.11
N VAL C 156 -1.60 -3.02 -44.04
CA VAL C 156 -1.37 -3.43 -45.41
C VAL C 156 -0.70 -2.27 -46.14
N LEU C 157 0.45 -2.56 -46.75
CA LEU C 157 1.22 -1.58 -47.51
C LEU C 157 1.15 -2.02 -48.97
N ARG C 158 0.57 -1.17 -49.79
CA ARG C 158 0.38 -1.44 -51.20
C ARG C 158 1.11 -0.42 -52.03
N THR C 159 1.92 -0.87 -52.97
CA THR C 159 2.65 0.09 -53.77
C THR C 159 2.81 -0.35 -55.21
N SER C 160 3.48 0.49 -55.98
CA SER C 160 3.74 0.23 -57.37
C SER C 160 5.19 0.63 -57.68
N ILE C 161 5.85 -0.17 -58.52
CA ILE C 161 7.23 0.09 -58.88
C ILE C 161 7.40 0.09 -60.40
N ILE C 162 8.25 0.98 -60.90
CA ILE C 162 8.51 1.06 -62.33
C ILE C 162 9.99 0.84 -62.63
N VAL C 163 10.30 -0.29 -63.25
CA VAL C 163 11.68 -0.63 -63.60
C VAL C 163 11.96 -0.29 -65.05
N GLY C 164 13.23 -0.12 -65.39
CA GLY C 164 13.59 0.20 -66.77
C GLY C 164 13.56 1.68 -67.04
N PHE C 165 13.67 2.47 -65.99
CA PHE C 165 13.67 3.92 -66.11
C PHE C 165 15.02 4.39 -66.66
N PRO C 166 15.01 5.34 -67.60
CA PRO C 166 16.24 5.87 -68.19
C PRO C 166 17.26 6.31 -67.14
N GLY C 167 18.29 5.49 -66.93
CA GLY C 167 19.30 5.82 -65.95
C GLY C 167 19.46 4.74 -64.89
N GLU C 168 18.56 3.77 -64.89
CA GLU C 168 18.61 2.68 -63.92
C GLU C 168 19.73 1.69 -64.26
N THR C 169 20.61 1.46 -63.30
CA THR C 169 21.74 0.55 -63.49
C THR C 169 21.61 -0.63 -62.54
N GLU C 170 22.44 -1.65 -62.74
CA GLU C 170 22.41 -2.83 -61.87
C GLU C 170 22.42 -2.43 -60.41
N GLU C 171 23.23 -1.41 -60.07
CA GLU C 171 23.31 -0.96 -58.69
C GLU C 171 21.98 -0.37 -58.21
N ASP C 172 21.32 0.38 -59.08
CA ASP C 172 20.02 0.98 -58.72
C ASP C 172 18.99 -0.12 -58.49
N PHE C 173 18.95 -1.09 -59.40
CA PHE C 173 18.01 -2.20 -59.28
C PHE C 173 18.34 -3.05 -58.06
N GLU C 174 19.64 -3.14 -57.75
CA GLU C 174 20.07 -3.92 -56.61
C GLU C 174 19.58 -3.22 -55.34
N GLU C 175 19.61 -1.89 -55.36
CA GLU C 175 19.17 -1.12 -54.22
C GLU C 175 17.65 -1.24 -54.07
N LEU C 176 16.98 -1.39 -55.20
CA LEU C 176 15.53 -1.53 -55.22
C LEU C 176 15.11 -2.86 -54.59
N LYS C 177 15.88 -3.90 -54.89
CA LYS C 177 15.58 -5.22 -54.35
C LYS C 177 15.70 -5.29 -52.84
N GLN C 178 16.72 -4.67 -52.26
CA GLN C 178 16.85 -4.70 -50.81
C GLN C 178 15.78 -3.79 -50.22
N PHE C 179 15.38 -2.80 -51.02
CA PHE C 179 14.35 -1.84 -50.63
C PHE C 179 13.04 -2.59 -50.40
N VAL C 180 12.61 -3.35 -51.41
CA VAL C 180 11.37 -4.11 -51.28
C VAL C 180 11.52 -5.21 -50.23
N GLU C 181 12.75 -5.67 -50.03
CA GLU C 181 13.01 -6.73 -49.06
C GLU C 181 12.89 -6.22 -47.63
N GLU C 182 13.37 -5.01 -47.37
CA GLU C 182 13.30 -4.45 -46.03
C GLU C 182 11.90 -4.01 -45.63
N ILE C 183 11.18 -3.40 -46.57
CA ILE C 183 9.83 -2.92 -46.30
C ILE C 183 8.80 -4.04 -46.13
N GLN C 184 8.83 -5.03 -47.02
CA GLN C 184 7.88 -6.14 -46.96
C GLN C 184 6.46 -5.67 -47.28
N PHE C 185 6.26 -5.14 -48.48
CA PHE C 185 4.96 -4.67 -48.93
C PHE C 185 4.04 -5.89 -49.03
N ASP C 186 2.77 -5.71 -48.73
CA ASP C 186 1.82 -6.83 -48.84
C ASP C 186 1.46 -7.02 -50.30
N LYS C 187 1.34 -5.90 -51.01
CA LYS C 187 0.97 -5.91 -52.42
C LYS C 187 1.85 -4.93 -53.18
N LEU C 188 2.40 -5.38 -54.31
CA LEU C 188 3.27 -4.54 -55.10
C LEU C 188 3.24 -4.90 -56.57
N GLY C 189 3.02 -3.89 -57.42
CA GLY C 189 2.99 -4.12 -58.84
C GLY C 189 4.23 -3.50 -59.46
N ALA C 190 4.78 -4.16 -60.47
CA ALA C 190 5.97 -3.65 -61.14
C ALA C 190 5.68 -3.46 -62.63
N PHE C 191 5.96 -2.27 -63.14
CA PHE C 191 5.73 -1.96 -64.56
C PHE C 191 7.01 -1.46 -65.23
N VAL C 192 7.03 -1.51 -66.55
CA VAL C 192 8.19 -1.07 -67.33
C VAL C 192 7.99 0.37 -67.83
N TYR C 193 9.06 1.15 -67.84
CA TYR C 193 9.00 2.53 -68.29
C TYR C 193 8.44 2.66 -69.70
N SER C 194 7.85 3.80 -70.01
CA SER C 194 7.28 4.04 -71.32
C SER C 194 7.21 5.54 -71.62
N ASP C 195 7.93 5.98 -72.65
CA ASP C 195 7.94 7.40 -73.02
C ASP C 195 7.38 7.60 -74.41
N LYS C 207 17.86 5.07 -72.01
CA LYS C 207 19.12 4.78 -71.35
C LYS C 207 19.31 3.29 -71.12
N VAL C 208 18.20 2.58 -70.83
CA VAL C 208 18.24 1.14 -70.58
C VAL C 208 17.45 0.37 -71.63
N ASP C 209 17.99 -0.76 -72.06
CA ASP C 209 17.33 -1.60 -73.07
C ASP C 209 16.06 -2.23 -72.51
N PRO C 210 15.12 -2.61 -73.41
CA PRO C 210 13.85 -3.23 -73.03
C PRO C 210 13.98 -4.69 -72.57
N GLU C 211 14.92 -5.43 -73.16
CA GLU C 211 15.12 -6.83 -72.80
C GLU C 211 15.68 -6.96 -71.39
N MSE C 212 16.19 -5.84 -70.85
CA MSE C 212 16.76 -5.85 -69.51
C MSE C 212 15.70 -5.43 -68.49
O MSE C 212 15.68 -5.92 -67.36
CB MSE C 212 17.94 -4.88 -69.43
CG MSE C 212 19.26 -5.53 -69.00
SE MSE C 212 19.16 -6.44 -67.30
CE MSE C 212 19.05 -8.26 -67.92
N ALA C 213 14.83 -4.51 -68.91
CA ALA C 213 13.77 -4.02 -68.05
C ALA C 213 12.75 -5.11 -67.74
N LYS C 214 12.66 -6.10 -68.62
CA LYS C 214 11.73 -7.20 -68.45
C LYS C 214 12.30 -8.23 -67.48
N ARG C 215 13.57 -8.61 -67.71
CA ARG C 215 14.25 -9.57 -66.86
C ARG C 215 14.23 -9.07 -65.41
N ARG C 216 14.35 -7.76 -65.22
CA ARG C 216 14.32 -7.17 -63.88
C ARG C 216 12.87 -7.21 -63.37
N GLN C 217 11.92 -6.96 -64.28
CA GLN C 217 10.52 -6.97 -63.90
C GLN C 217 10.09 -8.32 -63.34
N GLU C 218 10.46 -9.39 -64.03
CA GLU C 218 10.10 -10.74 -63.58
C GLU C 218 10.84 -11.12 -62.31
N GLU C 219 12.02 -10.54 -62.11
CA GLU C 219 12.79 -10.85 -60.91
C GLU C 219 12.12 -10.15 -59.74
N LEU C 220 11.68 -8.92 -59.94
CA LEU C 220 11.01 -8.17 -58.88
C LEU C 220 9.73 -8.89 -58.49
N LEU C 221 8.94 -9.30 -59.48
CA LEU C 221 7.70 -10.01 -59.19
C LEU C 221 7.99 -11.33 -58.49
N LEU C 222 9.05 -12.00 -58.93
CA LEU C 222 9.45 -13.27 -58.36
C LEU C 222 9.81 -13.10 -56.89
N LEU C 223 10.54 -12.04 -56.56
CA LEU C 223 10.91 -11.78 -55.18
C LEU C 223 9.69 -11.39 -54.36
N GLN C 224 8.84 -10.53 -54.93
CA GLN C 224 7.65 -10.08 -54.23
C GLN C 224 6.67 -11.20 -53.92
N ALA C 225 6.52 -12.14 -54.85
CA ALA C 225 5.61 -13.27 -54.62
C ALA C 225 5.91 -13.91 -53.27
N GLU C 226 7.20 -14.08 -52.97
CA GLU C 226 7.64 -14.67 -51.71
C GLU C 226 7.15 -13.78 -50.58
N ILE C 227 7.37 -12.48 -50.73
CA ILE C 227 6.97 -11.50 -49.72
C ILE C 227 5.44 -11.50 -49.55
N SER C 228 4.70 -11.35 -50.65
CA SER C 228 3.24 -11.32 -50.56
C SER C 228 2.66 -12.58 -49.92
N ASN C 229 3.22 -13.73 -50.30
CA ASN C 229 2.76 -15.00 -49.75
C ASN C 229 3.04 -15.06 -48.26
N SER C 230 4.21 -14.57 -47.86
CA SER C 230 4.58 -14.55 -46.47
C SER C 230 3.64 -13.65 -45.67
N ARG C 231 3.31 -12.48 -46.20
CA ARG C 231 2.41 -11.58 -45.50
C ARG C 231 1.04 -12.23 -45.32
N LEU C 232 0.54 -12.85 -46.38
CA LEU C 232 -0.76 -13.50 -46.32
C LEU C 232 -0.77 -14.68 -45.34
N ASP C 233 0.40 -15.27 -45.09
CA ASP C 233 0.49 -16.40 -44.17
C ASP C 233 0.12 -16.05 -42.73
N ARG C 234 0.48 -14.83 -42.31
CA ARG C 234 0.18 -14.42 -40.94
C ARG C 234 -1.29 -14.09 -40.74
N PHE C 235 -2.09 -14.30 -41.78
CA PHE C 235 -3.53 -14.08 -41.70
C PHE C 235 -4.24 -15.43 -41.62
N VAL C 236 -3.53 -16.49 -42.00
CA VAL C 236 -4.11 -17.83 -41.97
C VAL C 236 -4.53 -18.23 -40.56
N GLY C 237 -5.71 -18.84 -40.45
CA GLY C 237 -6.22 -19.25 -39.17
C GLY C 237 -6.49 -18.09 -38.23
N LYS C 238 -6.67 -16.91 -38.80
CA LYS C 238 -6.93 -15.72 -38.00
C LYS C 238 -8.27 -15.11 -38.38
N LYS C 239 -8.94 -14.49 -37.41
CA LYS C 239 -10.24 -13.88 -37.64
C LYS C 239 -10.16 -12.54 -38.38
N LEU C 240 -11.03 -12.37 -39.36
CA LEU C 240 -11.09 -11.15 -40.16
C LEU C 240 -12.50 -10.81 -40.59
N LYS C 241 -12.79 -9.52 -40.64
CA LYS C 241 -14.10 -9.03 -41.06
C LYS C 241 -14.19 -9.29 -42.56
N PHE C 242 -15.35 -9.75 -43.01
CA PHE C 242 -15.57 -10.07 -44.41
C PHE C 242 -16.85 -9.44 -44.94
N LEU C 243 -16.73 -8.68 -46.01
CA LEU C 243 -17.89 -8.03 -46.63
C LEU C 243 -18.37 -8.88 -47.80
N VAL C 244 -19.63 -9.32 -47.73
CA VAL C 244 -20.23 -10.15 -48.76
C VAL C 244 -20.59 -9.33 -49.99
N GLU C 245 -20.17 -9.80 -51.16
CA GLU C 245 -20.47 -9.07 -52.39
C GLU C 245 -21.27 -9.91 -53.37
N GLY C 246 -21.32 -11.22 -53.13
CA GLY C 246 -22.07 -12.09 -54.02
C GLY C 246 -22.10 -13.51 -53.49
N LYS C 247 -22.83 -14.37 -54.18
CA LYS C 247 -22.92 -15.77 -53.79
C LYS C 247 -22.86 -16.67 -55.02
N GLU C 248 -21.98 -17.66 -54.95
CA GLU C 248 -21.79 -18.62 -56.04
C GLU C 248 -21.80 -20.02 -55.44
N GLY C 249 -22.83 -20.80 -55.78
CA GLY C 249 -22.93 -22.13 -55.24
C GLY C 249 -23.00 -22.08 -53.73
N LYS C 250 -22.22 -22.92 -53.08
CA LYS C 250 -22.20 -22.96 -51.62
C LYS C 250 -21.12 -22.02 -51.08
N PHE C 251 -20.59 -21.18 -51.97
CA PHE C 251 -19.55 -20.23 -51.61
C PHE C 251 -20.01 -18.78 -51.60
N LEU C 252 -19.44 -18.00 -50.69
CA LEU C 252 -19.73 -16.58 -50.59
C LEU C 252 -18.50 -15.89 -51.16
N VAL C 253 -18.72 -14.88 -52.00
CA VAL C 253 -17.62 -14.14 -52.60
C VAL C 253 -17.60 -12.74 -52.01
N GLY C 254 -16.40 -12.26 -51.67
CA GLY C 254 -16.29 -10.92 -51.10
C GLY C 254 -14.84 -10.55 -50.81
N ARG C 255 -14.64 -9.63 -49.88
CA ARG C 255 -13.29 -9.21 -49.53
C ARG C 255 -13.10 -8.94 -48.04
N THR C 256 -11.89 -9.21 -47.56
CA THR C 256 -11.55 -8.92 -46.18
C THR C 256 -11.14 -7.45 -46.28
N TRP C 257 -10.94 -6.77 -45.17
CA TRP C 257 -10.57 -5.35 -45.21
C TRP C 257 -9.26 -5.06 -45.95
N THR C 258 -8.42 -6.09 -46.06
CA THR C 258 -7.12 -6.00 -46.72
C THR C 258 -7.17 -5.87 -48.23
N GLU C 259 -8.33 -6.08 -48.82
CA GLU C 259 -8.47 -6.03 -50.28
C GLU C 259 -9.39 -4.93 -50.79
N ALA C 260 -8.88 -4.15 -51.74
CA ALA C 260 -9.68 -3.09 -52.35
C ALA C 260 -10.45 -3.79 -53.48
N PRO C 261 -11.58 -3.21 -53.90
CA PRO C 261 -12.34 -3.86 -54.97
C PRO C 261 -11.63 -3.85 -56.32
N GLU C 262 -11.87 -4.89 -57.10
CA GLU C 262 -11.33 -5.06 -58.45
C GLU C 262 -9.81 -5.04 -58.64
N VAL C 263 -9.11 -4.25 -57.82
CA VAL C 263 -7.67 -4.11 -57.98
C VAL C 263 -6.80 -5.05 -57.17
N ASP C 264 -7.40 -5.78 -56.23
CA ASP C 264 -6.63 -6.69 -55.40
C ASP C 264 -7.14 -8.12 -55.55
N GLY C 265 -7.14 -8.85 -54.44
CA GLY C 265 -7.60 -10.23 -54.48
C GLY C 265 -9.04 -10.36 -54.02
N VAL C 266 -9.57 -11.57 -54.13
CA VAL C 266 -10.93 -11.85 -53.70
C VAL C 266 -10.87 -12.95 -52.64
N VAL C 267 -11.90 -13.04 -51.81
CA VAL C 267 -11.97 -14.04 -50.76
C VAL C 267 -13.19 -14.91 -50.95
N PHE C 268 -12.98 -16.23 -50.91
CA PHE C 268 -14.05 -17.22 -51.08
C PHE C 268 -14.31 -17.87 -49.73
N VAL C 269 -15.50 -17.67 -49.20
CA VAL C 269 -15.83 -18.25 -47.90
C VAL C 269 -17.07 -19.11 -47.98
N ARG C 270 -16.99 -20.33 -47.46
CA ARG C 270 -18.13 -21.21 -47.47
C ARG C 270 -19.00 -20.88 -46.27
N GLY C 271 -20.29 -20.67 -46.50
CA GLY C 271 -21.20 -20.34 -45.45
C GLY C 271 -22.40 -19.60 -46.03
N LYS C 272 -23.30 -19.13 -45.18
CA LYS C 272 -24.47 -18.42 -45.66
C LYS C 272 -24.46 -16.96 -45.22
N GLY C 273 -24.95 -16.08 -46.08
CA GLY C 273 -24.99 -14.66 -45.77
C GLY C 273 -25.61 -13.87 -46.90
N LYS C 274 -25.96 -12.62 -46.63
CA LYS C 274 -26.56 -11.75 -47.63
C LYS C 274 -25.57 -10.69 -48.09
N ILE C 275 -25.68 -10.30 -49.35
CA ILE C 275 -24.81 -9.29 -49.93
C ILE C 275 -24.91 -7.99 -49.13
N GLY C 276 -23.76 -7.39 -48.85
CA GLY C 276 -23.75 -6.16 -48.10
C GLY C 276 -23.57 -6.37 -46.62
N ASP C 277 -23.59 -7.63 -46.18
CA ASP C 277 -23.42 -7.95 -44.77
C ASP C 277 -21.97 -8.19 -44.37
N PHE C 278 -21.65 -7.80 -43.15
CA PHE C 278 -20.31 -8.00 -42.61
C PHE C 278 -20.32 -9.33 -41.87
N LEU C 279 -19.31 -10.15 -42.10
CA LEU C 279 -19.24 -11.44 -41.44
C LEU C 279 -17.86 -11.65 -40.88
N GLU C 280 -17.75 -12.62 -39.98
CA GLU C 280 -16.49 -12.96 -39.37
C GLU C 280 -16.04 -14.20 -40.14
N VAL C 281 -14.77 -14.23 -40.55
CA VAL C 281 -14.26 -15.38 -41.28
C VAL C 281 -12.84 -15.71 -40.89
N VAL C 282 -12.49 -16.99 -41.05
CA VAL C 282 -11.15 -17.45 -40.74
C VAL C 282 -10.57 -18.00 -42.03
N ILE C 283 -9.44 -17.44 -42.45
CA ILE C 283 -8.79 -17.86 -43.67
C ILE C 283 -8.04 -19.16 -43.45
N LYS C 284 -8.37 -20.17 -44.26
CA LYS C 284 -7.72 -21.48 -44.16
C LYS C 284 -6.51 -21.55 -45.09
N GLU C 285 -6.62 -20.91 -46.25
CA GLU C 285 -5.54 -20.94 -47.23
C GLU C 285 -5.66 -19.80 -48.24
N HIS C 286 -4.58 -19.58 -48.98
CA HIS C 286 -4.54 -18.54 -50.01
C HIS C 286 -3.70 -19.03 -51.19
N ASP C 287 -3.96 -18.47 -52.37
CA ASP C 287 -3.23 -18.88 -53.56
C ASP C 287 -3.34 -17.79 -54.64
N GLU C 288 -2.20 -17.39 -55.19
CA GLU C 288 -2.17 -16.36 -56.21
C GLU C 288 -2.84 -15.09 -55.69
N TYR C 289 -2.61 -14.81 -54.41
CA TYR C 289 -3.14 -13.64 -53.72
C TYR C 289 -4.62 -13.68 -53.41
N ASP C 290 -5.29 -14.79 -53.73
CA ASP C 290 -6.70 -14.95 -53.43
C ASP C 290 -6.81 -15.79 -52.16
N MSE C 291 -7.92 -15.66 -51.43
CA MSE C 291 -8.06 -16.42 -50.20
C MSE C 291 -9.31 -17.29 -50.09
O MSE C 291 -10.36 -17.00 -50.70
CB MSE C 291 -8.03 -15.46 -49.00
CG MSE C 291 -6.75 -14.66 -48.86
SE MSE C 291 -6.76 -13.50 -47.30
CE MSE C 291 -6.96 -11.80 -48.22
N TRP C 292 -9.19 -18.34 -49.29
CA TRP C 292 -10.28 -19.28 -49.05
C TRP C 292 -10.45 -19.48 -47.54
N GLY C 293 -11.69 -19.38 -47.07
CA GLY C 293 -11.94 -19.56 -45.66
C GLY C 293 -13.34 -20.02 -45.37
N SER C 294 -13.79 -19.80 -44.14
CA SER C 294 -15.13 -20.20 -43.72
C SER C 294 -15.65 -19.21 -42.68
N VAL C 295 -16.97 -19.03 -42.68
CA VAL C 295 -17.61 -18.12 -41.73
C VAL C 295 -17.59 -18.67 -40.32
N ILE C 296 -17.28 -17.80 -39.37
CA ILE C 296 -17.20 -18.17 -37.97
C ILE C 296 -17.91 -17.10 -37.11
N GLU D 2 30.28 26.31 2.12
CA GLU D 2 28.80 26.29 1.93
C GLU D 2 28.09 25.58 3.09
N ARG D 3 28.83 24.79 3.85
CA ARG D 3 28.25 24.09 5.00
C ARG D 3 28.10 25.08 6.14
N PRO D 4 26.93 25.07 6.80
CA PRO D 4 26.63 25.97 7.92
C PRO D 4 27.32 25.64 9.25
N TYR D 5 28.08 24.55 9.30
CA TYR D 5 28.77 24.17 10.53
C TYR D 5 30.28 24.06 10.32
N ALA D 6 31.02 24.07 11.41
CA ALA D 6 32.47 23.96 11.36
C ALA D 6 33.00 23.30 12.62
N TYR D 7 34.02 22.46 12.45
CA TYR D 7 34.63 21.80 13.58
C TYR D 7 35.79 22.65 14.05
N VAL D 8 35.85 22.89 15.35
CA VAL D 8 36.90 23.70 15.93
C VAL D 8 37.68 22.79 16.89
N LYS D 9 38.96 22.54 16.56
CA LYS D 9 39.80 21.68 17.37
C LYS D 9 40.44 22.51 18.48
N ILE D 10 40.01 22.29 19.71
CA ILE D 10 40.52 23.05 20.85
C ILE D 10 41.80 22.51 21.49
N SER D 11 42.17 21.29 21.10
CA SER D 11 43.36 20.62 21.64
C SER D 11 43.82 19.50 20.71
N ASP D 12 45.08 19.10 20.87
CA ASP D 12 45.65 18.03 20.05
C ASP D 12 46.66 17.24 20.85
N GLY D 28 50.15 12.73 21.45
CA GLY D 28 51.15 12.67 22.50
C GLY D 28 50.76 13.48 23.73
N SER D 29 51.52 14.52 24.02
CA SER D 29 51.25 15.38 25.18
C SER D 29 50.03 16.25 24.90
N LEU D 30 49.23 16.49 25.92
CA LEU D 30 48.03 17.31 25.79
C LEU D 30 48.43 18.75 25.50
N ARG D 31 48.06 19.25 24.33
CA ARG D 31 48.39 20.62 23.95
C ARG D 31 47.15 21.38 23.49
N SER D 32 46.65 22.24 24.36
CA SER D 32 45.46 23.00 24.04
C SER D 32 45.76 24.40 23.52
N ARG D 33 44.83 24.94 22.74
CA ARG D 33 45.00 26.29 22.21
C ARG D 33 44.42 27.24 23.26
N SER D 34 44.89 28.47 23.27
CA SER D 34 44.41 29.46 24.23
C SER D 34 42.96 29.82 23.91
N ILE D 35 42.24 30.30 24.93
CA ILE D 35 40.86 30.71 24.73
C ILE D 35 40.80 31.86 23.73
N GLU D 36 41.80 32.73 23.77
CA GLU D 36 41.83 33.87 22.87
C GLU D 36 41.96 33.46 21.41
N ASP D 37 42.81 32.46 21.14
CA ASP D 37 42.99 31.98 19.77
C ASP D 37 41.76 31.25 19.25
N ILE D 38 41.16 30.41 20.09
CA ILE D 38 39.97 29.69 19.67
C ILE D 38 38.86 30.69 19.38
N THR D 39 38.71 31.67 20.27
CA THR D 39 37.69 32.69 20.11
C THR D 39 37.86 33.46 18.80
N ARG D 40 39.09 33.85 18.48
CA ARG D 40 39.35 34.59 17.24
C ARG D 40 38.95 33.74 16.04
N GLU D 41 39.25 32.44 16.09
CA GLU D 41 38.90 31.57 14.98
C GLU D 41 37.39 31.51 14.83
N VAL D 42 36.67 31.29 15.93
CA VAL D 42 35.22 31.22 15.85
C VAL D 42 34.63 32.51 15.30
N GLU D 43 35.11 33.65 15.80
CA GLU D 43 34.61 34.94 15.32
C GLU D 43 34.69 35.00 13.79
N ASP D 44 35.81 34.57 13.22
CA ASP D 44 35.97 34.56 11.77
C ASP D 44 34.92 33.66 11.14
N LEU D 45 34.73 32.48 11.73
CA LEU D 45 33.75 31.53 11.23
C LEU D 45 32.35 32.14 11.23
N LEU D 46 32.02 32.87 12.29
CA LEU D 46 30.72 33.51 12.39
C LEU D 46 30.58 34.60 11.32
N LYS D 47 31.68 35.27 11.01
CA LYS D 47 31.66 36.32 10.00
C LYS D 47 31.52 35.74 8.59
N GLU D 48 31.97 34.51 8.39
CA GLU D 48 31.85 33.91 7.06
C GLU D 48 30.54 33.15 6.87
N GLY D 49 29.63 33.27 7.82
CA GLY D 49 28.34 32.60 7.68
C GLY D 49 28.07 31.38 8.53
N LYS D 50 29.09 30.78 9.14
CA LYS D 50 28.88 29.59 9.96
C LYS D 50 27.85 29.84 11.08
N LYS D 51 26.99 28.85 11.30
CA LYS D 51 25.94 28.96 12.32
C LYS D 51 26.07 27.93 13.44
N GLU D 52 26.95 26.94 13.25
CA GLU D 52 27.14 25.91 14.27
C GLU D 52 28.61 25.64 14.48
N ILE D 53 29.07 25.88 15.71
CA ILE D 53 30.46 25.69 16.10
C ILE D 53 30.56 24.42 16.94
N ILE D 54 31.30 23.45 16.41
CA ILE D 54 31.46 22.17 17.07
C ILE D 54 32.87 21.99 17.63
N LEU D 55 32.95 22.02 18.95
CA LEU D 55 34.22 21.86 19.68
C LEU D 55 34.61 20.40 19.72
N VAL D 56 35.83 20.12 19.27
CA VAL D 56 36.31 18.74 19.24
C VAL D 56 37.75 18.60 19.74
N ALA D 57 38.06 17.40 20.19
CA ALA D 57 39.36 17.03 20.70
C ALA D 57 39.23 15.58 21.12
N GLN D 58 40.35 14.97 21.46
CA GLN D 58 40.35 13.59 21.90
C GLN D 58 39.43 13.55 23.13
N ASP D 59 39.60 14.53 24.01
CA ASP D 59 38.82 14.65 25.24
C ASP D 59 38.58 16.14 25.48
N THR D 60 37.41 16.66 25.10
CA THR D 60 37.14 18.08 25.28
C THR D 60 37.06 18.53 26.74
N THR D 61 36.68 17.62 27.62
CA THR D 61 36.59 17.94 29.03
C THR D 61 37.97 18.21 29.66
N SER D 62 39.03 17.74 29.01
CA SER D 62 40.37 17.99 29.54
C SER D 62 41.00 19.28 28.99
N TYR D 63 40.23 20.02 28.18
CA TYR D 63 40.72 21.27 27.61
C TYR D 63 41.32 22.23 28.63
N GLY D 64 42.51 22.76 28.32
CA GLY D 64 43.16 23.72 29.20
C GLY D 64 44.00 23.23 30.37
N ILE D 65 43.90 21.95 30.69
CA ILE D 65 44.67 21.42 31.81
C ILE D 65 46.17 21.68 31.67
N ASP D 66 46.66 21.61 30.44
CA ASP D 66 48.07 21.84 30.14
C ASP D 66 48.45 23.33 30.10
N LEU D 67 47.51 24.16 29.69
CA LEU D 67 47.75 25.59 29.55
C LEU D 67 47.36 26.44 30.76
N TYR D 68 46.19 26.17 31.33
CA TYR D 68 45.72 26.94 32.46
C TYR D 68 45.80 26.18 33.77
N ARG D 69 46.37 24.98 33.72
CA ARG D 69 46.51 24.14 34.89
C ARG D 69 45.16 23.80 35.51
N LYS D 70 44.14 23.76 34.66
CA LYS D 70 42.79 23.40 35.10
C LYS D 70 41.84 23.21 33.93
N GLN D 71 40.66 22.69 34.22
CA GLN D 71 39.68 22.46 33.18
C GLN D 71 38.99 23.76 32.83
N ALA D 72 39.51 24.42 31.80
CA ALA D 72 39.02 25.70 31.34
C ALA D 72 37.87 25.65 30.35
N LEU D 73 37.34 24.45 30.09
CA LEU D 73 36.22 24.32 29.15
C LEU D 73 35.12 25.31 29.50
N PRO D 74 34.74 25.39 30.79
CA PRO D 74 33.67 26.33 31.16
C PRO D 74 33.99 27.76 30.69
N ASP D 75 35.23 28.17 30.92
CA ASP D 75 35.73 29.49 30.55
C ASP D 75 35.67 29.71 29.04
N LEU D 76 36.05 28.67 28.30
CA LEU D 76 36.01 28.76 26.85
C LEU D 76 34.56 28.92 26.39
N LEU D 77 33.68 28.08 26.89
CA LEU D 77 32.26 28.14 26.52
C LEU D 77 31.65 29.51 26.77
N ARG D 78 31.95 30.10 27.93
CA ARG D 78 31.42 31.43 28.27
C ARG D 78 31.93 32.51 27.31
N ARG D 79 33.19 32.40 26.91
CA ARG D 79 33.79 33.35 25.99
C ARG D 79 33.14 33.24 24.61
N LEU D 80 32.95 32.01 24.16
CA LEU D 80 32.33 31.77 22.86
C LEU D 80 30.86 32.20 22.88
N ASN D 81 30.15 31.82 23.94
CA ASN D 81 28.74 32.15 24.07
C ASN D 81 28.52 33.68 24.02
N SER D 82 29.49 34.41 24.53
CA SER D 82 29.41 35.87 24.56
C SER D 82 29.58 36.54 23.20
N LEU D 83 30.05 35.81 22.19
CA LEU D 83 30.21 36.41 20.85
C LEU D 83 28.83 36.80 20.32
N ASN D 84 28.76 37.88 19.53
CA ASN D 84 27.50 38.40 18.99
C ASN D 84 26.78 37.58 17.91
N GLY D 85 25.47 37.48 18.03
CA GLY D 85 24.69 36.76 17.04
C GLY D 85 24.11 35.44 17.49
N GLU D 86 23.21 34.91 16.68
CA GLU D 86 22.59 33.63 16.98
C GLU D 86 23.37 32.53 16.28
N PHE D 87 23.84 31.56 17.06
CA PHE D 87 24.59 30.43 16.53
C PHE D 87 24.57 29.33 17.59
N TRP D 88 24.95 28.12 17.20
CA TRP D 88 25.00 26.99 18.12
C TRP D 88 26.43 26.64 18.49
N ILE D 89 26.60 26.19 19.72
CA ILE D 89 27.90 25.73 20.19
C ILE D 89 27.62 24.28 20.59
N ARG D 90 28.20 23.34 19.85
CA ARG D 90 28.01 21.94 20.15
C ARG D 90 29.33 21.36 20.62
N VAL D 91 29.33 20.70 21.77
CA VAL D 91 30.53 20.10 22.27
C VAL D 91 30.48 18.60 22.04
N MSE D 92 31.59 18.02 21.63
CA MSE D 92 31.60 16.59 21.41
C MSE D 92 32.79 15.95 22.13
O MSE D 92 33.65 16.65 22.65
CB MSE D 92 31.63 16.30 19.91
CG MSE D 92 30.37 16.85 19.22
SE MSE D 92 30.07 16.14 17.48
CE MSE D 92 29.33 14.43 18.03
N TYR D 93 32.81 14.62 22.19
CA TYR D 93 33.91 13.90 22.82
C TYR D 93 34.17 14.25 24.30
N LEU D 94 33.13 14.29 25.10
CA LEU D 94 33.28 14.55 26.53
C LEU D 94 33.69 13.22 27.13
N HIS D 95 34.50 13.26 28.18
CA HIS D 95 34.92 12.04 28.86
C HIS D 95 34.17 12.05 30.20
N PRO D 96 33.39 11.00 30.47
CA PRO D 96 32.62 10.94 31.72
C PRO D 96 33.39 11.15 33.02
N ASP D 97 34.59 10.57 33.14
CA ASP D 97 35.38 10.72 34.35
C ASP D 97 35.86 12.14 34.60
N HIS D 98 35.91 12.93 33.53
CA HIS D 98 36.37 14.30 33.61
C HIS D 98 35.24 15.31 33.41
N LEU D 99 34.02 14.80 33.30
CA LEU D 99 32.86 15.67 33.10
C LEU D 99 32.41 16.21 34.46
N THR D 100 32.97 17.36 34.84
CA THR D 100 32.66 17.98 36.12
C THR D 100 31.33 18.71 36.16
N GLU D 101 30.87 19.02 37.36
CA GLU D 101 29.61 19.73 37.48
C GLU D 101 29.75 21.15 36.92
N GLU D 102 30.96 21.70 36.96
CA GLU D 102 31.20 23.05 36.42
C GLU D 102 30.96 23.04 34.90
N ILE D 103 31.45 21.99 34.25
CA ILE D 103 31.28 21.86 32.80
C ILE D 103 29.81 21.62 32.49
N ILE D 104 29.19 20.67 33.19
CA ILE D 104 27.78 20.37 32.98
C ILE D 104 26.94 21.63 33.19
N SER D 105 27.23 22.34 34.27
CA SER D 105 26.48 23.55 34.58
C SER D 105 26.64 24.63 33.52
N ALA D 106 27.85 24.81 32.98
CA ALA D 106 28.05 25.83 31.95
C ALA D 106 27.28 25.46 30.70
N MSE D 107 27.29 24.17 30.36
CA MSE D 107 26.60 23.71 29.16
C MSE D 107 25.09 23.92 29.26
O MSE D 107 24.43 24.21 28.27
CB MSE D 107 26.94 22.24 28.89
CG MSE D 107 28.39 22.05 28.42
SE MSE D 107 28.91 20.23 28.11
CE MSE D 107 27.85 19.86 26.58
N LEU D 108 24.55 23.73 30.47
CA LEU D 108 23.11 23.91 30.68
C LEU D 108 22.73 25.40 30.75
N GLU D 109 23.60 26.19 31.37
CA GLU D 109 23.39 27.63 31.56
C GLU D 109 23.58 28.54 30.33
N LEU D 110 24.58 28.26 29.51
CA LEU D 110 24.85 29.09 28.33
C LEU D 110 23.83 28.80 27.24
N ASP D 111 23.03 29.80 26.92
CA ASP D 111 21.96 29.70 25.94
C ASP D 111 22.29 29.20 24.53
N LYS D 112 23.50 29.49 24.06
CA LYS D 112 23.88 29.07 22.71
C LYS D 112 24.46 27.66 22.67
N VAL D 113 24.84 27.14 23.83
CA VAL D 113 25.35 25.79 23.91
C VAL D 113 24.19 24.82 23.83
N VAL D 114 24.21 23.99 22.81
CA VAL D 114 23.15 23.01 22.63
C VAL D 114 23.26 21.98 23.76
N LYS D 115 22.12 21.58 24.29
CA LYS D 115 22.03 20.63 25.40
C LYS D 115 22.16 19.21 24.91
N TYR D 116 23.28 18.97 24.25
CA TYR D 116 23.66 17.71 23.62
C TYR D 116 24.89 17.21 24.35
N PHE D 117 24.78 16.06 24.99
CA PHE D 117 25.89 15.49 25.75
C PHE D 117 26.43 14.19 25.16
N ASP D 118 27.55 14.33 24.46
CA ASP D 118 28.24 13.22 23.80
C ASP D 118 29.27 12.66 24.79
N VAL D 119 28.84 11.70 25.60
CA VAL D 119 29.68 11.12 26.64
C VAL D 119 29.65 9.58 26.68
N PRO D 120 30.59 8.93 25.96
CA PRO D 120 30.68 7.46 25.91
C PRO D 120 31.10 6.87 27.25
N VAL D 121 30.23 6.07 27.84
CA VAL D 121 30.52 5.47 29.13
C VAL D 121 31.21 4.11 29.06
N GLN D 122 31.20 3.51 27.87
CA GLN D 122 31.84 2.22 27.62
C GLN D 122 31.15 1.01 28.25
N HIS D 123 30.65 1.16 29.48
CA HIS D 123 29.98 0.04 30.12
C HIS D 123 29.20 0.50 31.34
N GLY D 124 28.39 -0.41 31.87
CA GLY D 124 27.59 -0.11 33.05
C GLY D 124 27.97 -0.95 34.27
N SER D 125 28.81 -1.96 34.07
CA SER D 125 29.25 -2.82 35.17
C SER D 125 30.50 -2.27 35.85
N ASP D 126 30.44 -2.08 37.17
CA ASP D 126 31.59 -1.57 37.90
C ASP D 126 32.84 -2.40 37.65
N LYS D 127 32.72 -3.71 37.77
CA LYS D 127 33.88 -4.58 37.57
C LYS D 127 34.54 -4.30 36.22
N ILE D 128 33.73 -4.21 35.17
CA ILE D 128 34.23 -3.96 33.83
C ILE D 128 34.80 -2.54 33.69
N LEU D 129 34.11 -1.57 34.27
CA LEU D 129 34.57 -0.19 34.20
C LEU D 129 35.97 -0.10 34.81
N LYS D 130 36.17 -0.75 35.95
CA LYS D 130 37.48 -0.75 36.61
C LYS D 130 38.52 -1.38 35.70
N LEU D 131 38.16 -2.52 35.09
CA LEU D 131 39.07 -3.20 34.19
C LEU D 131 39.45 -2.34 33.00
N MSE D 132 38.54 -1.45 32.59
CA MSE D 132 38.81 -0.57 31.45
C MSE D 132 39.58 0.68 31.84
O MSE D 132 40.01 1.44 30.97
CB MSE D 132 37.50 -0.14 30.80
CG MSE D 132 36.66 -1.29 30.26
SE MSE D 132 35.01 -0.59 29.53
CE MSE D 132 34.48 -2.19 28.55
N GLY D 133 39.77 0.89 33.13
CA GLY D 133 40.50 2.05 33.59
C GLY D 133 39.64 3.27 33.88
N ARG D 134 38.32 3.09 33.90
CA ARG D 134 37.42 4.21 34.17
C ARG D 134 37.31 4.44 35.69
N THR D 135 37.37 5.72 36.07
CA THR D 135 37.32 6.12 37.48
C THR D 135 35.93 6.16 38.11
N LYS D 136 34.99 6.85 37.47
CA LYS D 136 33.64 6.94 38.02
C LYS D 136 32.91 5.61 38.00
N SER D 137 32.08 5.38 39.02
CA SER D 137 31.33 4.13 39.12
C SER D 137 30.02 4.26 38.36
N SER D 138 29.36 3.12 38.12
CA SER D 138 28.09 3.13 37.40
C SER D 138 27.08 3.95 38.19
N GLU D 139 27.22 3.96 39.51
CA GLU D 139 26.32 4.72 40.37
C GLU D 139 26.53 6.21 40.12
N GLU D 140 27.79 6.63 40.13
CA GLU D 140 28.11 8.03 39.90
C GLU D 140 27.67 8.46 38.50
N LEU D 141 27.90 7.60 37.51
CA LEU D 141 27.51 7.94 36.15
C LEU D 141 26.01 8.14 36.06
N LYS D 142 25.25 7.19 36.58
CA LYS D 142 23.79 7.29 36.57
C LYS D 142 23.30 8.54 37.27
N LYS D 143 23.93 8.89 38.39
CA LYS D 143 23.55 10.09 39.15
C LYS D 143 23.83 11.33 38.31
N MSE D 144 25.02 11.38 37.72
CA MSE D 144 25.42 12.50 36.88
C MSE D 144 24.44 12.70 35.72
O MSE D 144 23.91 13.80 35.52
CB MSE D 144 26.83 12.25 36.34
CG MSE D 144 27.36 13.31 35.39
SE MSE D 144 29.08 12.79 34.66
CE MSE D 144 28.49 11.47 33.37
N LEU D 145 24.19 11.64 34.96
CA LEU D 145 23.29 11.73 33.81
C LEU D 145 21.85 12.03 34.20
N SER D 146 21.37 11.39 35.26
CA SER D 146 20.01 11.64 35.72
C SER D 146 19.87 13.10 36.16
N SER D 147 20.93 13.66 36.73
CA SER D 147 20.90 15.05 37.19
C SER D 147 20.78 16.02 36.00
N ILE D 148 21.38 15.65 34.88
CA ILE D 148 21.31 16.48 33.69
C ILE D 148 19.86 16.50 33.22
N ARG D 149 19.25 15.32 33.15
CA ARG D 149 17.86 15.19 32.72
C ARG D 149 16.90 15.92 33.68
N GLU D 150 17.23 15.90 34.98
CA GLU D 150 16.40 16.58 35.97
C GLU D 150 16.36 18.07 35.66
N ARG D 151 17.53 18.66 35.41
CA ARG D 151 17.60 20.08 35.10
C ARG D 151 17.07 20.47 33.72
N PHE D 152 17.20 19.55 32.76
CA PHE D 152 16.73 19.81 31.39
C PHE D 152 16.24 18.47 30.84
N PRO D 153 14.93 18.19 30.96
CA PRO D 153 14.28 16.96 30.50
C PRO D 153 14.53 16.55 29.04
N ASP D 154 14.70 17.53 28.15
CA ASP D 154 14.96 17.21 26.75
C ASP D 154 16.42 16.99 26.43
N ALA D 155 17.28 17.02 27.45
CA ALA D 155 18.72 16.83 27.20
C ALA D 155 18.98 15.56 26.39
N VAL D 156 19.80 15.69 25.37
CA VAL D 156 20.15 14.55 24.54
C VAL D 156 21.40 13.92 25.11
N LEU D 157 21.30 12.63 25.43
CA LEU D 157 22.43 11.89 25.99
C LEU D 157 22.84 10.87 24.93
N ARG D 158 24.08 11.00 24.47
CA ARG D 158 24.65 10.16 23.42
C ARG D 158 25.83 9.39 24.00
N THR D 159 25.90 8.10 23.70
CA THR D 159 27.00 7.33 24.24
C THR D 159 27.38 6.13 23.40
N SER D 160 28.38 5.42 23.88
CA SER D 160 28.94 4.25 23.23
C SER D 160 29.25 3.21 24.30
N ILE D 161 28.97 1.95 23.97
CA ILE D 161 29.18 0.83 24.87
C ILE D 161 30.05 -0.21 24.17
N ILE D 162 30.93 -0.84 24.92
CA ILE D 162 31.80 -1.87 24.37
C ILE D 162 31.47 -3.17 25.10
N VAL D 163 31.00 -4.18 24.36
CA VAL D 163 30.65 -5.48 24.95
C VAL D 163 31.74 -6.47 24.56
N GLY D 164 31.80 -7.60 25.25
CA GLY D 164 32.81 -8.58 24.93
C GLY D 164 34.19 -8.26 25.48
N PHE D 165 34.26 -7.29 26.38
CA PHE D 165 35.55 -6.93 26.98
C PHE D 165 36.00 -8.09 27.87
N PRO D 166 37.31 -8.40 27.88
CA PRO D 166 37.80 -9.50 28.72
C PRO D 166 37.33 -9.42 30.16
N GLY D 167 36.63 -10.46 30.62
CA GLY D 167 36.14 -10.48 31.99
C GLY D 167 34.65 -10.31 32.09
N GLU D 168 34.04 -9.75 31.04
CA GLU D 168 32.61 -9.53 31.03
C GLU D 168 31.84 -10.84 31.09
N THR D 169 31.09 -11.01 32.18
CA THR D 169 30.30 -12.21 32.39
C THR D 169 28.84 -11.89 32.13
N GLU D 170 27.98 -12.90 32.31
CA GLU D 170 26.54 -12.74 32.12
C GLU D 170 26.05 -11.70 33.14
N GLU D 171 26.61 -11.74 34.33
CA GLU D 171 26.23 -10.80 35.38
C GLU D 171 26.61 -9.37 34.98
N ASP D 172 27.79 -9.21 34.39
CA ASP D 172 28.26 -7.90 33.96
C ASP D 172 27.34 -7.34 32.87
N PHE D 173 26.93 -8.20 31.94
CA PHE D 173 26.06 -7.77 30.86
C PHE D 173 24.68 -7.42 31.41
N GLU D 174 24.23 -8.19 32.39
CA GLU D 174 22.94 -7.95 33.01
C GLU D 174 22.94 -6.56 33.65
N GLU D 175 24.06 -6.19 34.26
CA GLU D 175 24.19 -4.89 34.89
C GLU D 175 24.14 -3.82 33.81
N LEU D 176 24.81 -4.09 32.70
CA LEU D 176 24.83 -3.15 31.58
C LEU D 176 23.40 -2.88 31.09
N LYS D 177 22.60 -3.92 30.97
CA LYS D 177 21.22 -3.75 30.51
C LYS D 177 20.39 -2.88 31.46
N GLN D 178 20.43 -3.15 32.76
CA GLN D 178 19.66 -2.34 33.69
C GLN D 178 20.20 -0.92 33.66
N PHE D 179 21.50 -0.79 33.40
CA PHE D 179 22.16 0.51 33.31
C PHE D 179 21.59 1.34 32.17
N VAL D 180 21.64 0.80 30.96
CA VAL D 180 21.15 1.54 29.81
C VAL D 180 19.65 1.78 29.94
N GLU D 181 18.95 0.83 30.55
CA GLU D 181 17.51 0.94 30.73
C GLU D 181 17.15 2.09 31.68
N GLU D 182 17.94 2.24 32.75
CA GLU D 182 17.68 3.31 33.73
C GLU D 182 17.99 4.70 33.19
N ILE D 183 19.10 4.84 32.47
CA ILE D 183 19.48 6.15 31.94
C ILE D 183 18.60 6.64 30.79
N GLN D 184 18.21 5.73 29.90
CA GLN D 184 17.38 6.09 28.74
C GLN D 184 18.14 7.07 27.82
N PHE D 185 19.26 6.60 27.28
CA PHE D 185 20.09 7.40 26.36
C PHE D 185 19.29 7.63 25.09
N ASP D 186 19.43 8.82 24.50
CA ASP D 186 18.71 9.11 23.25
C ASP D 186 19.39 8.39 22.09
N LYS D 187 20.71 8.34 22.16
CA LYS D 187 21.52 7.74 21.12
C LYS D 187 22.57 6.85 21.77
N LEU D 188 22.70 5.62 21.29
CA LEU D 188 23.68 4.70 21.86
C LEU D 188 24.23 3.72 20.85
N GLY D 189 25.56 3.69 20.76
CA GLY D 189 26.23 2.78 19.85
C GLY D 189 26.77 1.62 20.68
N ALA D 190 26.77 0.43 20.09
CA ALA D 190 27.26 -0.75 20.78
C ALA D 190 28.30 -1.41 19.88
N PHE D 191 29.51 -1.55 20.38
CA PHE D 191 30.59 -2.15 19.60
C PHE D 191 31.16 -3.38 20.30
N VAL D 192 31.75 -4.27 19.52
CA VAL D 192 32.36 -5.48 20.05
C VAL D 192 33.83 -5.23 20.33
N TYR D 193 34.29 -5.66 21.50
CA TYR D 193 35.68 -5.49 21.90
C TYR D 193 36.64 -6.06 20.85
N SER D 194 37.78 -5.40 20.68
CA SER D 194 38.79 -5.85 19.72
C SER D 194 40.19 -5.73 20.32
N ASP D 195 40.95 -6.81 20.28
CA ASP D 195 42.31 -6.83 20.82
C ASP D 195 43.36 -6.84 19.71
N LYS D 207 38.75 -13.54 26.37
CA LYS D 207 37.97 -14.15 27.43
C LYS D 207 36.59 -14.56 26.93
N VAL D 208 35.87 -13.64 26.29
CA VAL D 208 34.53 -13.92 25.76
C VAL D 208 34.58 -14.06 24.23
N ASP D 209 34.15 -15.22 23.75
CA ASP D 209 34.15 -15.51 22.32
C ASP D 209 33.38 -14.46 21.51
N PRO D 210 33.86 -14.14 20.30
CA PRO D 210 33.20 -13.16 19.44
C PRO D 210 31.73 -13.46 19.20
N GLU D 211 31.39 -14.75 19.17
CA GLU D 211 30.01 -15.18 18.97
C GLU D 211 29.15 -14.65 20.12
N MSE D 212 29.62 -14.83 21.34
CA MSE D 212 28.90 -14.37 22.52
C MSE D 212 28.84 -12.85 22.56
O MSE D 212 27.83 -12.27 22.96
CB MSE D 212 29.57 -14.89 23.80
CG MSE D 212 28.89 -14.42 25.07
SE MSE D 212 27.01 -14.89 25.14
CE MSE D 212 27.16 -16.58 26.08
N ALA D 213 29.93 -12.20 22.15
CA ALA D 213 29.98 -10.73 22.12
C ALA D 213 28.97 -10.19 21.11
N LYS D 214 28.84 -10.90 19.99
CA LYS D 214 27.93 -10.52 18.93
C LYS D 214 26.50 -10.58 19.45
N ARG D 215 26.19 -11.65 20.18
CA ARG D 215 24.86 -11.84 20.75
C ARG D 215 24.55 -10.69 21.72
N ARG D 216 25.53 -10.33 22.54
CA ARG D 216 25.35 -9.25 23.50
C ARG D 216 25.15 -7.92 22.78
N GLN D 217 25.90 -7.71 21.70
CA GLN D 217 25.80 -6.47 20.94
C GLN D 217 24.42 -6.35 20.30
N GLU D 218 23.92 -7.47 19.79
CA GLU D 218 22.62 -7.52 19.14
C GLU D 218 21.48 -7.32 20.13
N GLU D 219 21.59 -7.92 21.31
CA GLU D 219 20.53 -7.76 22.29
C GLU D 219 20.50 -6.31 22.78
N LEU D 220 21.67 -5.72 23.00
CA LEU D 220 21.76 -4.34 23.47
C LEU D 220 21.12 -3.37 22.47
N LEU D 221 21.50 -3.49 21.20
CA LEU D 221 20.94 -2.62 20.16
C LEU D 221 19.44 -2.78 20.03
N LEU D 222 18.95 -3.99 20.28
CA LEU D 222 17.52 -4.28 20.22
C LEU D 222 16.81 -3.55 21.36
N LEU D 223 17.41 -3.60 22.55
CA LEU D 223 16.83 -2.91 23.71
C LEU D 223 16.88 -1.39 23.52
N GLN D 224 18.00 -0.90 22.99
CA GLN D 224 18.16 0.54 22.78
C GLN D 224 17.22 1.07 21.70
N ALA D 225 16.88 0.22 20.75
CA ALA D 225 15.98 0.59 19.66
C ALA D 225 14.68 1.13 20.25
N GLU D 226 14.12 0.42 21.21
CA GLU D 226 12.87 0.87 21.82
C GLU D 226 13.07 2.16 22.61
N ILE D 227 14.20 2.26 23.32
CA ILE D 227 14.50 3.45 24.12
C ILE D 227 14.65 4.67 23.21
N SER D 228 15.39 4.52 22.12
CA SER D 228 15.59 5.64 21.20
C SER D 228 14.25 6.12 20.62
N ASN D 229 13.41 5.18 20.21
CA ASN D 229 12.10 5.54 19.65
C ASN D 229 11.25 6.25 20.68
N SER D 230 11.32 5.78 21.91
CA SER D 230 10.55 6.37 22.99
C SER D 230 11.03 7.80 23.24
N ARG D 231 12.33 8.02 23.18
CA ARG D 231 12.87 9.36 23.39
C ARG D 231 12.42 10.25 22.25
N LEU D 232 12.48 9.74 21.03
CA LEU D 232 12.08 10.54 19.86
C LEU D 232 10.59 10.88 19.88
N ASP D 233 9.77 9.98 20.45
CA ASP D 233 8.35 10.23 20.54
C ASP D 233 8.00 11.46 21.34
N ARG D 234 8.80 11.80 22.35
CA ARG D 234 8.43 12.98 23.13
C ARG D 234 8.62 14.29 22.39
N PHE D 235 9.27 14.23 21.22
CA PHE D 235 9.45 15.43 20.41
C PHE D 235 8.26 15.64 19.48
N VAL D 236 7.41 14.63 19.33
CA VAL D 236 6.26 14.77 18.43
C VAL D 236 5.36 15.91 18.96
N GLY D 237 5.10 16.88 18.09
CA GLY D 237 4.26 18.02 18.47
C GLY D 237 5.01 19.18 19.10
N LYS D 238 6.26 18.96 19.49
CA LYS D 238 7.06 20.02 20.12
C LYS D 238 7.88 20.84 19.13
N LYS D 239 8.18 22.08 19.51
CA LYS D 239 8.97 22.94 18.64
C LYS D 239 10.44 22.83 18.99
N LEU D 240 11.28 22.80 17.96
CA LEU D 240 12.72 22.71 18.14
C LEU D 240 13.44 23.59 17.14
N LYS D 241 14.54 24.19 17.58
CA LYS D 241 15.34 25.04 16.71
C LYS D 241 15.94 24.13 15.64
N PHE D 242 15.88 24.58 14.39
CA PHE D 242 16.36 23.81 13.25
C PHE D 242 17.32 24.62 12.39
N LEU D 243 18.37 23.97 11.89
CA LEU D 243 19.36 24.62 11.04
C LEU D 243 19.21 24.05 9.62
N VAL D 244 18.98 24.92 8.65
CA VAL D 244 18.82 24.48 7.26
C VAL D 244 20.16 24.16 6.60
N GLU D 245 20.29 22.99 5.99
CA GLU D 245 21.52 22.60 5.32
C GLU D 245 21.29 22.31 3.83
N GLY D 246 20.04 22.26 3.44
CA GLY D 246 19.73 22.00 2.04
C GLY D 246 18.27 22.21 1.71
N LYS D 247 17.96 22.28 0.42
CA LYS D 247 16.58 22.46 -0.02
C LYS D 247 16.26 21.43 -1.09
N GLU D 248 15.13 20.76 -0.92
CA GLU D 248 14.70 19.74 -1.87
C GLU D 248 13.26 20.01 -2.26
N GLY D 249 13.08 20.78 -3.32
CA GLY D 249 11.75 21.11 -3.78
C GLY D 249 11.03 22.04 -2.82
N LYS D 250 10.07 21.51 -2.08
CA LYS D 250 9.30 22.28 -1.11
C LYS D 250 9.72 21.90 0.31
N PHE D 251 10.68 20.99 0.41
CA PHE D 251 11.16 20.54 1.70
C PHE D 251 12.54 21.12 2.03
N LEU D 252 12.75 21.39 3.32
CA LEU D 252 14.03 21.89 3.78
C LEU D 252 14.67 20.76 4.56
N VAL D 253 15.95 20.50 4.31
CA VAL D 253 16.65 19.43 4.99
C VAL D 253 17.68 20.04 5.91
N GLY D 254 17.83 19.43 7.09
CA GLY D 254 18.79 19.94 8.05
C GLY D 254 18.74 19.15 9.33
N ARG D 255 19.08 19.83 10.42
CA ARG D 255 19.09 19.21 11.72
C ARG D 255 18.59 20.11 12.84
N THR D 256 17.85 19.50 13.77
CA THR D 256 17.38 20.22 14.95
C THR D 256 18.64 20.19 15.83
N TRP D 257 18.68 20.98 16.89
CA TRP D 257 19.86 21.02 17.75
C TRP D 257 20.26 19.64 18.30
N THR D 258 19.29 18.73 18.33
CA THR D 258 19.47 17.39 18.86
C THR D 258 20.34 16.47 18.02
N GLU D 259 20.62 16.87 16.78
CA GLU D 259 21.41 16.04 15.88
C GLU D 259 22.74 16.65 15.48
N ALA D 260 23.81 15.88 15.60
CA ALA D 260 25.12 16.36 15.19
C ALA D 260 25.24 15.99 13.72
N PRO D 261 26.05 16.70 12.95
CA PRO D 261 26.18 16.37 11.54
C PRO D 261 26.76 14.97 11.29
N GLU D 262 26.33 14.38 10.18
CA GLU D 262 26.79 13.08 9.72
C GLU D 262 26.61 11.84 10.60
N VAL D 263 26.81 11.98 11.90
CA VAL D 263 26.74 10.83 12.79
C VAL D 263 25.40 10.52 13.45
N ASP D 264 24.46 11.44 13.32
CA ASP D 264 23.15 11.24 13.92
C ASP D 264 22.08 11.13 12.82
N GLY D 265 20.89 11.67 13.07
CA GLY D 265 19.84 11.60 12.08
C GLY D 265 19.67 12.88 11.28
N VAL D 266 18.65 12.92 10.43
CA VAL D 266 18.38 14.09 9.62
C VAL D 266 16.93 14.49 9.84
N VAL D 267 16.63 15.78 9.63
CA VAL D 267 15.28 16.28 9.82
C VAL D 267 14.79 16.95 8.54
N PHE D 268 13.60 16.54 8.11
CA PHE D 268 12.97 17.06 6.88
C PHE D 268 11.79 17.92 7.27
N VAL D 269 11.81 19.17 6.82
CA VAL D 269 10.74 20.09 7.16
C VAL D 269 10.21 20.82 5.93
N ARG D 270 8.90 20.87 5.78
CA ARG D 270 8.32 21.56 4.64
C ARG D 270 8.12 23.04 4.96
N GLY D 271 8.83 23.89 4.22
CA GLY D 271 8.71 25.32 4.46
C GLY D 271 9.66 26.11 3.58
N LYS D 272 9.72 27.41 3.79
CA LYS D 272 10.58 28.28 3.01
C LYS D 272 11.85 28.62 3.79
N GLY D 273 12.97 28.74 3.09
CA GLY D 273 14.21 29.07 3.75
C GLY D 273 15.42 28.79 2.90
N LYS D 274 16.58 29.18 3.40
CA LYS D 274 17.84 28.97 2.69
C LYS D 274 18.87 28.40 3.65
N ILE D 275 19.93 27.82 3.08
CA ILE D 275 21.02 27.22 3.85
C ILE D 275 21.61 28.23 4.83
N GLY D 276 21.71 27.83 6.10
CA GLY D 276 22.27 28.72 7.11
C GLY D 276 21.24 29.36 8.00
N ASP D 277 19.98 29.30 7.60
CA ASP D 277 18.93 29.90 8.41
C ASP D 277 18.54 29.03 9.60
N PHE D 278 18.17 29.69 10.68
CA PHE D 278 17.71 29.01 11.87
C PHE D 278 16.18 29.13 11.82
N LEU D 279 15.48 28.02 11.96
CA LEU D 279 14.01 28.05 11.94
C LEU D 279 13.45 27.33 13.15
N GLU D 280 12.18 27.59 13.42
CA GLU D 280 11.45 26.98 14.51
C GLU D 280 10.60 25.92 13.82
N VAL D 281 10.70 24.67 14.26
CA VAL D 281 9.93 23.60 13.62
C VAL D 281 9.24 22.70 14.64
N VAL D 282 8.08 22.17 14.25
CA VAL D 282 7.35 21.24 15.11
C VAL D 282 7.45 19.88 14.44
N ILE D 283 7.81 18.86 15.21
CA ILE D 283 7.97 17.52 14.66
C ILE D 283 6.62 16.81 14.55
N LYS D 284 6.39 16.18 13.41
CA LYS D 284 5.13 15.47 13.20
C LYS D 284 5.32 13.96 13.37
N GLU D 285 6.47 13.45 12.96
CA GLU D 285 6.72 12.01 13.05
C GLU D 285 8.21 11.69 12.91
N HIS D 286 8.58 10.47 13.27
CA HIS D 286 9.97 10.06 13.13
C HIS D 286 10.00 8.59 12.77
N ASP D 287 11.07 8.19 12.07
CA ASP D 287 11.23 6.81 11.67
C ASP D 287 12.69 6.59 11.28
N GLU D 288 13.26 5.48 11.76
CA GLU D 288 14.65 5.14 11.49
C GLU D 288 15.60 6.27 11.89
N TYR D 289 15.28 6.91 13.01
CA TYR D 289 16.09 7.99 13.54
C TYR D 289 16.03 9.30 12.74
N ASP D 290 15.16 9.38 11.73
CA ASP D 290 15.01 10.61 10.97
C ASP D 290 13.66 11.23 11.37
N MSE D 291 13.55 12.55 11.26
CA MSE D 291 12.32 13.24 11.63
C MSE D 291 11.74 14.07 10.49
O MSE D 291 12.47 14.60 9.64
CB MSE D 291 12.56 14.16 12.82
CG MSE D 291 12.89 13.43 14.12
SE MSE D 291 13.17 14.63 15.63
CE MSE D 291 15.12 14.48 15.75
N TRP D 292 10.41 14.19 10.51
CA TRP D 292 9.69 14.98 9.53
C TRP D 292 8.78 15.93 10.30
N GLY D 293 8.76 17.19 9.89
CA GLY D 293 7.92 18.17 10.56
C GLY D 293 7.62 19.32 9.63
N SER D 294 7.25 20.47 10.21
CA SER D 294 6.93 21.65 9.44
C SER D 294 7.43 22.91 10.15
N VAL D 295 7.80 23.92 9.37
CA VAL D 295 8.29 25.18 9.92
C VAL D 295 7.16 26.02 10.50
N ILE D 296 7.42 26.66 11.63
CA ILE D 296 6.44 27.52 12.29
C ILE D 296 6.56 28.95 11.78
N GLU E 2 27.93 18.80 -10.59
CA GLU E 2 27.53 17.44 -10.10
C GLU E 2 26.07 17.09 -10.39
N ARG E 3 25.29 18.04 -10.90
CA ARG E 3 23.90 17.76 -11.23
C ARG E 3 23.80 16.76 -12.37
N PRO E 4 22.89 15.78 -12.26
CA PRO E 4 22.72 14.77 -13.30
C PRO E 4 21.93 15.22 -14.53
N TYR E 5 21.38 16.44 -14.49
CA TYR E 5 20.61 16.94 -15.62
C TYR E 5 21.23 18.24 -16.18
N ALA E 6 20.85 18.58 -17.41
CA ALA E 6 21.34 19.79 -18.04
C ALA E 6 20.30 20.36 -18.99
N TYR E 7 20.23 21.68 -19.04
CA TYR E 7 19.31 22.36 -19.94
C TYR E 7 20.06 22.61 -21.24
N VAL E 8 19.40 22.41 -22.36
CA VAL E 8 20.00 22.63 -23.67
C VAL E 8 19.10 23.61 -24.42
N LYS E 9 19.62 24.79 -24.71
CA LYS E 9 18.85 25.81 -25.40
C LYS E 9 18.93 25.58 -26.90
N ILE E 10 17.84 25.08 -27.48
CA ILE E 10 17.79 24.78 -28.91
C ILE E 10 17.51 26.01 -29.77
N SER E 11 17.08 27.09 -29.14
CA SER E 11 16.76 28.34 -29.82
C SER E 11 16.85 29.51 -28.86
N ASP E 12 17.06 30.70 -29.38
CA ASP E 12 17.17 31.89 -28.55
C ASP E 12 16.30 33.04 -29.07
N GLY E 13 15.42 32.73 -30.00
CA GLY E 13 14.55 33.75 -30.56
C GLY E 13 13.29 33.98 -29.75
N GLY E 28 13.87 38.37 -29.52
CA GLY E 28 13.91 38.95 -30.84
C GLY E 28 13.58 37.93 -31.92
N SER E 29 14.29 38.03 -33.05
CA SER E 29 14.08 37.10 -34.16
C SER E 29 14.41 35.69 -33.72
N LEU E 30 13.61 34.73 -34.18
CA LEU E 30 13.81 33.33 -33.83
C LEU E 30 15.09 32.79 -34.49
N ARG E 31 16.00 32.29 -33.67
CA ARG E 31 17.27 31.75 -34.18
C ARG E 31 17.50 30.36 -33.59
N SER E 32 17.36 29.33 -34.43
CA SER E 32 17.54 27.95 -34.01
C SER E 32 18.96 27.44 -34.26
N ARG E 33 19.49 26.62 -33.36
CA ARG E 33 20.81 26.05 -33.55
C ARG E 33 20.60 24.83 -34.42
N SER E 34 21.63 24.43 -35.15
CA SER E 34 21.52 23.28 -36.04
C SER E 34 21.36 21.97 -35.27
N ILE E 35 20.67 21.00 -35.87
CA ILE E 35 20.49 19.73 -35.20
C ILE E 35 21.85 19.14 -34.86
N GLU E 36 22.81 19.30 -35.77
CA GLU E 36 24.16 18.78 -35.55
C GLU E 36 24.87 19.45 -34.38
N ASP E 37 24.74 20.77 -34.24
CA ASP E 37 25.40 21.48 -33.12
C ASP E 37 24.80 21.07 -31.78
N ILE E 38 23.48 20.95 -31.72
CA ILE E 38 22.80 20.57 -30.48
C ILE E 38 23.18 19.13 -30.15
N THR E 39 23.28 18.30 -31.18
CA THR E 39 23.64 16.91 -30.98
C THR E 39 25.04 16.78 -30.36
N ARG E 40 26.01 17.53 -30.88
CA ARG E 40 27.35 17.46 -30.33
C ARG E 40 27.38 17.93 -28.88
N GLU E 41 26.56 18.92 -28.54
CA GLU E 41 26.51 19.41 -27.15
C GLU E 41 25.96 18.32 -26.25
N VAL E 42 24.85 17.71 -26.65
CA VAL E 42 24.26 16.64 -25.86
C VAL E 42 25.23 15.47 -25.72
N GLU E 43 25.92 15.12 -26.81
CA GLU E 43 26.89 14.04 -26.77
C GLU E 43 27.96 14.31 -25.71
N ASP E 44 28.41 15.55 -25.63
CA ASP E 44 29.43 15.93 -24.63
C ASP E 44 28.86 15.84 -23.22
N LEU E 45 27.59 16.18 -23.06
CA LEU E 45 26.95 16.13 -21.76
C LEU E 45 26.84 14.67 -21.32
N LEU E 46 26.45 13.79 -22.25
CA LEU E 46 26.33 12.36 -21.93
C LEU E 46 27.70 11.80 -21.57
N LYS E 47 28.73 12.32 -22.22
CA LYS E 47 30.09 11.88 -21.97
C LYS E 47 30.52 12.27 -20.56
N GLU E 48 30.02 13.41 -20.06
CA GLU E 48 30.39 13.83 -18.72
C GLU E 48 29.50 13.19 -17.65
N GLY E 49 28.59 12.30 -18.07
CA GLY E 49 27.73 11.63 -17.11
C GLY E 49 26.29 12.09 -16.97
N LYS E 50 25.87 13.10 -17.72
CA LYS E 50 24.50 13.57 -17.63
C LYS E 50 23.51 12.48 -18.01
N LYS E 51 22.40 12.40 -17.27
CA LYS E 51 21.40 11.39 -17.52
C LYS E 51 20.05 11.95 -17.95
N GLU E 52 19.93 13.28 -17.93
CA GLU E 52 18.69 13.91 -18.32
C GLU E 52 19.00 15.14 -19.16
N ILE E 53 18.45 15.17 -20.37
CA ILE E 53 18.67 16.27 -21.28
C ILE E 53 17.35 17.01 -21.44
N ILE E 54 17.32 18.25 -20.97
CA ILE E 54 16.11 19.05 -21.02
C ILE E 54 16.19 20.15 -22.08
N LEU E 55 15.42 19.97 -23.16
CA LEU E 55 15.39 20.92 -24.26
C LEU E 55 14.49 22.11 -23.91
N VAL E 56 15.07 23.31 -23.99
CA VAL E 56 14.35 24.54 -23.68
C VAL E 56 14.48 25.63 -24.72
N ALA E 57 13.53 26.56 -24.69
CA ALA E 57 13.47 27.70 -25.59
C ALA E 57 12.16 28.39 -25.25
N GLN E 58 11.97 29.60 -25.77
CA GLN E 58 10.72 30.31 -25.53
C GLN E 58 9.58 29.42 -25.97
N ASP E 59 9.74 28.79 -27.13
CA ASP E 59 8.74 27.88 -27.68
C ASP E 59 9.46 26.77 -28.42
N THR E 60 9.63 25.63 -27.76
CA THR E 60 10.34 24.51 -28.36
C THR E 60 9.68 23.94 -29.61
N THR E 61 8.35 24.05 -29.71
CA THR E 61 7.66 23.54 -30.88
C THR E 61 8.00 24.33 -32.14
N SER E 62 8.54 25.53 -31.97
CA SER E 62 8.88 26.35 -33.13
C SER E 62 10.34 26.18 -33.59
N TYR E 63 11.04 25.22 -32.99
CA TYR E 63 12.42 24.95 -33.35
C TYR E 63 12.63 24.58 -34.83
N GLY E 64 13.60 25.22 -35.48
CA GLY E 64 13.89 24.91 -36.86
C GLY E 64 13.17 25.65 -37.98
N ILE E 65 12.06 26.31 -37.65
CA ILE E 65 11.31 27.04 -38.66
C ILE E 65 12.19 28.04 -39.43
N ASP E 66 13.14 28.64 -38.73
CA ASP E 66 14.03 29.63 -39.35
C ASP E 66 15.20 29.02 -40.10
N LEU E 67 15.62 27.83 -39.69
CA LEU E 67 16.76 27.16 -40.30
C LEU E 67 16.42 26.09 -41.32
N TYR E 68 15.41 25.28 -41.03
CA TYR E 68 15.00 24.21 -41.93
C TYR E 68 13.68 24.52 -42.65
N ARG E 69 13.13 25.69 -42.39
CA ARG E 69 11.88 26.10 -43.01
C ARG E 69 10.73 25.16 -42.64
N LYS E 70 10.76 24.67 -41.40
CA LYS E 70 9.72 23.79 -40.88
C LYS E 70 10.04 23.35 -39.45
N GLN E 71 9.02 22.86 -38.76
CA GLN E 71 9.17 22.41 -37.38
C GLN E 71 9.98 21.13 -37.33
N ALA E 72 11.28 21.29 -37.12
CA ALA E 72 12.19 20.17 -37.10
C ALA E 72 12.38 19.52 -35.73
N LEU E 73 11.52 19.87 -34.77
CA LEU E 73 11.62 19.29 -33.43
C LEU E 73 11.64 17.77 -33.52
N PRO E 74 10.81 17.18 -34.40
CA PRO E 74 10.78 15.72 -34.53
C PRO E 74 12.15 15.14 -34.90
N ASP E 75 12.79 15.78 -35.87
CA ASP E 75 14.11 15.37 -36.35
C ASP E 75 15.18 15.50 -35.27
N LEU E 76 15.13 16.61 -34.53
CA LEU E 76 16.09 16.83 -33.46
C LEU E 76 15.96 15.70 -32.44
N LEU E 77 14.74 15.44 -32.00
CA LEU E 77 14.48 14.39 -31.02
C LEU E 77 14.97 13.01 -31.48
N ARG E 78 14.67 12.66 -32.73
CA ARG E 78 15.10 11.38 -33.26
C ARG E 78 16.62 11.28 -33.22
N ARG E 79 17.28 12.38 -33.58
CA ARG E 79 18.74 12.42 -33.58
C ARG E 79 19.33 12.23 -32.19
N LEU E 80 18.76 12.94 -31.21
CA LEU E 80 19.26 12.85 -29.84
C LEU E 80 18.92 11.47 -29.25
N ASN E 81 17.75 10.96 -29.59
CA ASN E 81 17.32 9.65 -29.11
C ASN E 81 18.29 8.56 -29.56
N SER E 82 18.92 8.77 -30.72
CA SER E 82 19.85 7.78 -31.24
C SER E 82 21.22 7.79 -30.57
N LEU E 83 21.50 8.82 -29.78
CA LEU E 83 22.79 8.88 -29.08
C LEU E 83 22.84 7.68 -28.15
N ASN E 84 24.05 7.15 -27.92
CA ASN E 84 24.24 5.97 -27.08
C ASN E 84 24.07 6.18 -25.58
N GLY E 85 23.44 5.21 -24.91
CA GLY E 85 23.28 5.31 -23.47
C GLY E 85 21.85 5.31 -22.96
N GLU E 86 21.71 5.16 -21.65
CA GLU E 86 20.42 5.20 -21.01
C GLU E 86 20.34 6.61 -20.43
N PHE E 87 19.38 7.39 -20.91
CA PHE E 87 19.20 8.75 -20.43
C PHE E 87 17.81 9.23 -20.80
N TRP E 88 17.40 10.34 -20.21
CA TRP E 88 16.09 10.91 -20.49
C TRP E 88 16.23 12.18 -21.31
N ILE E 89 15.25 12.39 -22.19
CA ILE E 89 15.18 13.59 -23.00
C ILE E 89 13.85 14.22 -22.58
N ARG E 90 13.87 15.42 -22.00
CA ARG E 90 12.65 16.08 -21.56
C ARG E 90 12.44 17.38 -22.32
N VAL E 91 11.26 17.57 -22.89
CA VAL E 91 10.99 18.79 -23.61
C VAL E 91 10.13 19.69 -22.74
N MSE E 92 10.41 20.98 -22.78
CA MSE E 92 9.61 21.89 -22.00
C MSE E 92 9.20 23.08 -22.85
O MSE E 92 9.66 23.24 -23.98
CB MSE E 92 10.39 22.31 -20.76
CG MSE E 92 10.58 21.14 -19.78
SE MSE E 92 11.33 21.66 -18.12
CE MSE E 92 9.69 22.15 -17.22
N TYR E 93 8.28 23.88 -22.32
CA TYR E 93 7.80 25.06 -23.01
C TYR E 93 7.18 24.79 -24.37
N LEU E 94 6.26 23.82 -24.43
CA LEU E 94 5.57 23.50 -25.68
C LEU E 94 4.43 24.50 -25.82
N HIS E 95 4.16 24.95 -27.05
CA HIS E 95 3.07 25.88 -27.30
C HIS E 95 1.94 25.06 -27.92
N PRO E 96 0.78 25.03 -27.27
CA PRO E 96 -0.37 24.26 -27.77
C PRO E 96 -0.75 24.50 -29.22
N ASP E 97 -0.78 25.76 -29.64
CA ASP E 97 -1.15 26.08 -31.02
C ASP E 97 -0.17 25.53 -32.04
N HIS E 98 1.06 25.31 -31.61
CA HIS E 98 2.10 24.81 -32.50
C HIS E 98 2.43 23.34 -32.26
N LEU E 99 1.75 22.72 -31.31
CA LEU E 99 1.98 21.31 -31.01
C LEU E 99 1.32 20.47 -32.08
N THR E 100 2.11 20.05 -33.06
CA THR E 100 1.59 19.25 -34.18
C THR E 100 1.63 17.75 -33.89
N GLU E 101 0.82 17.02 -34.66
CA GLU E 101 0.77 15.57 -34.50
C GLU E 101 2.14 14.96 -34.77
N GLU E 102 2.94 15.63 -35.58
CA GLU E 102 4.28 15.15 -35.90
C GLU E 102 5.16 15.22 -34.65
N ILE E 103 4.99 16.27 -33.87
CA ILE E 103 5.78 16.42 -32.64
C ILE E 103 5.29 15.43 -31.59
N ILE E 104 3.98 15.39 -31.38
CA ILE E 104 3.37 14.49 -30.41
C ILE E 104 3.75 13.04 -30.71
N SER E 105 3.65 12.66 -31.97
CA SER E 105 3.96 11.30 -32.36
C SER E 105 5.42 10.94 -32.07
N ALA E 106 6.34 11.87 -32.35
CA ALA E 106 7.76 11.62 -32.12
C ALA E 106 8.04 11.45 -30.62
N MSE E 107 7.45 12.32 -29.82
CA MSE E 107 7.63 12.26 -28.38
C MSE E 107 7.11 10.95 -27.81
O MSE E 107 7.69 10.40 -26.87
CB MSE E 107 6.95 13.45 -27.72
CG MSE E 107 7.70 14.76 -27.93
SE MSE E 107 6.83 16.34 -27.23
CE MSE E 107 7.19 16.07 -25.34
N LEU E 108 6.03 10.44 -28.38
CA LEU E 108 5.45 9.19 -27.90
C LEU E 108 6.17 7.95 -28.40
N GLU E 109 6.74 8.00 -29.60
CA GLU E 109 7.43 6.84 -30.16
C GLU E 109 8.88 6.68 -29.71
N LEU E 110 9.59 7.79 -29.55
CA LEU E 110 11.00 7.73 -29.13
C LEU E 110 11.13 7.30 -27.67
N ASP E 111 11.71 6.11 -27.46
CA ASP E 111 11.83 5.56 -26.11
C ASP E 111 12.54 6.37 -25.03
N LYS E 112 13.52 7.19 -25.40
CA LYS E 112 14.22 7.97 -24.38
C LYS E 112 13.54 9.31 -24.08
N VAL E 113 12.55 9.68 -24.88
CA VAL E 113 11.84 10.92 -24.63
C VAL E 113 10.77 10.60 -23.59
N VAL E 114 10.82 11.30 -22.46
CA VAL E 114 9.83 11.08 -21.42
C VAL E 114 8.48 11.61 -21.90
N LYS E 115 7.41 10.85 -21.62
CA LYS E 115 6.06 11.23 -22.04
C LYS E 115 5.50 12.34 -21.18
N TYR E 116 6.27 13.42 -21.10
CA TYR E 116 5.96 14.60 -20.31
C TYR E 116 5.65 15.74 -21.26
N PHE E 117 4.43 16.27 -21.15
CA PHE E 117 3.99 17.35 -22.01
C PHE E 117 3.74 18.64 -21.28
N ASP E 118 4.69 19.56 -21.40
CA ASP E 118 4.61 20.87 -20.76
C ASP E 118 3.98 21.82 -21.77
N VAL E 119 2.66 21.94 -21.71
CA VAL E 119 1.93 22.78 -22.65
C VAL E 119 0.86 23.65 -21.99
N PRO E 120 1.24 24.88 -21.59
CA PRO E 120 0.31 25.82 -20.94
C PRO E 120 -0.76 26.30 -21.91
N VAL E 121 -2.02 26.06 -21.56
CA VAL E 121 -3.13 26.46 -22.40
C VAL E 121 -3.75 27.80 -22.03
N GLN E 122 -3.36 28.35 -20.89
CA GLN E 122 -3.84 29.65 -20.44
C GLN E 122 -5.31 29.71 -20.01
N HIS E 123 -6.19 29.01 -20.70
CA HIS E 123 -7.60 29.04 -20.34
C HIS E 123 -8.41 27.96 -21.07
N GLY E 124 -9.68 27.82 -20.70
CA GLY E 124 -10.52 26.81 -21.33
C GLY E 124 -11.70 27.39 -22.07
N SER E 125 -11.97 28.67 -21.83
CA SER E 125 -13.06 29.37 -22.48
C SER E 125 -12.62 29.87 -23.85
N ASP E 126 -13.38 29.54 -24.89
CA ASP E 126 -13.02 29.99 -26.25
C ASP E 126 -12.99 31.51 -26.37
N LYS E 127 -13.90 32.17 -25.67
CA LYS E 127 -13.95 33.62 -25.68
C LYS E 127 -12.65 34.22 -25.14
N ILE E 128 -12.22 33.74 -23.99
CA ILE E 128 -10.98 34.23 -23.37
C ILE E 128 -9.76 33.85 -24.19
N LEU E 129 -9.77 32.64 -24.75
CA LEU E 129 -8.65 32.18 -25.55
C LEU E 129 -8.42 33.11 -26.75
N LYS E 130 -9.50 33.45 -27.45
CA LYS E 130 -9.40 34.35 -28.59
C LYS E 130 -8.88 35.72 -28.17
N LEU E 131 -9.33 36.17 -27.00
CA LEU E 131 -8.89 37.47 -26.49
C LEU E 131 -7.42 37.45 -26.10
N MSE E 132 -6.86 36.25 -25.93
CA MSE E 132 -5.46 36.12 -25.55
C MSE E 132 -4.58 35.84 -26.78
O MSE E 132 -3.38 35.63 -26.66
CB MSE E 132 -5.28 35.00 -24.52
CG MSE E 132 -5.99 35.28 -23.19
SE MSE E 132 -5.75 33.86 -21.89
CE MSE E 132 -6.77 32.49 -22.79
N GLY E 133 -5.20 35.85 -27.96
CA GLY E 133 -4.45 35.60 -29.18
C GLY E 133 -4.31 34.12 -29.49
N ARG E 134 -4.93 33.28 -28.66
CA ARG E 134 -4.87 31.83 -28.86
C ARG E 134 -5.64 31.42 -30.09
N THR E 135 -5.04 30.53 -30.88
CA THR E 135 -5.65 30.06 -32.11
C THR E 135 -6.59 28.86 -31.90
N LYS E 136 -6.01 27.71 -31.56
CA LYS E 136 -6.80 26.50 -31.35
C LYS E 136 -7.90 26.74 -30.31
N SER E 137 -9.04 26.07 -30.51
CA SER E 137 -10.17 26.21 -29.59
C SER E 137 -10.08 25.22 -28.45
N SER E 138 -10.91 25.41 -27.43
CA SER E 138 -10.93 24.51 -26.28
C SER E 138 -11.22 23.09 -26.75
N GLU E 139 -12.08 22.96 -27.77
CA GLU E 139 -12.44 21.65 -28.30
C GLU E 139 -11.22 21.01 -28.94
N GLU E 140 -10.46 21.80 -29.70
CA GLU E 140 -9.27 21.29 -30.36
C GLU E 140 -8.21 20.91 -29.34
N LEU E 141 -8.03 21.77 -28.33
CA LEU E 141 -7.05 21.51 -27.28
C LEU E 141 -7.38 20.21 -26.57
N LYS E 142 -8.65 20.04 -26.20
CA LYS E 142 -9.09 18.83 -25.51
C LYS E 142 -8.94 17.59 -26.38
N LYS E 143 -9.21 17.75 -27.68
CA LYS E 143 -9.09 16.62 -28.59
C LYS E 143 -7.61 16.22 -28.65
N MSE E 144 -6.74 17.23 -28.77
CA MSE E 144 -5.31 17.00 -28.83
C MSE E 144 -4.80 16.26 -27.59
O MSE E 144 -4.23 15.17 -27.69
CB MSE E 144 -4.56 18.34 -28.96
CG MSE E 144 -3.05 18.23 -28.85
SE MSE E 144 -2.20 19.94 -29.04
CE MSE E 144 -2.59 20.70 -27.31
N LEU E 145 -5.03 16.84 -26.43
CA LEU E 145 -4.60 16.27 -25.15
C LEU E 145 -5.18 14.88 -24.92
N SER E 146 -6.45 14.73 -25.28
CA SER E 146 -7.14 13.45 -25.13
C SER E 146 -6.46 12.39 -25.98
N SER E 147 -6.10 12.79 -27.20
CA SER E 147 -5.44 11.92 -28.16
C SER E 147 -4.13 11.37 -27.59
N ILE E 148 -3.41 12.21 -26.86
CA ILE E 148 -2.14 11.83 -26.24
C ILE E 148 -2.39 10.76 -25.18
N ARG E 149 -3.33 11.04 -24.28
CA ARG E 149 -3.67 10.12 -23.20
C ARG E 149 -4.17 8.76 -23.72
N GLU E 150 -4.92 8.78 -24.83
CA GLU E 150 -5.43 7.53 -25.39
C GLU E 150 -4.28 6.63 -25.83
N ARG E 151 -3.25 7.21 -26.42
CA ARG E 151 -2.10 6.44 -26.88
C ARG E 151 -1.16 6.07 -25.74
N PHE E 152 -1.11 6.91 -24.71
CA PHE E 152 -0.24 6.65 -23.56
C PHE E 152 -0.96 7.14 -22.30
N PRO E 153 -1.76 6.26 -21.66
CA PRO E 153 -2.52 6.59 -20.45
C PRO E 153 -1.73 7.28 -19.33
N ASP E 154 -0.46 6.92 -19.14
CA ASP E 154 0.32 7.57 -18.09
C ASP E 154 0.94 8.91 -18.49
N ALA E 155 0.70 9.35 -19.72
CA ALA E 155 1.25 10.62 -20.18
C ALA E 155 1.00 11.73 -19.17
N VAL E 156 2.07 12.45 -18.82
CA VAL E 156 1.94 13.56 -17.90
C VAL E 156 1.64 14.83 -18.70
N LEU E 157 0.57 15.52 -18.30
CA LEU E 157 0.12 16.75 -18.96
C LEU E 157 0.27 17.86 -17.93
N ARG E 158 1.12 18.83 -18.26
CA ARG E 158 1.42 19.94 -17.39
C ARG E 158 1.02 21.23 -18.05
N THR E 159 0.27 22.06 -17.35
CA THR E 159 -0.16 23.30 -17.95
C THR E 159 -0.21 24.45 -16.95
N SER E 160 -0.58 25.61 -17.46
CA SER E 160 -0.69 26.81 -16.65
C SER E 160 -1.99 27.52 -17.05
N ILE E 161 -2.61 28.19 -16.09
CA ILE E 161 -3.87 28.89 -16.34
C ILE E 161 -3.84 30.28 -15.71
N ILE E 162 -4.44 31.24 -16.39
CA ILE E 162 -4.48 32.61 -15.88
C ILE E 162 -5.93 33.07 -15.73
N VAL E 163 -6.37 33.16 -14.48
CA VAL E 163 -7.74 33.59 -14.18
C VAL E 163 -7.75 35.08 -13.87
N GLY E 164 -8.80 35.76 -14.33
CA GLY E 164 -8.90 37.19 -14.08
C GLY E 164 -8.54 38.02 -15.29
N PHE E 165 -8.64 37.41 -16.47
CA PHE E 165 -8.33 38.11 -17.70
C PHE E 165 -9.51 39.02 -18.04
N PRO E 166 -9.23 40.27 -18.47
CA PRO E 166 -10.26 41.24 -18.83
C PRO E 166 -11.34 40.65 -19.74
N GLY E 167 -12.57 40.61 -19.24
CA GLY E 167 -13.66 40.07 -20.03
C GLY E 167 -14.07 38.67 -19.59
N GLU E 168 -13.45 38.18 -18.53
CA GLU E 168 -13.76 36.85 -18.01
C GLU E 168 -15.00 36.90 -17.13
N THR E 169 -16.05 36.19 -17.52
CA THR E 169 -17.28 36.15 -16.75
C THR E 169 -17.47 34.83 -16.03
N GLU E 170 -18.48 34.78 -15.16
CA GLU E 170 -18.78 33.56 -14.41
C GLU E 170 -18.94 32.38 -15.35
N GLU E 171 -19.51 32.65 -16.52
CA GLU E 171 -19.73 31.61 -17.52
C GLU E 171 -18.43 31.12 -18.12
N ASP E 172 -17.47 32.02 -18.28
CA ASP E 172 -16.17 31.67 -18.84
C ASP E 172 -15.43 30.78 -17.84
N PHE E 173 -15.39 31.22 -16.59
CA PHE E 173 -14.72 30.46 -15.54
C PHE E 173 -15.38 29.11 -15.38
N GLU E 174 -16.71 29.09 -15.53
CA GLU E 174 -17.46 27.85 -15.40
C GLU E 174 -17.02 26.90 -16.52
N GLU E 175 -16.78 27.48 -17.68
CA GLU E 175 -16.35 26.71 -18.84
C GLU E 175 -14.94 26.17 -18.58
N LEU E 176 -14.11 27.00 -17.95
CA LEU E 176 -12.76 26.63 -17.62
C LEU E 176 -12.77 25.44 -16.67
N LYS E 177 -13.64 25.48 -15.66
CA LYS E 177 -13.73 24.41 -14.69
C LYS E 177 -14.04 23.03 -15.30
N GLN E 178 -14.97 22.98 -16.26
CA GLN E 178 -15.28 21.67 -16.85
C GLN E 178 -14.13 21.29 -17.78
N PHE E 179 -13.45 22.31 -18.29
CA PHE E 179 -12.31 22.15 -19.18
C PHE E 179 -11.22 21.38 -18.44
N VAL E 180 -10.84 21.88 -17.27
CA VAL E 180 -9.81 21.23 -16.47
C VAL E 180 -10.29 19.88 -15.94
N GLU E 181 -11.59 19.76 -15.71
CA GLU E 181 -12.16 18.51 -15.22
C GLU E 181 -12.18 17.44 -16.29
N GLU E 182 -12.36 17.84 -17.54
CA GLU E 182 -12.40 16.87 -18.63
C GLU E 182 -11.02 16.34 -19.03
N ILE E 183 -10.03 17.23 -19.08
CA ILE E 183 -8.68 16.84 -19.46
C ILE E 183 -7.93 16.07 -18.36
N GLN E 184 -8.08 16.51 -17.12
CA GLN E 184 -7.40 15.84 -16.00
C GLN E 184 -5.88 16.01 -16.10
N PHE E 185 -5.41 17.25 -16.03
CA PHE E 185 -3.98 17.54 -16.09
C PHE E 185 -3.34 16.93 -14.83
N ASP E 186 -2.08 16.49 -14.94
CA ASP E 186 -1.41 15.93 -13.77
C ASP E 186 -0.90 17.08 -12.93
N LYS E 187 -0.52 18.15 -13.62
CA LYS E 187 0.05 19.32 -12.98
C LYS E 187 -0.52 20.57 -13.62
N LEU E 188 -0.89 21.56 -12.80
CA LEU E 188 -1.47 22.77 -13.33
C LEU E 188 -1.32 23.96 -12.39
N GLY E 189 -0.70 25.02 -12.90
CA GLY E 189 -0.52 26.23 -12.10
C GLY E 189 -1.58 27.25 -12.48
N ALA E 190 -2.05 28.01 -11.52
CA ALA E 190 -3.06 29.03 -11.78
C ALA E 190 -2.60 30.38 -11.25
N PHE E 191 -2.55 31.37 -12.14
CA PHE E 191 -2.11 32.71 -11.78
C PHE E 191 -3.19 33.75 -12.10
N VAL E 192 -3.01 34.96 -11.57
CA VAL E 192 -3.97 36.05 -11.79
C VAL E 192 -3.43 37.07 -12.79
N TYR E 193 -4.30 37.52 -13.68
CA TYR E 193 -3.92 38.50 -14.70
C TYR E 193 -3.25 39.73 -14.09
N SER E 194 -2.38 40.37 -14.87
CA SER E 194 -1.67 41.55 -14.41
C SER E 194 -1.10 42.35 -15.59
N ASP E 195 -1.37 43.65 -15.61
CA ASP E 195 -0.88 44.51 -16.68
C ASP E 195 -0.01 45.64 -16.12
N LYS E 207 -11.48 43.66 -16.79
CA LYS E 207 -12.66 44.20 -16.12
C LYS E 207 -12.82 43.61 -14.73
N VAL E 208 -12.64 42.29 -14.63
CA VAL E 208 -12.77 41.57 -13.37
C VAL E 208 -11.90 42.18 -12.27
N ASP E 209 -12.45 42.23 -11.06
CA ASP E 209 -11.74 42.79 -9.92
C ASP E 209 -10.82 41.73 -9.32
N PRO E 210 -9.71 42.16 -8.69
CA PRO E 210 -8.75 41.25 -8.07
C PRO E 210 -9.31 40.49 -6.88
N GLU E 211 -10.39 41.00 -6.31
CA GLU E 211 -11.03 40.39 -5.14
C GLU E 211 -11.83 39.14 -5.55
N MSE E 212 -12.36 39.17 -6.76
CA MSE E 212 -13.15 38.05 -7.27
C MSE E 212 -12.21 36.99 -7.84
O MSE E 212 -12.45 35.79 -7.68
CB MSE E 212 -14.10 38.54 -8.37
CG MSE E 212 -15.50 37.95 -8.31
SE MSE E 212 -15.57 36.02 -8.42
CE MSE E 212 -16.52 35.64 -6.77
N ALA E 213 -11.17 37.45 -8.51
CA ALA E 213 -10.19 36.56 -9.13
C ALA E 213 -9.53 35.65 -8.10
N LYS E 214 -9.55 36.05 -6.83
CA LYS E 214 -8.96 35.27 -5.77
C LYS E 214 -9.78 34.00 -5.52
N ARG E 215 -11.10 34.16 -5.40
CA ARG E 215 -11.97 33.01 -5.17
C ARG E 215 -11.81 32.02 -6.32
N ARG E 216 -11.70 32.53 -7.53
CA ARG E 216 -11.53 31.69 -8.71
C ARG E 216 -10.18 30.99 -8.69
N GLN E 217 -9.14 31.71 -8.29
CA GLN E 217 -7.81 31.11 -8.25
C GLN E 217 -7.76 29.97 -7.24
N GLU E 218 -8.30 30.19 -6.05
CA GLU E 218 -8.31 29.16 -5.02
C GLU E 218 -9.24 28.01 -5.38
N GLU E 219 -10.34 28.33 -6.04
CA GLU E 219 -11.30 27.30 -6.44
C GLU E 219 -10.64 26.40 -7.48
N LEU E 220 -10.00 27.03 -8.47
CA LEU E 220 -9.33 26.26 -9.53
C LEU E 220 -8.26 25.37 -8.91
N LEU E 221 -7.50 25.92 -7.97
CA LEU E 221 -6.45 25.14 -7.30
C LEU E 221 -7.06 24.04 -6.45
N LEU E 222 -8.18 24.37 -5.81
CA LEU E 222 -8.89 23.41 -4.97
C LEU E 222 -9.39 22.26 -5.83
N LEU E 223 -9.92 22.57 -7.00
CA LEU E 223 -10.42 21.52 -7.89
C LEU E 223 -9.27 20.70 -8.45
N GLN E 224 -8.19 21.37 -8.83
CA GLN E 224 -7.02 20.69 -9.38
C GLN E 224 -6.34 19.78 -8.36
N ALA E 225 -6.29 20.22 -7.10
CA ALA E 225 -5.68 19.40 -6.05
C ALA E 225 -6.27 17.99 -6.08
N GLU E 226 -7.57 17.90 -6.26
CA GLU E 226 -8.27 16.62 -6.32
C GLU E 226 -7.73 15.83 -7.51
N ILE E 227 -7.77 16.48 -8.67
CA ILE E 227 -7.29 15.87 -9.90
C ILE E 227 -5.82 15.44 -9.81
N SER E 228 -4.96 16.34 -9.35
CA SER E 228 -3.53 16.01 -9.24
C SER E 228 -3.30 14.82 -8.30
N ASN E 229 -4.04 14.78 -7.20
CA ASN E 229 -3.89 13.70 -6.25
C ASN E 229 -4.38 12.41 -6.87
N SER E 230 -5.47 12.49 -7.63
CA SER E 230 -6.01 11.30 -8.27
C SER E 230 -5.02 10.78 -9.32
N ARG E 231 -4.38 11.67 -10.06
CA ARG E 231 -3.42 11.23 -11.06
C ARG E 231 -2.26 10.51 -10.39
N LEU E 232 -1.74 11.10 -9.31
CA LEU E 232 -0.63 10.49 -8.57
C LEU E 232 -1.01 9.13 -7.98
N ASP E 233 -2.29 8.94 -7.67
CA ASP E 233 -2.74 7.66 -7.09
C ASP E 233 -2.54 6.47 -8.02
N ARG E 234 -2.63 6.68 -9.32
CA ARG E 234 -2.46 5.56 -10.24
C ARG E 234 -0.99 5.18 -10.41
N PHE E 235 -0.12 5.86 -9.68
CA PHE E 235 1.31 5.57 -9.73
C PHE E 235 1.71 4.80 -8.48
N VAL E 236 0.89 4.91 -7.44
CA VAL E 236 1.18 4.22 -6.18
C VAL E 236 1.25 2.71 -6.36
N GLY E 237 2.34 2.11 -5.87
CA GLY E 237 2.51 0.68 -5.97
C GLY E 237 2.96 0.19 -7.34
N LYS E 238 3.59 1.07 -8.12
CA LYS E 238 4.07 0.69 -9.45
C LYS E 238 5.54 1.02 -9.66
N LYS E 239 6.16 0.31 -10.59
CA LYS E 239 7.58 0.49 -10.90
C LYS E 239 7.87 1.70 -11.78
N LEU E 240 8.68 2.61 -11.26
CA LEU E 240 9.06 3.81 -11.99
C LEU E 240 10.57 4.02 -11.92
N LYS E 241 11.12 4.61 -12.97
CA LYS E 241 12.55 4.88 -13.04
C LYS E 241 12.82 6.09 -12.14
N PHE E 242 13.91 6.03 -11.38
CA PHE E 242 14.27 7.09 -10.45
C PHE E 242 15.69 7.57 -10.66
N LEU E 243 15.85 8.87 -10.89
CA LEU E 243 17.18 9.45 -11.09
C LEU E 243 17.65 10.04 -9.76
N VAL E 244 18.72 9.48 -9.22
CA VAL E 244 19.27 9.93 -7.94
C VAL E 244 19.95 11.30 -8.09
N GLU E 245 19.54 12.27 -7.27
CA GLU E 245 20.15 13.58 -7.34
C GLU E 245 20.86 13.96 -6.04
N GLY E 246 20.64 13.18 -5.00
CA GLY E 246 21.29 13.46 -3.72
C GLY E 246 20.96 12.38 -2.71
N LYS E 247 21.59 12.47 -1.54
CA LYS E 247 21.36 11.51 -0.47
C LYS E 247 21.27 12.29 0.83
N GLU E 248 20.23 12.02 1.61
CA GLU E 248 20.01 12.70 2.88
C GLU E 248 19.63 11.68 3.94
N GLY E 249 20.54 11.44 4.89
CA GLY E 249 20.26 10.47 5.92
C GLY E 249 20.08 9.09 5.31
N LYS E 250 18.94 8.46 5.57
CA LYS E 250 18.66 7.14 5.04
C LYS E 250 17.77 7.22 3.79
N PHE E 251 17.55 8.46 3.32
CA PHE E 251 16.72 8.68 2.16
C PHE E 251 17.49 9.16 0.93
N LEU E 252 17.06 8.69 -0.23
CA LEU E 252 17.68 9.08 -1.49
C LEU E 252 16.71 10.15 -2.02
N VAL E 253 17.24 11.24 -2.56
CA VAL E 253 16.39 12.29 -3.10
C VAL E 253 16.58 12.36 -4.60
N GLY E 254 15.48 12.52 -5.33
CA GLY E 254 15.57 12.60 -6.77
C GLY E 254 14.22 12.79 -7.42
N ARG E 255 14.08 12.33 -8.66
CA ARG E 255 12.84 12.47 -9.38
C ARG E 255 12.54 11.28 -10.27
N THR E 256 11.26 11.01 -10.45
CA THR E 256 10.81 9.94 -11.34
C THR E 256 10.68 10.73 -12.65
N TRP E 257 10.48 10.05 -13.78
CA TRP E 257 10.39 10.75 -15.07
C TRP E 257 9.29 11.81 -15.13
N THR E 258 8.23 11.61 -14.35
CA THR E 258 7.10 12.52 -14.31
C THR E 258 7.39 13.90 -13.76
N GLU E 259 8.57 14.07 -13.18
CA GLU E 259 8.93 15.34 -12.54
C GLU E 259 10.12 16.08 -13.16
N ALA E 260 9.91 17.34 -13.54
CA ALA E 260 10.98 18.17 -14.08
C ALA E 260 11.73 18.70 -12.87
N PRO E 261 12.98 19.15 -13.06
CA PRO E 261 13.75 19.67 -11.93
C PRO E 261 13.26 21.05 -11.47
N GLU E 262 13.36 21.27 -10.16
CA GLU E 262 12.99 22.53 -9.52
C GLU E 262 11.55 23.02 -9.63
N VAL E 263 10.93 22.81 -10.79
CA VAL E 263 9.57 23.29 -11.01
C VAL E 263 8.43 22.35 -10.66
N ASP E 264 8.75 21.09 -10.37
CA ASP E 264 7.72 20.13 -10.04
C ASP E 264 7.91 19.58 -8.62
N GLY E 265 7.69 18.28 -8.46
CA GLY E 265 7.84 17.66 -7.15
C GLY E 265 9.14 16.90 -6.99
N VAL E 266 9.37 16.38 -5.79
CA VAL E 266 10.56 15.61 -5.49
C VAL E 266 10.13 14.24 -4.97
N VAL E 267 10.98 13.24 -5.18
CA VAL E 267 10.69 11.87 -4.75
C VAL E 267 11.72 11.39 -3.74
N PHE E 268 11.26 10.98 -2.56
CA PHE E 268 12.13 10.49 -1.50
C PHE E 268 12.06 8.97 -1.46
N VAL E 269 13.20 8.32 -1.65
CA VAL E 269 13.23 6.88 -1.66
C VAL E 269 14.29 6.34 -0.72
N ARG E 270 13.91 5.42 0.15
CA ARG E 270 14.88 4.85 1.07
C ARG E 270 15.59 3.70 0.39
N GLY E 271 16.90 3.77 0.38
CA GLY E 271 17.72 2.76 -0.26
C GLY E 271 19.09 3.33 -0.51
N LYS E 272 20.00 2.52 -1.06
CA LYS E 272 21.34 3.00 -1.32
C LYS E 272 21.57 3.20 -2.82
N GLY E 273 22.38 4.20 -3.16
CA GLY E 273 22.68 4.48 -4.55
C GLY E 273 23.54 5.71 -4.72
N LYS E 274 24.15 5.86 -5.89
CA LYS E 274 25.00 7.02 -6.17
C LYS E 274 24.24 8.06 -6.99
N ILE E 275 24.67 9.31 -6.87
CA ILE E 275 24.05 10.39 -7.60
C ILE E 275 24.28 10.19 -9.09
N GLY E 276 23.25 10.45 -9.89
CA GLY E 276 23.37 10.29 -11.33
C GLY E 276 22.97 8.91 -11.81
N ASP E 277 22.65 8.02 -10.87
CA ASP E 277 22.25 6.67 -11.23
C ASP E 277 20.74 6.51 -11.37
N PHE E 278 20.32 5.62 -12.25
CA PHE E 278 18.91 5.34 -12.46
C PHE E 278 18.54 4.13 -11.60
N LEU E 279 17.44 4.23 -10.88
CA LEU E 279 17.01 3.12 -10.03
C LEU E 279 15.57 2.79 -10.30
N GLU E 280 15.14 1.64 -9.80
CA GLU E 280 13.77 1.20 -9.95
C GLU E 280 13.13 1.44 -8.60
N VAL E 281 12.06 2.23 -8.55
CA VAL E 281 11.41 2.51 -7.28
C VAL E 281 9.90 2.29 -7.35
N VAL E 282 9.31 2.01 -6.20
CA VAL E 282 7.87 1.82 -6.11
C VAL E 282 7.34 2.87 -5.15
N ILE E 283 6.39 3.68 -5.62
CA ILE E 283 5.81 4.74 -4.82
C ILE E 283 4.80 4.18 -3.83
N LYS E 284 5.03 4.43 -2.54
CA LYS E 284 4.12 3.97 -1.49
C LYS E 284 3.07 5.01 -1.17
N GLU E 285 3.47 6.28 -1.22
CA GLU E 285 2.55 7.37 -0.91
C GLU E 285 3.02 8.70 -1.48
N HIS E 286 2.12 9.67 -1.50
CA HIS E 286 2.42 11.00 -2.00
C HIS E 286 1.67 12.04 -1.18
N ASP E 287 2.20 13.26 -1.12
CA ASP E 287 1.58 14.33 -0.37
C ASP E 287 2.09 15.69 -0.84
N GLU E 288 1.19 16.64 -1.01
CA GLU E 288 1.58 17.97 -1.47
C GLU E 288 2.34 17.82 -2.79
N TYR E 289 1.96 16.82 -3.57
CA TYR E 289 2.56 16.53 -4.87
C TYR E 289 3.96 15.91 -4.80
N ASP E 290 4.45 15.66 -3.58
CA ASP E 290 5.75 15.03 -3.43
C ASP E 290 5.51 13.54 -3.24
N MSE E 291 6.52 12.71 -3.47
CA MSE E 291 6.35 11.26 -3.34
C MSE E 291 7.37 10.56 -2.46
O MSE E 291 8.52 10.99 -2.33
CB MSE E 291 6.37 10.60 -4.72
CG MSE E 291 5.23 11.02 -5.63
SE MSE E 291 5.30 10.10 -7.36
CE MSE E 291 6.08 11.55 -8.40
N TRP E 292 6.93 9.45 -1.86
CA TRP E 292 7.75 8.63 -1.00
C TRP E 292 7.65 7.18 -1.45
N GLY E 293 8.79 6.53 -1.61
CA GLY E 293 8.79 5.15 -2.04
C GLY E 293 10.00 4.40 -1.54
N SER E 294 10.31 3.29 -2.20
CA SER E 294 11.45 2.47 -1.83
C SER E 294 12.07 1.85 -3.08
N VAL E 295 13.38 1.63 -3.04
CA VAL E 295 14.09 1.05 -4.17
C VAL E 295 13.77 -0.43 -4.31
N ILE E 296 13.23 -0.79 -5.48
CA ILE E 296 12.87 -2.18 -5.76
C ILE E 296 13.36 -2.58 -7.14
N GLU F 2 21.34 -33.66 -3.44
CA GLU F 2 19.88 -33.75 -3.14
C GLU F 2 19.06 -32.98 -4.16
N ARG F 3 19.76 -32.30 -5.07
CA ARG F 3 19.10 -31.53 -6.12
C ARG F 3 18.61 -32.48 -7.19
N PRO F 4 17.47 -32.15 -7.84
CA PRO F 4 16.92 -33.00 -8.89
C PRO F 4 17.63 -32.87 -10.25
N TYR F 5 18.69 -32.09 -10.30
CA TYR F 5 19.44 -31.90 -11.55
C TYR F 5 20.92 -32.22 -11.38
N ALA F 6 21.59 -32.50 -12.51
CA ALA F 6 23.01 -32.82 -12.51
C ALA F 6 23.67 -32.36 -13.80
N TYR F 7 24.89 -31.86 -13.68
CA TYR F 7 25.63 -31.42 -14.84
C TYR F 7 26.44 -32.60 -15.36
N VAL F 8 26.38 -32.82 -16.67
CA VAL F 8 27.12 -33.91 -17.29
C VAL F 8 28.12 -33.27 -18.27
N LYS F 9 29.41 -33.45 -17.99
CA LYS F 9 30.47 -32.88 -18.82
C LYS F 9 30.80 -33.85 -19.96
N ILE F 10 30.35 -33.53 -21.17
CA ILE F 10 30.55 -34.42 -22.31
C ILE F 10 31.92 -34.32 -22.99
N SER F 11 32.66 -33.25 -22.66
CA SER F 11 33.99 -32.99 -23.23
C SER F 11 34.75 -32.03 -22.33
N ASP F 12 36.05 -31.91 -22.56
CA ASP F 12 36.88 -30.99 -21.78
C ASP F 12 38.13 -30.62 -22.56
N GLY F 28 43.09 -28.01 -23.20
CA GLY F 28 43.65 -27.68 -24.50
C GLY F 28 42.94 -28.39 -25.64
N SER F 29 43.51 -29.50 -26.08
CA SER F 29 42.94 -30.29 -27.16
C SER F 29 41.54 -30.77 -26.77
N LEU F 30 40.62 -30.79 -27.74
CA LEU F 30 39.26 -31.23 -27.50
C LEU F 30 39.27 -32.70 -27.11
N ARG F 31 38.75 -33.01 -25.93
CA ARG F 31 38.71 -34.38 -25.44
C ARG F 31 37.29 -34.76 -25.04
N SER F 32 36.61 -35.51 -25.90
CA SER F 32 35.24 -35.90 -25.61
C SER F 32 35.09 -37.34 -25.11
N ARG F 33 34.04 -37.56 -24.32
CA ARG F 33 33.77 -38.89 -23.81
C ARG F 33 32.87 -39.60 -24.82
N SER F 34 32.95 -40.93 -24.88
CA SER F 34 32.14 -41.70 -25.81
C SER F 34 30.67 -41.60 -25.44
N ILE F 35 29.80 -41.85 -26.40
CA ILE F 35 28.37 -41.81 -26.16
C ILE F 35 28.00 -42.88 -25.15
N GLU F 36 28.66 -44.03 -25.24
CA GLU F 36 28.36 -45.12 -24.30
C GLU F 36 28.67 -44.73 -22.87
N ASP F 37 29.83 -44.11 -22.63
CA ASP F 37 30.19 -43.70 -21.27
C ASP F 37 29.24 -42.63 -20.74
N ILE F 38 28.91 -41.64 -21.56
CA ILE F 38 28.00 -40.58 -21.10
C ILE F 38 26.64 -41.20 -20.78
N THR F 39 26.18 -42.09 -21.63
CA THR F 39 24.89 -42.75 -21.42
C THR F 39 24.85 -43.53 -20.10
N ARG F 40 25.93 -44.25 -19.79
CA ARG F 40 25.99 -45.01 -18.55
C ARG F 40 25.92 -44.07 -17.35
N GLU F 41 26.60 -42.93 -17.45
CA GLU F 41 26.58 -41.97 -16.35
C GLU F 41 25.17 -41.44 -16.13
N VAL F 42 24.51 -41.06 -17.21
CA VAL F 42 23.16 -40.54 -17.12
C VAL F 42 22.19 -41.58 -16.57
N GLU F 43 22.28 -42.81 -17.06
CA GLU F 43 21.39 -43.87 -16.59
C GLU F 43 21.51 -44.01 -15.07
N ASP F 44 22.72 -43.89 -14.55
CA ASP F 44 22.95 -43.98 -13.11
C ASP F 44 22.26 -42.80 -12.43
N LEU F 45 22.41 -41.61 -13.01
CA LEU F 45 21.79 -40.43 -12.43
C LEU F 45 20.28 -40.56 -12.36
N LEU F 46 19.67 -41.07 -13.43
CA LEU F 46 18.22 -41.26 -13.46
C LEU F 46 17.77 -42.26 -12.41
N LYS F 47 18.65 -43.23 -12.15
CA LYS F 47 18.37 -44.27 -11.17
C LYS F 47 18.45 -43.73 -9.75
N GLU F 48 19.27 -42.70 -9.52
CA GLU F 48 19.38 -42.13 -8.19
C GLU F 48 18.38 -41.00 -7.94
N GLY F 49 17.45 -40.81 -8.87
CA GLY F 49 16.43 -39.78 -8.69
C GLY F 49 16.52 -38.53 -9.55
N LYS F 50 17.67 -38.26 -10.16
CA LYS F 50 17.81 -37.07 -11.00
C LYS F 50 16.75 -36.98 -12.08
N LYS F 51 16.20 -35.79 -12.27
CA LYS F 51 15.15 -35.57 -13.27
C LYS F 51 15.58 -34.62 -14.39
N GLU F 52 16.71 -33.95 -14.21
CA GLU F 52 17.18 -33.03 -15.23
C GLU F 52 18.67 -33.21 -15.50
N ILE F 53 18.98 -33.54 -16.76
CA ILE F 53 20.36 -33.78 -17.19
C ILE F 53 20.81 -32.61 -18.05
N ILE F 54 21.79 -31.87 -17.53
CA ILE F 54 22.33 -30.70 -18.20
C ILE F 54 23.70 -31.01 -18.81
N LEU F 55 23.75 -30.99 -20.13
CA LEU F 55 24.98 -31.28 -20.86
C LEU F 55 25.82 -30.02 -20.97
N VAL F 56 27.08 -30.13 -20.55
CA VAL F 56 28.00 -29.01 -20.57
C VAL F 56 29.37 -29.35 -21.12
N ALA F 57 30.04 -28.31 -21.56
CA ALA F 57 31.38 -28.37 -22.14
C ALA F 57 31.66 -26.93 -22.51
N GLN F 58 32.89 -26.65 -22.94
CA GLN F 58 33.28 -25.31 -23.35
C GLN F 58 32.38 -24.99 -24.56
N ASP F 59 32.21 -25.98 -25.42
CA ASP F 59 31.38 -25.85 -26.62
C ASP F 59 30.70 -27.21 -26.84
N THR F 60 29.42 -27.32 -26.50
CA THR F 60 28.74 -28.61 -26.66
C THR F 60 28.50 -28.99 -28.13
N THR F 61 28.35 -27.99 -28.99
CA THR F 61 28.14 -28.25 -30.41
C THR F 61 29.36 -28.94 -31.07
N SER F 62 30.55 -28.80 -30.48
CA SER F 62 31.74 -29.44 -31.05
C SER F 62 31.97 -30.87 -30.51
N TYR F 63 31.03 -31.37 -29.70
CA TYR F 63 31.13 -32.72 -29.12
C TYR F 63 31.37 -33.85 -30.13
N GLY F 64 32.37 -34.69 -29.86
CA GLY F 64 32.65 -35.82 -30.73
C GLY F 64 33.55 -35.63 -31.95
N ILE F 65 33.78 -34.39 -32.34
CA ILE F 65 34.62 -34.11 -33.49
C ILE F 65 35.98 -34.80 -33.40
N ASP F 66 36.50 -34.91 -32.19
CA ASP F 66 37.78 -35.52 -31.94
C ASP F 66 37.73 -37.04 -31.88
N LEU F 67 36.57 -37.58 -31.47
CA LEU F 67 36.40 -39.01 -31.32
C LEU F 67 35.73 -39.71 -32.50
N TYR F 68 34.66 -39.10 -33.01
CA TYR F 68 33.92 -39.69 -34.12
C TYR F 68 34.18 -38.99 -35.45
N ARG F 69 35.11 -38.03 -35.43
CA ARG F 69 35.47 -37.29 -36.62
C ARG F 69 34.27 -36.54 -37.19
N LYS F 70 33.37 -36.10 -36.30
CA LYS F 70 32.21 -35.33 -36.70
C LYS F 70 31.41 -34.87 -35.50
N GLN F 71 30.41 -34.02 -35.74
CA GLN F 71 29.58 -33.50 -34.68
C GLN F 71 28.52 -34.52 -34.27
N ALA F 72 28.85 -35.28 -33.24
CA ALA F 72 27.98 -36.34 -32.75
C ALA F 72 26.94 -35.93 -31.72
N LEU F 73 26.83 -34.64 -31.41
CA LEU F 73 25.85 -34.20 -30.41
C LEU F 73 24.47 -34.80 -30.74
N PRO F 74 24.07 -34.76 -32.02
CA PRO F 74 22.76 -35.33 -32.37
C PRO F 74 22.60 -36.79 -31.91
N ASP F 75 23.64 -37.59 -32.14
CA ASP F 75 23.62 -39.01 -31.76
C ASP F 75 23.59 -39.19 -30.25
N LEU F 76 24.28 -38.31 -29.54
CA LEU F 76 24.30 -38.39 -28.09
C LEU F 76 22.91 -38.09 -27.54
N LEU F 77 22.30 -37.03 -28.08
CA LEU F 77 20.95 -36.64 -27.64
C LEU F 77 19.95 -37.76 -27.89
N ARG F 78 20.02 -38.40 -29.06
CA ARG F 78 19.11 -39.49 -29.36
C ARG F 78 19.27 -40.65 -28.39
N ARG F 79 20.52 -40.97 -28.04
CA ARG F 79 20.79 -42.08 -27.12
C ARG F 79 20.23 -41.75 -25.73
N LEU F 80 20.51 -40.55 -25.24
CA LEU F 80 20.03 -40.13 -23.93
C LEU F 80 18.50 -40.06 -23.93
N ASN F 81 17.92 -39.49 -24.98
CA ASN F 81 16.47 -39.36 -25.08
C ASN F 81 15.81 -40.74 -25.04
N SER F 82 16.52 -41.75 -25.53
CA SER F 82 16.01 -43.12 -25.55
C SER F 82 15.98 -43.81 -24.18
N LEU F 83 16.65 -43.24 -23.18
CA LEU F 83 16.64 -43.87 -21.86
C LEU F 83 15.20 -43.80 -21.33
N ASN F 84 14.79 -44.81 -20.55
CA ASN F 84 13.42 -44.90 -20.02
C ASN F 84 13.03 -43.92 -18.91
N GLY F 85 11.84 -43.35 -19.02
CA GLY F 85 11.37 -42.45 -17.98
C GLY F 85 11.23 -41.00 -18.37
N GLU F 86 10.52 -40.24 -17.54
CA GLU F 86 10.34 -38.83 -17.79
C GLU F 86 11.46 -38.04 -17.10
N PHE F 87 12.20 -37.28 -17.90
CA PHE F 87 13.29 -36.46 -17.39
C PHE F 87 13.60 -35.41 -18.44
N TRP F 88 14.33 -34.37 -18.06
CA TRP F 88 14.70 -33.31 -19.01
C TRP F 88 16.15 -33.41 -19.41
N ILE F 89 16.42 -33.08 -20.67
CA ILE F 89 17.77 -33.04 -21.17
C ILE F 89 17.95 -31.57 -21.55
N ARG F 90 18.84 -30.86 -20.87
CA ARG F 90 19.09 -29.45 -21.15
C ARG F 90 20.52 -29.29 -21.67
N VAL F 91 20.66 -28.69 -22.84
CA VAL F 91 21.99 -28.46 -23.38
C VAL F 91 22.39 -27.03 -23.12
N MSE F 92 23.66 -26.81 -22.82
CA MSE F 92 24.11 -25.45 -22.60
C MSE F 92 25.42 -25.24 -23.33
O MSE F 92 26.04 -26.19 -23.80
CB MSE F 92 24.25 -25.18 -21.11
CG MSE F 92 22.87 -25.07 -20.42
SE MSE F 92 22.99 -24.59 -18.58
CE MSE F 92 22.96 -22.67 -18.81
N TYR F 93 25.82 -23.98 -23.47
CA TYR F 93 27.08 -23.64 -24.12
C TYR F 93 27.18 -24.02 -25.60
N LEU F 94 26.14 -23.73 -26.37
CA LEU F 94 26.15 -24.01 -27.80
C LEU F 94 26.96 -22.87 -28.42
N HIS F 95 27.69 -23.16 -29.47
CA HIS F 95 28.47 -22.13 -30.15
C HIS F 95 27.72 -21.93 -31.47
N PRO F 96 27.25 -20.70 -31.73
CA PRO F 96 26.51 -20.39 -32.95
C PRO F 96 27.17 -20.80 -34.28
N ASP F 97 28.49 -20.62 -34.40
CA ASP F 97 29.16 -20.98 -35.64
C ASP F 97 29.17 -22.49 -35.89
N HIS F 98 28.91 -23.27 -34.84
CA HIS F 98 28.92 -24.72 -34.94
C HIS F 98 27.54 -25.34 -34.67
N LEU F 99 26.53 -24.48 -34.56
CA LEU F 99 25.17 -24.94 -34.32
C LEU F 99 24.51 -25.25 -35.65
N THR F 100 24.67 -26.49 -36.09
CA THR F 100 24.13 -26.98 -37.35
C THR F 100 22.65 -27.31 -37.32
N GLU F 101 22.06 -27.43 -38.49
CA GLU F 101 20.65 -27.78 -38.55
C GLU F 101 20.38 -29.16 -38.00
N GLU F 102 21.36 -30.06 -38.07
CA GLU F 102 21.18 -31.41 -37.52
C GLU F 102 21.01 -31.33 -36.01
N ILE F 103 21.85 -30.53 -35.37
CA ILE F 103 21.77 -30.35 -33.94
C ILE F 103 20.44 -29.66 -33.60
N ILE F 104 20.16 -28.53 -34.25
CA ILE F 104 18.91 -27.84 -33.99
C ILE F 104 17.71 -28.74 -34.19
N SER F 105 17.71 -29.49 -35.28
CA SER F 105 16.62 -30.38 -35.59
C SER F 105 16.45 -31.47 -34.52
N ALA F 106 17.56 -32.03 -34.05
CA ALA F 106 17.47 -33.06 -33.02
C ALA F 106 16.91 -32.46 -31.73
N MSE F 107 17.41 -31.29 -31.34
CA MSE F 107 16.92 -30.66 -30.13
C MSE F 107 15.43 -30.38 -30.20
O MSE F 107 14.72 -30.54 -29.20
CB MSE F 107 17.71 -29.38 -29.85
CG MSE F 107 19.14 -29.67 -29.44
SE MSE F 107 20.12 -28.05 -29.21
CE MSE F 107 19.39 -27.37 -27.59
N LEU F 108 14.95 -30.00 -31.37
CA LEU F 108 13.53 -29.73 -31.55
C LEU F 108 12.67 -30.99 -31.62
N GLU F 109 13.22 -32.06 -32.20
CA GLU F 109 12.47 -33.30 -32.37
C GLU F 109 12.44 -34.25 -31.17
N LEU F 110 13.52 -34.28 -30.39
CA LEU F 110 13.59 -35.16 -29.22
C LEU F 110 12.75 -34.59 -28.10
N ASP F 111 11.68 -35.31 -27.76
CA ASP F 111 10.74 -34.87 -26.74
C ASP F 111 11.29 -34.52 -25.35
N LYS F 112 12.34 -35.22 -24.90
CA LYS F 112 12.89 -34.92 -23.57
C LYS F 112 13.88 -33.77 -23.57
N VAL F 113 14.31 -33.35 -24.75
CA VAL F 113 15.22 -32.23 -24.83
C VAL F 113 14.36 -30.97 -24.68
N VAL F 114 14.69 -30.13 -23.70
CA VAL F 114 13.92 -28.91 -23.53
C VAL F 114 14.34 -27.94 -24.63
N LYS F 115 13.34 -27.23 -25.17
CA LYS F 115 13.55 -26.27 -26.26
C LYS F 115 14.17 -24.97 -25.76
N TYR F 116 15.33 -25.14 -25.13
CA TYR F 116 16.11 -24.07 -24.53
C TYR F 116 17.43 -23.95 -25.29
N PHE F 117 17.67 -22.81 -25.94
CA PHE F 117 18.88 -22.60 -26.73
C PHE F 117 19.82 -21.55 -26.18
N ASP F 118 20.85 -22.03 -25.48
CA ASP F 118 21.87 -21.21 -24.87
C ASP F 118 22.97 -20.98 -25.90
N VAL F 119 22.84 -19.92 -26.69
CA VAL F 119 23.79 -19.63 -27.76
C VAL F 119 24.24 -18.16 -27.79
N PRO F 120 25.39 -17.86 -27.16
CA PRO F 120 25.94 -16.50 -27.11
C PRO F 120 26.48 -16.08 -28.48
N VAL F 121 25.88 -15.04 -29.05
CA VAL F 121 26.32 -14.57 -30.37
C VAL F 121 27.37 -13.46 -30.30
N GLN F 122 27.60 -12.93 -29.10
CA GLN F 122 28.60 -11.90 -28.88
C GLN F 122 28.29 -10.53 -29.48
N HIS F 123 27.75 -10.50 -30.68
CA HIS F 123 27.44 -9.22 -31.31
C HIS F 123 26.51 -9.38 -32.51
N GLY F 124 26.06 -8.25 -33.04
CA GLY F 124 25.16 -8.27 -34.19
C GLY F 124 25.74 -7.56 -35.41
N SER F 125 26.88 -6.90 -35.25
CA SER F 125 27.52 -6.21 -36.36
C SER F 125 28.51 -7.14 -37.09
N ASP F 126 28.36 -7.26 -38.40
CA ASP F 126 29.26 -8.12 -39.17
C ASP F 126 30.71 -7.73 -38.99
N LYS F 127 31.00 -6.44 -39.08
CA LYS F 127 32.37 -5.97 -38.92
C LYS F 127 32.96 -6.46 -37.60
N ILE F 128 32.18 -6.34 -36.53
CA ILE F 128 32.64 -6.77 -35.21
C ILE F 128 32.69 -8.29 -35.11
N LEU F 129 31.68 -8.96 -35.64
CA LEU F 129 31.65 -10.42 -35.61
C LEU F 129 32.92 -10.97 -36.25
N LYS F 130 33.32 -10.40 -37.37
CA LYS F 130 34.53 -10.82 -38.06
C LYS F 130 35.75 -10.51 -37.19
N LEU F 131 35.78 -9.31 -36.63
CA LEU F 131 36.89 -8.91 -35.77
C LEU F 131 37.04 -9.87 -34.59
N MSE F 132 35.93 -10.41 -34.11
CA MSE F 132 35.96 -11.33 -32.98
C MSE F 132 36.30 -12.75 -33.39
O MSE F 132 36.54 -13.60 -32.55
CB MSE F 132 34.61 -11.33 -32.26
CG MSE F 132 34.17 -9.97 -31.75
SE MSE F 132 32.49 -10.10 -30.81
CE MSE F 132 31.37 -10.66 -32.27
N GLY F 133 36.32 -12.99 -34.70
CA GLY F 133 36.64 -14.32 -35.19
C GLY F 133 35.44 -15.21 -35.45
N ARG F 134 34.24 -14.64 -35.44
CA ARG F 134 33.04 -15.42 -35.69
C ARG F 134 32.85 -15.62 -37.19
N THR F 135 32.44 -16.82 -37.57
CA THR F 135 32.25 -17.17 -38.98
C THR F 135 30.90 -16.78 -39.57
N LYS F 136 29.81 -17.13 -38.88
CA LYS F 136 28.49 -16.82 -39.37
C LYS F 136 28.21 -15.32 -39.30
N SER F 137 27.48 -14.82 -40.30
CA SER F 137 27.14 -13.40 -40.37
C SER F 137 25.88 -13.12 -39.57
N SER F 138 25.62 -11.85 -39.28
CA SER F 138 24.43 -11.47 -38.53
C SER F 138 23.19 -11.94 -39.26
N GLU F 139 23.27 -12.02 -40.58
CA GLU F 139 22.14 -12.47 -41.39
C GLU F 139 21.88 -13.95 -41.15
N GLU F 140 22.93 -14.75 -41.21
CA GLU F 140 22.82 -16.18 -41.00
C GLU F 140 22.32 -16.47 -39.58
N LEU F 141 22.86 -15.73 -38.61
CA LEU F 141 22.45 -15.92 -37.23
C LEU F 141 20.96 -15.64 -37.10
N LYS F 142 20.51 -14.50 -37.60
CA LYS F 142 19.10 -14.13 -37.53
C LYS F 142 18.21 -15.17 -38.20
N LYS F 143 18.65 -15.68 -39.35
CA LYS F 143 17.88 -16.70 -40.08
C LYS F 143 17.80 -17.98 -39.25
N MSE F 144 18.93 -18.37 -38.66
CA MSE F 144 19.00 -19.58 -37.85
C MSE F 144 18.05 -19.48 -36.64
O MSE F 144 17.24 -20.37 -36.39
CB MSE F 144 20.43 -19.79 -37.35
CG MSE F 144 20.63 -20.98 -36.43
SE MSE F 144 22.43 -21.05 -35.75
CE MSE F 144 22.35 -19.52 -34.55
N LEU F 145 18.16 -18.38 -35.90
CA LEU F 145 17.34 -18.17 -34.70
C LEU F 145 15.85 -18.01 -35.05
N SER F 146 15.56 -17.28 -36.11
CA SER F 146 14.18 -17.09 -36.54
C SER F 146 13.58 -18.41 -36.97
N SER F 147 14.41 -19.28 -37.56
CA SER F 147 13.95 -20.59 -38.01
C SER F 147 13.56 -21.48 -36.82
N ILE F 148 14.27 -21.33 -35.71
CA ILE F 148 13.96 -22.12 -34.51
C ILE F 148 12.59 -21.68 -33.99
N ARG F 149 12.39 -20.37 -33.91
CA ARG F 149 11.12 -19.81 -33.43
C ARG F 149 9.95 -20.17 -34.35
N GLU F 150 10.20 -20.25 -35.65
CA GLU F 150 9.15 -20.61 -36.61
C GLU F 150 8.66 -22.02 -36.31
N ARG F 151 9.59 -22.94 -36.07
CA ARG F 151 9.25 -24.32 -35.76
C ARG F 151 8.67 -24.51 -34.36
N PHE F 152 9.12 -23.70 -33.40
CA PHE F 152 8.66 -23.77 -32.03
C PHE F 152 8.62 -22.35 -31.45
N PRO F 153 7.45 -21.70 -31.52
CA PRO F 153 7.24 -20.32 -31.03
C PRO F 153 7.65 -20.07 -29.57
N ASP F 154 7.52 -21.08 -28.70
CA ASP F 154 7.91 -20.89 -27.32
C ASP F 154 9.40 -21.10 -27.08
N ALA F 155 10.16 -21.41 -28.13
CA ALA F 155 11.59 -21.65 -27.98
C ALA F 155 12.27 -20.56 -27.17
N VAL F 156 13.04 -20.98 -26.16
CA VAL F 156 13.77 -20.03 -25.33
C VAL F 156 15.15 -19.80 -25.93
N LEU F 157 15.41 -18.56 -26.31
CA LEU F 157 16.70 -18.17 -26.89
C LEU F 157 17.44 -17.34 -25.85
N ARG F 158 18.62 -17.82 -25.45
CA ARG F 158 19.45 -17.20 -24.44
C ARG F 158 20.81 -16.86 -25.03
N THR F 159 21.27 -15.64 -24.78
CA THR F 159 22.54 -15.23 -25.34
C THR F 159 23.29 -14.21 -24.50
N SER F 160 24.48 -13.88 -24.97
CA SER F 160 25.37 -12.94 -24.33
C SER F 160 25.95 -12.02 -25.42
N ILE F 161 26.09 -10.75 -25.09
CA ILE F 161 26.63 -9.76 -26.01
C ILE F 161 27.78 -9.02 -25.35
N ILE F 162 28.81 -8.70 -26.13
CA ILE F 162 29.95 -7.97 -25.61
C ILE F 162 30.04 -6.63 -26.35
N VAL F 163 29.91 -5.53 -25.61
CA VAL F 163 29.98 -4.19 -26.19
C VAL F 163 31.34 -3.59 -25.84
N GLY F 164 31.73 -2.54 -26.54
CA GLY F 164 33.01 -1.92 -26.26
C GLY F 164 34.20 -2.65 -26.84
N PHE F 165 33.94 -3.58 -27.76
CA PHE F 165 35.02 -4.33 -28.40
C PHE F 165 35.78 -3.38 -29.32
N PRO F 166 37.12 -3.44 -29.33
CA PRO F 166 37.90 -2.54 -30.19
C PRO F 166 37.39 -2.49 -31.62
N GLY F 167 37.03 -1.30 -32.07
CA GLY F 167 36.54 -1.13 -33.43
C GLY F 167 35.05 -0.87 -33.50
N GLU F 168 34.35 -1.14 -32.41
CA GLU F 168 32.91 -0.93 -32.37
C GLU F 168 32.60 0.57 -32.38
N THR F 169 31.87 0.98 -33.42
CA THR F 169 31.47 2.37 -33.59
C THR F 169 29.97 2.49 -33.33
N GLU F 170 29.44 3.70 -33.46
CA GLU F 170 28.01 3.92 -33.24
C GLU F 170 27.22 3.13 -34.27
N GLU F 171 27.78 3.01 -35.48
CA GLU F 171 27.12 2.26 -36.53
C GLU F 171 27.01 0.78 -36.13
N ASP F 172 28.10 0.24 -35.60
CA ASP F 172 28.13 -1.16 -35.18
C ASP F 172 27.13 -1.39 -34.05
N PHE F 173 27.09 -0.47 -33.10
CA PHE F 173 26.17 -0.60 -31.97
C PHE F 173 24.72 -0.45 -32.43
N GLU F 174 24.50 0.42 -33.41
CA GLU F 174 23.16 0.62 -33.94
C GLU F 174 22.64 -0.66 -34.58
N GLU F 175 23.54 -1.36 -35.26
CA GLU F 175 23.18 -2.62 -35.93
C GLU F 175 22.93 -3.67 -34.86
N LEU F 176 23.66 -3.57 -33.75
CA LEU F 176 23.49 -4.51 -32.65
C LEU F 176 22.08 -4.36 -32.11
N LYS F 177 21.63 -3.12 -31.91
CA LYS F 177 20.28 -2.88 -31.39
C LYS F 177 19.20 -3.44 -32.30
N GLN F 178 19.27 -3.17 -33.61
CA GLN F 178 18.23 -3.68 -34.50
C GLN F 178 18.31 -5.20 -34.51
N PHE F 179 19.53 -5.71 -34.31
CA PHE F 179 19.77 -7.17 -34.28
C PHE F 179 19.00 -7.80 -33.12
N VAL F 180 19.22 -7.31 -31.92
CA VAL F 180 18.53 -7.87 -30.76
C VAL F 180 17.03 -7.64 -30.83
N GLU F 181 16.64 -6.50 -31.40
CA GLU F 181 15.23 -6.16 -31.54
C GLU F 181 14.51 -7.15 -32.45
N GLU F 182 15.14 -7.52 -33.55
CA GLU F 182 14.53 -8.46 -34.50
C GLU F 182 14.45 -9.89 -33.96
N ILE F 183 15.50 -10.34 -33.27
CA ILE F 183 15.51 -11.71 -32.73
C ILE F 183 14.55 -11.91 -31.56
N GLN F 184 14.54 -10.96 -30.64
CA GLN F 184 13.67 -11.04 -29.46
C GLN F 184 14.10 -12.20 -28.55
N PHE F 185 15.34 -12.15 -28.07
CA PHE F 185 15.89 -13.16 -27.17
C PHE F 185 15.09 -13.16 -25.88
N ASP F 186 14.87 -14.32 -25.26
CA ASP F 186 14.13 -14.36 -24.01
C ASP F 186 15.05 -13.90 -22.88
N LYS F 187 16.32 -14.27 -23.00
CA LYS F 187 17.32 -13.97 -22.00
C LYS F 187 18.60 -13.48 -22.68
N LEU F 188 19.11 -12.34 -22.23
CA LEU F 188 20.31 -11.79 -22.82
C LEU F 188 21.16 -11.02 -21.83
N GLY F 189 22.42 -11.41 -21.72
CA GLY F 189 23.34 -10.72 -20.85
C GLY F 189 24.17 -9.79 -21.71
N ALA F 190 24.60 -8.66 -21.15
CA ALA F 190 25.42 -7.69 -21.89
C ALA F 190 26.65 -7.36 -21.05
N PHE F 191 27.82 -7.69 -21.57
CA PHE F 191 29.07 -7.44 -20.87
C PHE F 191 29.96 -6.44 -21.60
N VAL F 192 30.80 -5.74 -20.84
CA VAL F 192 31.72 -4.76 -21.41
C VAL F 192 33.05 -5.44 -21.70
N TYR F 193 33.57 -5.25 -22.91
CA TYR F 193 34.84 -5.84 -23.32
C TYR F 193 35.96 -5.59 -22.32
N SER F 194 36.86 -6.56 -22.19
CA SER F 194 38.00 -6.45 -21.29
C SER F 194 39.27 -6.89 -21.99
N ASP F 195 40.32 -6.08 -21.90
CA ASP F 195 41.60 -6.40 -22.52
C ASP F 195 42.70 -6.58 -21.46
N LYS F 207 40.13 0.79 -27.85
CA LYS F 207 39.57 1.67 -28.86
C LYS F 207 38.46 2.53 -28.27
N VAL F 208 37.36 1.89 -27.85
CA VAL F 208 36.23 2.62 -27.26
C VAL F 208 36.37 2.75 -25.75
N ASP F 209 36.38 4.00 -25.27
CA ASP F 209 36.51 4.28 -23.84
C ASP F 209 35.51 3.52 -22.98
N PRO F 210 35.92 3.11 -21.77
CA PRO F 210 35.05 2.37 -20.86
C PRO F 210 33.74 3.11 -20.58
N GLU F 211 33.81 4.44 -20.56
CA GLU F 211 32.63 5.26 -20.32
C GLU F 211 31.59 4.96 -21.41
N MSE F 212 32.03 5.03 -22.66
CA MSE F 212 31.14 4.77 -23.79
C MSE F 212 30.61 3.35 -23.76
O MSE F 212 29.44 3.12 -24.03
CB MSE F 212 31.88 5.02 -25.10
CG MSE F 212 31.02 4.78 -26.34
SE MSE F 212 29.40 5.87 -26.36
CE MSE F 212 30.20 7.58 -26.82
N ALA F 213 31.47 2.39 -23.43
CA ALA F 213 31.07 0.99 -23.38
C ALA F 213 29.97 0.80 -22.34
N LYS F 214 30.11 1.48 -21.21
CA LYS F 214 29.14 1.40 -20.13
C LYS F 214 27.80 1.93 -20.62
N ARG F 215 27.83 3.05 -21.33
CA ARG F 215 26.61 3.65 -21.87
C ARG F 215 25.93 2.68 -22.84
N ARG F 216 26.73 1.99 -23.65
CA ARG F 216 26.16 1.05 -24.60
C ARG F 216 25.58 -0.16 -23.86
N GLN F 217 26.26 -0.59 -22.79
CA GLN F 217 25.78 -1.73 -22.03
C GLN F 217 24.43 -1.43 -21.39
N GLU F 218 24.33 -0.24 -20.79
CA GLU F 218 23.11 0.20 -20.13
C GLU F 218 21.95 0.38 -21.09
N GLU F 219 22.23 0.91 -22.28
CA GLU F 219 21.16 1.09 -23.24
C GLU F 219 20.65 -0.26 -23.71
N LEU F 220 21.58 -1.18 -23.97
CA LEU F 220 21.25 -2.54 -24.42
C LEU F 220 20.42 -3.30 -23.39
N LEU F 221 20.83 -3.23 -22.13
CA LEU F 221 20.10 -3.90 -21.06
C LEU F 221 18.71 -3.28 -20.89
N LEU F 222 18.61 -1.97 -21.11
CA LEU F 222 17.33 -1.27 -20.99
C LEU F 222 16.41 -1.77 -22.10
N LEU F 223 16.94 -1.85 -23.32
CA LEU F 223 16.17 -2.34 -24.46
C LEU F 223 15.72 -3.79 -24.24
N GLN F 224 16.64 -4.63 -23.78
CA GLN F 224 16.31 -6.04 -23.56
C GLN F 224 15.28 -6.20 -22.45
N ALA F 225 15.28 -5.28 -21.50
CA ALA F 225 14.32 -5.33 -20.41
C ALA F 225 12.89 -5.43 -20.95
N GLU F 226 12.54 -4.58 -21.93
CA GLU F 226 11.19 -4.63 -22.49
C GLU F 226 10.96 -5.96 -23.24
N ILE F 227 11.96 -6.39 -23.99
CA ILE F 227 11.87 -7.63 -24.76
C ILE F 227 11.68 -8.84 -23.85
N SER F 228 12.49 -8.95 -22.80
CA SER F 228 12.37 -10.07 -21.89
C SER F 228 11.00 -10.09 -21.23
N ASN F 229 10.51 -8.91 -20.88
CA ASN F 229 9.20 -8.78 -20.26
C ASN F 229 8.11 -9.23 -21.21
N SER F 230 8.27 -8.87 -22.48
CA SER F 230 7.30 -9.23 -23.50
C SER F 230 7.26 -10.74 -23.72
N ARG F 231 8.42 -11.38 -23.72
CA ARG F 231 8.48 -12.83 -23.92
C ARG F 231 7.81 -13.54 -22.75
N LEU F 232 8.08 -13.08 -21.53
CA LEU F 232 7.47 -13.69 -20.35
C LEU F 232 5.96 -13.52 -20.37
N ASP F 233 5.47 -12.40 -20.89
CA ASP F 233 4.03 -12.18 -20.96
C ASP F 233 3.30 -13.26 -21.74
N ARG F 234 3.91 -13.81 -22.78
CA ARG F 234 3.18 -14.81 -23.52
C ARG F 234 3.01 -16.13 -22.78
N PHE F 235 3.60 -16.25 -21.59
CA PHE F 235 3.44 -17.47 -20.81
C PHE F 235 2.28 -17.32 -19.82
N VAL F 236 1.79 -16.11 -19.62
CA VAL F 236 0.69 -15.90 -18.69
C VAL F 236 -0.53 -16.68 -19.22
N GLY F 237 -1.07 -17.56 -18.38
CA GLY F 237 -2.23 -18.36 -18.77
C GLY F 237 -1.86 -19.65 -19.49
N LYS F 238 -0.57 -19.81 -19.77
CA LYS F 238 -0.07 -20.99 -20.47
C LYS F 238 0.39 -22.07 -19.48
N LYS F 239 0.29 -23.33 -19.89
CA LYS F 239 0.71 -24.43 -19.04
C LYS F 239 2.15 -24.80 -19.42
N LEU F 240 2.97 -25.04 -18.40
CA LEU F 240 4.38 -25.41 -18.61
C LEU F 240 4.84 -26.46 -17.61
N LYS F 241 5.69 -27.36 -18.08
CA LYS F 241 6.24 -28.42 -17.23
C LYS F 241 7.13 -27.75 -16.19
N PHE F 242 6.96 -28.18 -14.94
CA PHE F 242 7.66 -27.62 -13.80
C PHE F 242 8.36 -28.71 -12.98
N LEU F 243 9.58 -28.44 -12.54
CA LEU F 243 10.34 -29.39 -11.75
C LEU F 243 10.43 -28.81 -10.34
N VAL F 244 9.92 -29.54 -9.36
CA VAL F 244 9.93 -29.11 -7.96
C VAL F 244 11.34 -29.19 -7.36
N GLU F 245 11.81 -28.10 -6.78
CA GLU F 245 13.14 -28.10 -6.15
C GLU F 245 13.08 -27.77 -4.66
N GLY F 246 11.90 -27.38 -4.18
CA GLY F 246 11.75 -27.05 -2.77
C GLY F 246 10.32 -26.77 -2.39
N LYS F 247 10.07 -26.68 -1.08
CA LYS F 247 8.73 -26.42 -0.58
C LYS F 247 8.75 -25.24 0.39
N GLU F 248 7.74 -24.39 0.30
CA GLU F 248 7.63 -23.24 1.17
C GLU F 248 6.16 -22.96 1.46
N GLY F 249 5.64 -23.54 2.54
CA GLY F 249 4.25 -23.34 2.89
C GLY F 249 3.34 -23.99 1.85
N LYS F 250 2.37 -23.24 1.36
CA LYS F 250 1.46 -23.76 0.34
C LYS F 250 2.08 -23.59 -1.05
N PHE F 251 3.33 -23.14 -1.08
CA PHE F 251 4.05 -22.91 -2.32
C PHE F 251 5.16 -23.92 -2.60
N LEU F 252 5.32 -24.22 -3.89
CA LEU F 252 6.38 -25.12 -4.35
C LEU F 252 7.30 -24.22 -5.14
N VAL F 253 8.61 -24.38 -4.91
CA VAL F 253 9.60 -23.57 -5.61
C VAL F 253 10.37 -24.47 -6.56
N GLY F 254 10.63 -23.95 -7.75
CA GLY F 254 11.35 -24.73 -8.74
C GLY F 254 11.52 -23.96 -10.03
N ARG F 255 11.56 -24.69 -11.15
CA ARG F 255 11.74 -24.07 -12.44
C ARG F 255 10.91 -24.74 -13.53
N THR F 256 10.43 -23.92 -14.46
CA THR F 256 9.71 -24.46 -15.60
C THR F 256 10.88 -24.83 -16.53
N TRP F 257 10.62 -25.62 -17.57
CA TRP F 257 11.69 -26.04 -18.45
C TRP F 257 12.48 -24.87 -19.04
N THR F 258 11.84 -23.70 -19.07
CA THR F 258 12.43 -22.48 -19.62
C THR F 258 13.58 -21.88 -18.81
N GLU F 259 13.76 -22.33 -17.57
CA GLU F 259 14.80 -21.79 -16.71
C GLU F 259 15.88 -22.80 -16.34
N ALA F 260 17.14 -22.44 -16.55
CA ALA F 260 18.24 -23.31 -16.18
C ALA F 260 18.52 -22.99 -14.71
N PRO F 261 19.12 -23.94 -13.98
CA PRO F 261 19.41 -23.66 -12.57
C PRO F 261 20.42 -22.52 -12.34
N GLU F 262 20.20 -21.79 -11.24
CA GLU F 262 21.06 -20.69 -10.80
C GLU F 262 21.20 -19.45 -11.67
N VAL F 263 21.34 -19.64 -12.98
CA VAL F 263 21.58 -18.50 -13.88
C VAL F 263 20.36 -17.80 -14.47
N ASP F 264 19.19 -18.39 -14.28
CA ASP F 264 17.99 -17.76 -14.82
C ASP F 264 17.05 -17.32 -13.70
N GLY F 265 15.75 -17.46 -13.89
CA GLY F 265 14.80 -17.06 -12.86
C GLY F 265 14.30 -18.24 -12.05
N VAL F 266 13.33 -17.96 -11.18
CA VAL F 266 12.72 -19.00 -10.34
C VAL F 266 11.22 -18.92 -10.52
N VAL F 267 10.54 -20.05 -10.32
CA VAL F 267 9.08 -20.12 -10.47
C VAL F 267 8.48 -20.63 -9.16
N PHE F 268 7.45 -19.92 -8.70
CA PHE F 268 6.75 -20.23 -7.46
C PHE F 268 5.34 -20.69 -7.79
N VAL F 269 4.98 -21.88 -7.33
CA VAL F 269 3.65 -22.40 -7.62
C VAL F 269 2.94 -22.94 -6.39
N ARG F 270 1.71 -22.50 -6.17
CA ARG F 270 0.97 -22.99 -5.02
C ARG F 270 0.32 -24.32 -5.35
N GLY F 271 0.72 -25.35 -4.62
CA GLY F 271 0.18 -26.68 -4.85
C GLY F 271 0.87 -27.71 -4.00
N LYS F 272 0.56 -28.98 -4.24
CA LYS F 272 1.12 -30.08 -3.47
C LYS F 272 2.18 -30.82 -4.31
N GLY F 273 3.23 -31.30 -3.65
CA GLY F 273 4.27 -32.01 -4.37
C GLY F 273 5.55 -32.14 -3.59
N LYS F 274 6.45 -32.98 -4.10
CA LYS F 274 7.74 -33.21 -3.47
C LYS F 274 8.89 -32.94 -4.43
N ILE F 275 10.06 -32.66 -3.87
CA ILE F 275 11.26 -32.37 -4.66
C ILE F 275 11.50 -33.49 -5.67
N GLY F 276 11.69 -33.10 -6.93
CA GLY F 276 11.93 -34.08 -7.97
C GLY F 276 10.71 -34.40 -8.81
N ASP F 277 9.54 -33.98 -8.36
CA ASP F 277 8.33 -34.25 -9.11
C ASP F 277 8.16 -33.32 -10.31
N PHE F 278 7.63 -33.87 -11.39
CA PHE F 278 7.35 -33.09 -12.59
C PHE F 278 5.87 -32.73 -12.48
N LEU F 279 5.57 -31.44 -12.55
CA LEU F 279 4.19 -30.99 -12.46
C LEU F 279 3.83 -30.11 -13.64
N GLU F 280 2.53 -29.95 -13.83
CA GLU F 280 2.01 -29.12 -14.89
C GLU F 280 1.54 -27.86 -14.15
N VAL F 281 1.96 -26.69 -14.62
CA VAL F 281 1.55 -25.44 -13.98
C VAL F 281 1.14 -24.37 -14.98
N VAL F 282 0.26 -23.48 -14.55
CA VAL F 282 -0.18 -22.37 -15.39
C VAL F 282 0.39 -21.11 -14.77
N ILE F 283 1.06 -20.30 -15.57
CA ILE F 283 1.66 -19.07 -15.08
C ILE F 283 0.60 -17.99 -14.92
N LYS F 284 0.57 -17.35 -13.75
CA LYS F 284 -0.39 -16.31 -13.48
C LYS F 284 0.23 -14.92 -13.66
N GLU F 285 1.49 -14.77 -13.26
CA GLU F 285 2.17 -13.48 -13.36
C GLU F 285 3.69 -13.63 -13.25
N HIS F 286 4.41 -12.57 -13.59
CA HIS F 286 5.86 -12.59 -13.48
C HIS F 286 6.36 -11.20 -13.13
N ASP F 287 7.53 -11.14 -12.53
CA ASP F 287 8.13 -9.87 -12.16
C ASP F 287 9.61 -10.10 -11.83
N GLU F 288 10.47 -9.21 -12.35
CA GLU F 288 11.91 -9.31 -12.14
C GLU F 288 12.45 -10.66 -12.60
N TYR F 289 11.85 -11.20 -13.65
CA TYR F 289 12.23 -12.48 -14.24
C TYR F 289 11.84 -13.72 -13.44
N ASP F 290 11.10 -13.53 -12.34
CA ASP F 290 10.61 -14.67 -11.57
C ASP F 290 9.13 -14.83 -11.91
N MSE F 291 8.62 -16.05 -11.83
CA MSE F 291 7.22 -16.32 -12.15
C MSE F 291 6.42 -16.92 -11.00
O MSE F 291 6.96 -17.60 -10.13
CB MSE F 291 7.13 -17.27 -13.36
CG MSE F 291 7.67 -16.70 -14.65
SE MSE F 291 7.44 -17.91 -16.15
CE MSE F 291 9.21 -18.72 -16.18
N TRP F 292 5.11 -16.64 -11.02
CA TRP F 292 4.21 -17.16 -10.00
C TRP F 292 3.03 -17.79 -10.72
N GLY F 293 2.64 -18.98 -10.27
CA GLY F 293 1.51 -19.65 -10.90
C GLY F 293 0.92 -20.68 -9.98
N SER F 294 0.15 -21.60 -10.55
CA SER F 294 -0.48 -22.66 -9.78
C SER F 294 -0.43 -23.99 -10.52
N VAL F 295 -0.38 -25.07 -9.75
CA VAL F 295 -0.33 -26.41 -10.32
C VAL F 295 -1.71 -26.86 -10.79
N ILE F 296 -1.75 -27.50 -11.95
CA ILE F 296 -2.99 -28.00 -12.54
C ILE F 296 -3.28 -29.39 -11.98
N GLU G 2 -31.37 -31.83 -11.60
CA GLU G 2 -29.93 -32.17 -11.79
C GLU G 2 -29.07 -30.92 -11.98
N ARG G 3 -29.71 -29.81 -12.35
CA ARG G 3 -28.98 -28.56 -12.52
C ARG G 3 -28.55 -28.05 -11.16
N PRO G 4 -27.31 -27.55 -11.04
CA PRO G 4 -26.79 -27.04 -9.77
C PRO G 4 -27.26 -25.64 -9.37
N TYR G 5 -28.13 -25.03 -10.16
CA TYR G 5 -28.64 -23.70 -9.85
C TYR G 5 -30.16 -23.66 -9.80
N ALA G 6 -30.69 -22.62 -9.16
CA ALA G 6 -32.14 -22.47 -9.05
C ALA G 6 -32.54 -21.00 -9.02
N TYR G 7 -33.64 -20.68 -9.69
CA TYR G 7 -34.11 -19.30 -9.68
C TYR G 7 -35.08 -19.18 -8.52
N VAL G 8 -34.94 -18.11 -7.76
CA VAL G 8 -35.80 -17.86 -6.62
C VAL G 8 -36.48 -16.51 -6.91
N LYS G 9 -37.81 -16.53 -7.02
CA LYS G 9 -38.60 -15.34 -7.30
C LYS G 9 -38.94 -14.66 -5.99
N ILE G 10 -38.31 -13.52 -5.73
CA ILE G 10 -38.55 -12.82 -4.47
C ILE G 10 -39.73 -11.87 -4.44
N SER G 11 -40.28 -11.60 -5.63
CA SER G 11 -41.43 -10.70 -5.79
C SER G 11 -42.19 -11.05 -7.06
N ASP G 12 -43.44 -10.62 -7.12
CA ASP G 12 -44.29 -10.86 -8.28
C ASP G 12 -45.41 -9.83 -8.32
N GLY G 28 -49.01 -6.92 -11.64
CA GLY G 28 -49.77 -5.83 -11.06
C GLY G 28 -48.98 -5.08 -10.00
N SER G 29 -49.57 -4.92 -8.82
CA SER G 29 -48.91 -4.22 -7.72
C SER G 29 -47.74 -5.05 -7.20
N LEU G 30 -46.77 -4.37 -6.61
CA LEU G 30 -45.59 -5.04 -6.07
C LEU G 30 -46.00 -6.02 -4.95
N ARG G 31 -45.68 -7.29 -5.15
CA ARG G 31 -46.00 -8.32 -4.16
C ARG G 31 -44.75 -9.11 -3.80
N SER G 32 -44.09 -8.71 -2.72
CA SER G 32 -42.86 -9.40 -2.33
C SER G 32 -43.10 -10.47 -1.26
N ARG G 33 -42.26 -11.52 -1.28
CA ARG G 33 -42.38 -12.59 -0.29
C ARG G 33 -41.53 -12.18 0.91
N SER G 34 -41.85 -12.68 2.10
CA SER G 34 -41.10 -12.33 3.31
C SER G 34 -39.69 -12.90 3.27
N ILE G 35 -38.80 -12.29 4.03
CA ILE G 35 -37.42 -12.76 4.09
C ILE G 35 -37.40 -14.18 4.65
N GLU G 36 -38.25 -14.45 5.63
CA GLU G 36 -38.31 -15.78 6.23
C GLU G 36 -38.75 -16.85 5.23
N ASP G 37 -39.75 -16.52 4.39
CA ASP G 37 -40.23 -17.48 3.39
C ASP G 37 -39.16 -17.77 2.32
N ILE G 38 -38.52 -16.72 1.82
CA ILE G 38 -37.47 -16.90 0.81
C ILE G 38 -36.33 -17.72 1.42
N THR G 39 -35.97 -17.41 2.66
CA THR G 39 -34.89 -18.11 3.33
C THR G 39 -35.18 -19.61 3.48
N ARG G 40 -36.42 -19.94 3.84
CA ARG G 40 -36.80 -21.35 3.98
C ARG G 40 -36.69 -22.05 2.64
N GLU G 41 -37.12 -21.38 1.58
CA GLU G 41 -37.03 -22.00 0.26
C GLU G 41 -35.56 -22.26 -0.11
N VAL G 42 -34.71 -21.26 0.07
CA VAL G 42 -33.29 -21.42 -0.24
C VAL G 42 -32.65 -22.55 0.56
N GLU G 43 -32.89 -22.57 1.87
CA GLU G 43 -32.32 -23.62 2.71
C GLU G 43 -32.72 -25.01 2.19
N ASP G 44 -33.93 -25.13 1.65
CA ASP G 44 -34.39 -26.40 1.09
C ASP G 44 -33.57 -26.71 -0.16
N LEU G 45 -33.37 -25.70 -0.99
CA LEU G 45 -32.61 -25.86 -2.23
C LEU G 45 -31.17 -26.30 -1.91
N LEU G 46 -30.56 -25.69 -0.91
CA LEU G 46 -29.20 -26.03 -0.53
C LEU G 46 -29.14 -27.46 -0.01
N LYS G 47 -30.23 -27.91 0.62
CA LYS G 47 -30.29 -29.26 1.16
C LYS G 47 -30.43 -30.31 0.05
N GLU G 48 -30.96 -29.92 -1.10
CA GLU G 48 -31.11 -30.88 -2.20
C GLU G 48 -29.93 -30.85 -3.17
N GLY G 49 -28.88 -30.10 -2.82
CA GLY G 49 -27.71 -30.06 -3.68
C GLY G 49 -27.44 -28.78 -4.47
N LYS G 50 -28.41 -27.85 -4.52
CA LYS G 50 -28.20 -26.60 -5.26
C LYS G 50 -26.99 -25.82 -4.76
N LYS G 51 -26.23 -25.24 -5.69
CA LYS G 51 -25.04 -24.48 -5.34
C LYS G 51 -25.10 -23.02 -5.76
N GLU G 52 -26.08 -22.66 -6.58
CA GLU G 52 -26.22 -21.29 -7.02
C GLU G 52 -27.67 -20.85 -6.89
N ILE G 53 -27.87 -19.80 -6.10
CA ILE G 53 -29.19 -19.24 -5.84
C ILE G 53 -29.28 -17.93 -6.61
N ILE G 54 -30.18 -17.88 -7.58
CA ILE G 54 -30.36 -16.71 -8.43
C ILE G 54 -31.66 -15.98 -8.10
N LEU G 55 -31.51 -14.80 -7.50
CA LEU G 55 -32.63 -13.97 -7.13
C LEU G 55 -33.20 -13.21 -8.31
N VAL G 56 -34.49 -13.41 -8.57
CA VAL G 56 -35.13 -12.76 -9.69
C VAL G 56 -36.46 -12.09 -9.33
N ALA G 57 -36.83 -11.14 -10.16
CA ALA G 57 -38.06 -10.37 -10.03
C ALA G 57 -38.02 -9.38 -11.17
N GLN G 58 -39.12 -8.66 -11.38
CA GLN G 58 -39.18 -7.66 -12.43
C GLN G 58 -38.11 -6.62 -12.09
N ASP G 59 -38.01 -6.31 -10.80
CA ASP G 59 -37.05 -5.33 -10.30
C ASP G 59 -36.62 -5.80 -8.91
N THR G 60 -35.49 -6.49 -8.83
CA THR G 60 -35.01 -7.00 -7.55
C THR G 60 -34.63 -5.89 -6.55
N THR G 61 -34.24 -4.75 -7.06
CA THR G 61 -33.87 -3.65 -6.18
C THR G 61 -35.09 -3.08 -5.43
N SER G 62 -36.29 -3.33 -5.93
CA SER G 62 -37.51 -2.84 -5.27
C SER G 62 -38.05 -3.83 -4.24
N TYR G 63 -37.39 -4.98 -4.07
CA TYR G 63 -37.83 -6.00 -3.10
C TYR G 63 -38.17 -5.47 -1.71
N GLY G 64 -39.33 -5.85 -1.19
CA GLY G 64 -39.72 -5.46 0.14
C GLY G 64 -40.41 -4.12 0.37
N ILE G 65 -40.30 -3.21 -0.60
CA ILE G 65 -40.91 -1.90 -0.47
C ILE G 65 -42.38 -1.99 -0.05
N ASP G 66 -43.07 -3.00 -0.56
CA ASP G 66 -44.48 -3.19 -0.26
C ASP G 66 -44.73 -3.86 1.10
N LEU G 67 -43.81 -4.73 1.50
CA LEU G 67 -43.95 -5.47 2.75
C LEU G 67 -43.28 -4.83 3.96
N TYR G 68 -42.07 -4.31 3.77
CA TYR G 68 -41.33 -3.71 4.86
C TYR G 68 -41.26 -2.19 4.76
N ARG G 69 -41.93 -1.64 3.75
CA ARG G 69 -41.94 -0.20 3.53
C ARG G 69 -40.54 0.36 3.33
N LYS G 70 -39.67 -0.46 2.72
CA LYS G 70 -38.30 -0.04 2.42
C LYS G 70 -37.59 -1.09 1.58
N GLN G 71 -36.45 -0.72 1.01
CA GLN G 71 -35.68 -1.65 0.19
C GLN G 71 -34.92 -2.62 1.06
N ALA G 72 -35.55 -3.76 1.30
CA ALA G 72 -35.02 -4.79 2.16
C ALA G 72 -34.07 -5.76 1.47
N LEU G 73 -33.73 -5.50 0.21
CA LEU G 73 -32.81 -6.39 -0.51
C LEU G 73 -31.57 -6.66 0.35
N PRO G 74 -30.97 -5.61 0.92
CA PRO G 74 -29.78 -5.82 1.75
C PRO G 74 -30.03 -6.87 2.86
N ASP G 75 -31.15 -6.72 3.55
CA ASP G 75 -31.53 -7.63 4.64
C ASP G 75 -31.70 -9.06 4.15
N LEU G 76 -32.34 -9.20 3.00
CA LEU G 76 -32.56 -10.53 2.43
C LEU G 76 -31.21 -11.17 2.14
N LEU G 77 -30.32 -10.43 1.48
CA LEU G 77 -29.00 -10.94 1.13
C LEU G 77 -28.19 -11.39 2.36
N ARG G 78 -28.21 -10.59 3.41
CA ARG G 78 -27.48 -10.94 4.63
C ARG G 78 -28.04 -12.23 5.24
N ARG G 79 -29.35 -12.38 5.17
CA ARG G 79 -30.02 -13.55 5.72
C ARG G 79 -29.61 -14.81 4.94
N LEU G 80 -29.64 -14.71 3.61
CA LEU G 80 -29.28 -15.83 2.75
C LEU G 80 -27.80 -16.17 2.88
N ASN G 81 -26.95 -15.14 2.89
CA ASN G 81 -25.51 -15.33 3.01
C ASN G 81 -25.17 -16.08 4.31
N SER G 82 -25.93 -15.80 5.35
CA SER G 82 -25.72 -16.44 6.65
C SER G 82 -26.05 -17.94 6.67
N LEU G 83 -26.73 -18.43 5.65
CA LEU G 83 -27.06 -19.86 5.62
C LEU G 83 -25.73 -20.64 5.54
N ASN G 84 -25.71 -21.85 6.09
CA ASN G 84 -24.51 -22.70 6.12
C ASN G 84 -24.06 -23.35 4.82
N GLY G 85 -22.76 -23.29 4.56
CA GLY G 85 -22.23 -23.93 3.37
C GLY G 85 -21.75 -23.00 2.28
N GLU G 86 -20.97 -23.56 1.35
CA GLU G 86 -20.46 -22.81 0.23
C GLU G 86 -21.47 -22.84 -0.92
N PHE G 87 -21.90 -21.66 -1.35
CA PHE G 87 -22.85 -21.56 -2.46
C PHE G 87 -22.78 -20.15 -3.00
N TRP G 88 -23.35 -19.93 -4.19
CA TRP G 88 -23.34 -18.60 -4.80
C TRP G 88 -24.71 -17.97 -4.70
N ILE G 89 -24.74 -16.66 -4.53
CA ILE G 89 -25.98 -15.94 -4.51
C ILE G 89 -25.81 -14.95 -5.66
N ARG G 90 -26.63 -15.07 -6.68
CA ARG G 90 -26.54 -14.19 -7.83
C ARG G 90 -27.82 -13.37 -7.95
N VAL G 91 -27.69 -12.05 -8.01
CA VAL G 91 -28.86 -11.21 -8.16
C VAL G 91 -29.00 -10.81 -9.61
N MSE G 92 -30.22 -10.79 -10.12
CA MSE G 92 -30.42 -10.36 -11.49
C MSE G 92 -31.53 -9.31 -11.55
O MSE G 92 -32.25 -9.13 -10.57
CB MSE G 92 -30.74 -11.58 -12.35
CG MSE G 92 -29.54 -12.54 -12.40
SE MSE G 92 -29.59 -13.79 -13.85
CE MSE G 92 -28.89 -12.62 -15.23
N TYR G 93 -31.62 -8.58 -12.65
CA TYR G 93 -32.66 -7.58 -12.82
C TYR G 93 -32.64 -6.40 -11.84
N LEU G 94 -31.45 -5.83 -11.61
CA LEU G 94 -31.31 -4.66 -10.74
C LEU G 94 -31.75 -3.47 -11.58
N HIS G 95 -32.46 -2.52 -10.98
CA HIS G 95 -32.87 -1.34 -11.72
C HIS G 95 -31.92 -0.24 -11.25
N PRO G 96 -31.22 0.42 -12.18
CA PRO G 96 -30.27 1.48 -11.83
C PRO G 96 -30.78 2.64 -10.96
N ASP G 97 -32.00 3.09 -11.19
CA ASP G 97 -32.56 4.20 -10.42
C ASP G 97 -32.83 3.83 -8.96
N HIS G 98 -32.95 2.53 -8.71
CA HIS G 98 -33.25 2.01 -7.38
C HIS G 98 -32.07 1.24 -6.78
N LEU G 99 -30.92 1.29 -7.45
CA LEU G 99 -29.71 0.62 -6.99
C LEU G 99 -29.01 1.54 -6.01
N THR G 100 -29.37 1.45 -4.74
CA THR G 100 -28.81 2.29 -3.70
C THR G 100 -27.44 1.84 -3.25
N GLU G 101 -26.72 2.71 -2.56
CA GLU G 101 -25.40 2.31 -2.11
C GLU G 101 -25.50 1.21 -1.06
N GLU G 102 -26.63 1.12 -0.36
CA GLU G 102 -26.81 0.06 0.64
C GLU G 102 -26.81 -1.31 -0.03
N ILE G 103 -27.53 -1.41 -1.14
CA ILE G 103 -27.62 -2.64 -1.91
C ILE G 103 -26.24 -2.95 -2.49
N ILE G 104 -25.63 -1.96 -3.13
CA ILE G 104 -24.31 -2.16 -3.70
C ILE G 104 -23.32 -2.59 -2.61
N SER G 105 -23.33 -1.90 -1.47
CA SER G 105 -22.43 -2.24 -0.39
C SER G 105 -22.65 -3.68 0.10
N ALA G 106 -23.91 -4.07 0.25
CA ALA G 106 -24.19 -5.42 0.72
C ALA G 106 -23.70 -6.44 -0.30
N MSE G 107 -23.94 -6.17 -1.57
CA MSE G 107 -23.50 -7.10 -2.61
C MSE G 107 -21.99 -7.26 -2.60
O MSE G 107 -21.47 -8.36 -2.75
CB MSE G 107 -24.01 -6.67 -3.98
CG MSE G 107 -25.49 -6.97 -4.15
SE MSE G 107 -26.21 -6.30 -5.79
CE MSE G 107 -25.45 -7.66 -6.97
N LEU G 108 -21.28 -6.15 -2.43
CA LEU G 108 -19.82 -6.19 -2.40
C LEU G 108 -19.26 -6.83 -1.13
N GLU G 109 -19.92 -6.62 0.01
CA GLU G 109 -19.46 -7.16 1.30
C GLU G 109 -19.80 -8.61 1.64
N LEU G 110 -20.95 -9.10 1.18
CA LEU G 110 -21.34 -10.49 1.47
C LEU G 110 -20.54 -11.42 0.58
N ASP G 111 -19.73 -12.26 1.19
CA ASP G 111 -18.86 -13.14 0.43
C ASP G 111 -19.48 -14.18 -0.50
N LYS G 112 -20.72 -14.59 -0.26
CA LYS G 112 -21.34 -15.59 -1.14
C LYS G 112 -22.04 -14.94 -2.34
N VAL G 113 -22.23 -13.63 -2.26
CA VAL G 113 -22.87 -12.89 -3.35
C VAL G 113 -21.80 -12.67 -4.42
N VAL G 114 -22.04 -13.16 -5.63
CA VAL G 114 -21.06 -12.95 -6.68
C VAL G 114 -21.14 -11.49 -7.10
N LYS G 115 -19.97 -10.91 -7.37
CA LYS G 115 -19.86 -9.52 -7.76
C LYS G 115 -20.25 -9.31 -9.21
N TYR G 116 -21.49 -9.69 -9.49
CA TYR G 116 -22.09 -9.65 -10.81
C TYR G 116 -23.25 -8.65 -10.75
N PHE G 117 -23.13 -7.55 -11.49
CA PHE G 117 -24.16 -6.51 -11.50
C PHE G 117 -24.94 -6.41 -12.81
N ASP G 118 -26.14 -6.98 -12.80
CA ASP G 118 -27.03 -6.99 -13.94
C ASP G 118 -27.93 -5.77 -13.85
N VAL G 119 -27.46 -4.65 -14.39
CA VAL G 119 -28.19 -3.38 -14.33
C VAL G 119 -28.31 -2.68 -15.69
N PRO G 120 -29.42 -2.91 -16.41
CA PRO G 120 -29.66 -2.28 -17.72
C PRO G 120 -29.92 -0.78 -17.58
N VAL G 121 -29.08 0.03 -18.20
CA VAL G 121 -29.23 1.48 -18.11
C VAL G 121 -30.05 2.09 -19.25
N GLN G 122 -30.26 1.30 -20.30
CA GLN G 122 -31.04 1.72 -21.47
C GLN G 122 -30.37 2.75 -22.38
N HIS G 123 -29.69 3.74 -21.80
CA HIS G 123 -29.04 4.74 -22.64
C HIS G 123 -28.00 5.53 -21.86
N GLY G 124 -27.25 6.36 -22.58
CA GLY G 124 -26.23 7.17 -21.93
C GLY G 124 -26.49 8.66 -22.04
N SER G 125 -27.41 9.05 -22.93
CA SER G 125 -27.74 10.46 -23.10
C SER G 125 -28.80 10.90 -22.10
N ASP G 126 -28.52 11.98 -21.37
CA ASP G 126 -29.48 12.48 -20.38
C ASP G 126 -30.83 12.77 -21.02
N LYS G 127 -30.82 13.46 -22.15
CA LYS G 127 -32.06 13.79 -22.83
C LYS G 127 -32.90 12.55 -23.08
N ILE G 128 -32.27 11.48 -23.55
CA ILE G 128 -32.96 10.24 -23.82
C ILE G 128 -33.39 9.53 -22.53
N LEU G 129 -32.51 9.54 -21.53
CA LEU G 129 -32.81 8.91 -20.25
C LEU G 129 -34.10 9.51 -19.68
N LYS G 130 -34.18 10.84 -19.72
CA LYS G 130 -35.35 11.55 -19.22
C LYS G 130 -36.59 11.17 -20.04
N LEU G 131 -36.42 11.10 -21.35
CA LEU G 131 -37.55 10.74 -22.21
C LEU G 131 -38.05 9.33 -21.91
N MSE G 132 -37.17 8.46 -21.45
CA MSE G 132 -37.56 7.09 -21.14
C MSE G 132 -38.13 6.95 -19.73
O MSE G 132 -38.53 5.86 -19.32
CB MSE G 132 -36.37 6.15 -21.27
CG MSE G 132 -35.70 6.17 -22.64
SE MSE G 132 -34.18 4.97 -22.68
CE MSE G 132 -33.10 5.82 -21.35
N GLY G 133 -38.15 8.06 -18.98
CA GLY G 133 -38.69 8.00 -17.63
C GLY G 133 -37.65 7.63 -16.58
N ARG G 134 -36.38 7.67 -16.95
CA ARG G 134 -35.29 7.34 -16.04
C ARG G 134 -35.01 8.51 -15.11
N THR G 135 -34.64 8.21 -13.88
CA THR G 135 -34.36 9.26 -12.90
C THR G 135 -32.89 9.66 -12.79
N LYS G 136 -32.00 8.68 -12.62
CA LYS G 136 -30.59 8.99 -12.51
C LYS G 136 -30.01 9.48 -13.83
N SER G 137 -29.07 10.43 -13.75
CA SER G 137 -28.43 10.98 -14.93
C SER G 137 -27.26 10.12 -15.34
N SER G 138 -26.75 10.37 -16.55
CA SER G 138 -25.62 9.61 -17.06
C SER G 138 -24.41 9.84 -16.18
N GLU G 139 -24.34 11.01 -15.55
CA GLU G 139 -23.23 11.33 -14.66
C GLU G 139 -23.33 10.45 -13.42
N GLU G 140 -24.52 10.39 -12.84
CA GLU G 140 -24.75 9.58 -11.65
C GLU G 140 -24.49 8.09 -11.94
N LEU G 141 -24.98 7.62 -13.08
CA LEU G 141 -24.81 6.22 -13.44
C LEU G 141 -23.31 5.92 -13.55
N LYS G 142 -22.58 6.75 -14.28
CA LYS G 142 -21.14 6.55 -14.43
C LYS G 142 -20.42 6.53 -13.09
N LYS G 143 -20.79 7.44 -12.20
CA LYS G 143 -20.15 7.49 -10.88
C LYS G 143 -20.46 6.22 -10.08
N MSE G 144 -21.70 5.78 -10.13
CA MSE G 144 -22.14 4.57 -9.43
C MSE G 144 -21.36 3.34 -9.90
O MSE G 144 -20.77 2.61 -9.09
CB MSE G 144 -23.64 4.37 -9.64
CG MSE G 144 -24.21 3.08 -9.05
SE MSE G 144 -26.09 2.86 -9.52
CE MSE G 144 -25.87 2.36 -11.39
N LEU G 145 -21.36 3.12 -11.21
CA LEU G 145 -20.67 1.97 -11.79
C LEU G 145 -19.17 2.04 -11.57
N SER G 146 -18.57 3.21 -11.79
CA SER G 146 -17.12 3.37 -11.59
C SER G 146 -16.77 3.11 -10.13
N SER G 147 -17.67 3.49 -9.22
CA SER G 147 -17.43 3.28 -7.79
C SER G 147 -17.39 1.78 -7.48
N ILE G 148 -18.22 1.02 -8.17
CA ILE G 148 -18.26 -0.43 -7.97
C ILE G 148 -16.92 -1.02 -8.41
N ARG G 149 -16.45 -0.59 -9.58
CA ARG G 149 -15.17 -1.06 -10.12
C ARG G 149 -13.99 -0.62 -9.25
N GLU G 150 -14.11 0.54 -8.62
CA GLU G 150 -13.05 1.04 -7.74
C GLU G 150 -12.92 0.11 -6.54
N ARG G 151 -14.04 -0.29 -5.96
CA ARG G 151 -14.03 -1.18 -4.82
C ARG G 151 -13.68 -2.63 -5.16
N PHE G 152 -14.06 -3.07 -6.35
CA PHE G 152 -13.79 -4.44 -6.79
C PHE G 152 -13.56 -4.40 -8.30
N PRO G 153 -12.28 -4.27 -8.73
CA PRO G 153 -11.83 -4.21 -10.12
C PRO G 153 -12.40 -5.27 -11.05
N ASP G 154 -12.54 -6.51 -10.56
CA ASP G 154 -13.08 -7.57 -11.39
C ASP G 154 -14.60 -7.56 -11.46
N ALA G 155 -15.24 -6.57 -10.86
CA ALA G 155 -16.70 -6.52 -10.88
C ALA G 155 -17.26 -6.67 -12.28
N VAL G 156 -18.22 -7.58 -12.44
CA VAL G 156 -18.84 -7.79 -13.74
C VAL G 156 -20.05 -6.87 -13.88
N LEU G 157 -20.01 -6.00 -14.88
CA LEU G 157 -21.09 -5.07 -15.14
C LEU G 157 -21.77 -5.50 -16.42
N ARG G 158 -23.05 -5.83 -16.29
CA ARG G 158 -23.88 -6.31 -17.40
C ARG G 158 -25.03 -5.35 -17.62
N THR G 159 -25.24 -4.98 -18.88
CA THR G 159 -26.31 -4.05 -19.17
C THR G 159 -26.95 -4.25 -20.53
N SER G 160 -27.93 -3.41 -20.79
CA SER G 160 -28.72 -3.44 -22.00
C SER G 160 -28.95 -1.99 -22.45
N ILE G 161 -28.88 -1.76 -23.76
CA ILE G 161 -29.07 -0.43 -24.32
C ILE G 161 -30.16 -0.47 -25.40
N ILE G 162 -30.95 0.60 -25.45
CA ILE G 162 -32.01 0.71 -26.45
C ILE G 162 -31.67 1.86 -27.39
N VAL G 163 -31.45 1.58 -28.68
CA VAL G 163 -31.14 2.65 -29.63
C VAL G 163 -32.37 2.85 -30.51
N GLY G 164 -32.44 4.00 -31.18
CA GLY G 164 -33.59 4.25 -32.04
C GLY G 164 -34.82 4.72 -31.29
N PHE G 165 -34.63 5.12 -30.03
CA PHE G 165 -35.76 5.59 -29.23
C PHE G 165 -36.16 6.97 -29.77
N PRO G 166 -37.48 7.22 -29.90
CA PRO G 166 -37.96 8.50 -30.41
C PRO G 166 -37.28 9.70 -29.76
N GLY G 167 -36.66 10.53 -30.59
CA GLY G 167 -35.97 11.71 -30.09
C GLY G 167 -34.46 11.57 -30.14
N GLU G 168 -33.98 10.33 -30.24
CA GLU G 168 -32.55 10.08 -30.29
C GLU G 168 -31.93 10.68 -31.54
N THR G 169 -31.02 11.63 -31.32
CA THR G 169 -30.32 12.29 -32.41
C THR G 169 -28.90 11.77 -32.49
N GLU G 170 -28.17 12.27 -33.47
CA GLU G 170 -26.78 11.87 -33.67
C GLU G 170 -25.95 12.27 -32.44
N GLU G 171 -26.31 13.39 -31.83
CA GLU G 171 -25.61 13.89 -30.65
C GLU G 171 -25.86 12.95 -29.46
N ASP G 172 -27.09 12.47 -29.35
CA ASP G 172 -27.48 11.56 -28.28
C ASP G 172 -26.73 10.24 -28.41
N PHE G 173 -26.57 9.77 -29.64
CA PHE G 173 -25.87 8.52 -29.88
C PHE G 173 -24.38 8.68 -29.60
N GLU G 174 -23.86 9.86 -29.87
CA GLU G 174 -22.46 10.15 -29.63
C GLU G 174 -22.18 10.09 -28.13
N GLU G 175 -23.11 10.60 -27.33
CA GLU G 175 -22.97 10.59 -25.89
C GLU G 175 -23.03 9.14 -25.42
N LEU G 176 -23.93 8.36 -26.02
CA LEU G 176 -24.07 6.95 -25.68
C LEU G 176 -22.73 6.25 -25.90
N LYS G 177 -22.08 6.51 -27.04
CA LYS G 177 -20.80 5.88 -27.30
C LYS G 177 -19.74 6.25 -26.27
N GLN G 178 -19.63 7.53 -25.93
CA GLN G 178 -18.64 7.94 -24.95
C GLN G 178 -18.98 7.30 -23.60
N PHE G 179 -20.28 7.17 -23.35
CA PHE G 179 -20.80 6.57 -22.12
C PHE G 179 -20.35 5.11 -21.98
N VAL G 180 -20.61 4.29 -22.99
CA VAL G 180 -20.22 2.89 -22.91
C VAL G 180 -18.70 2.72 -22.86
N GLU G 181 -17.99 3.60 -23.55
CA GLU G 181 -16.54 3.58 -23.59
C GLU G 181 -15.92 3.86 -22.22
N GLU G 182 -16.48 4.81 -21.49
CA GLU G 182 -15.96 5.16 -20.17
C GLU G 182 -16.24 4.09 -19.12
N ILE G 183 -17.43 3.49 -19.17
CA ILE G 183 -17.79 2.47 -18.18
C ILE G 183 -17.11 1.13 -18.40
N GLN G 184 -16.98 0.72 -19.67
CA GLN G 184 -16.35 -0.55 -19.99
C GLN G 184 -17.14 -1.71 -19.40
N PHE G 185 -18.38 -1.88 -19.84
CA PHE G 185 -19.24 -2.97 -19.39
C PHE G 185 -18.62 -4.28 -19.85
N ASP G 186 -18.77 -5.34 -19.06
CA ASP G 186 -18.22 -6.64 -19.47
C ASP G 186 -19.16 -7.27 -20.49
N LYS G 187 -20.45 -7.07 -20.27
CA LYS G 187 -21.48 -7.63 -21.10
C LYS G 187 -22.50 -6.54 -21.43
N LEU G 188 -22.87 -6.43 -22.69
CA LEU G 188 -23.83 -5.42 -23.09
C LEU G 188 -24.63 -5.83 -24.31
N GLY G 189 -25.94 -5.77 -24.17
CA GLY G 189 -26.83 -6.09 -25.28
C GLY G 189 -27.30 -4.77 -25.86
N ALA G 190 -27.55 -4.75 -27.16
CA ALA G 190 -28.02 -3.55 -27.83
C ALA G 190 -29.25 -3.92 -28.64
N PHE G 191 -30.37 -3.28 -28.33
CA PHE G 191 -31.62 -3.57 -29.01
C PHE G 191 -32.22 -2.33 -29.68
N VAL G 192 -32.91 -2.53 -30.80
CA VAL G 192 -33.54 -1.43 -31.52
C VAL G 192 -34.92 -1.18 -30.91
N TYR G 193 -35.21 0.08 -30.61
CA TYR G 193 -36.50 0.45 -30.03
C TYR G 193 -37.66 -0.11 -30.85
N SER G 194 -38.73 -0.49 -30.17
CA SER G 194 -39.91 -1.04 -30.84
C SER G 194 -41.19 -0.46 -30.22
N ASP G 195 -42.14 -0.11 -31.07
CA ASP G 195 -43.40 0.45 -30.59
C ASP G 195 -44.58 -0.47 -30.92
N LYS G 207 -39.68 8.53 -34.94
CA LYS G 207 -38.75 9.64 -34.99
C LYS G 207 -37.48 9.25 -35.77
N VAL G 208 -36.90 8.09 -35.44
CA VAL G 208 -35.70 7.61 -36.12
C VAL G 208 -36.02 6.32 -36.90
N ASP G 209 -35.83 6.39 -38.22
CA ASP G 209 -36.12 5.25 -39.09
C ASP G 209 -35.40 3.98 -38.65
N PRO G 210 -36.04 2.81 -38.88
CA PRO G 210 -35.45 1.53 -38.50
C PRO G 210 -34.07 1.31 -39.11
N GLU G 211 -33.84 1.88 -40.29
CA GLU G 211 -32.55 1.77 -40.97
C GLU G 211 -31.46 2.40 -40.11
N MSE G 212 -31.72 3.62 -39.66
CA MSE G 212 -30.75 4.35 -38.84
C MSE G 212 -30.53 3.66 -37.50
O MSE G 212 -29.41 3.60 -37.01
CB MSE G 212 -31.21 5.80 -38.61
CG MSE G 212 -30.27 6.61 -37.73
SE MSE G 212 -28.46 6.70 -38.44
CE MSE G 212 -28.49 8.52 -39.10
N ALA G 213 -31.62 3.17 -36.91
CA ALA G 213 -31.54 2.48 -35.63
C ALA G 213 -30.69 1.23 -35.75
N LYS G 214 -30.82 0.53 -36.87
CA LYS G 214 -30.04 -0.68 -37.10
C LYS G 214 -28.56 -0.34 -37.21
N ARG G 215 -28.27 0.78 -37.88
CA ARG G 215 -26.88 1.22 -38.03
C ARG G 215 -26.28 1.56 -36.67
N ARG G 216 -27.06 2.20 -35.81
CA ARG G 216 -26.57 2.55 -34.48
C ARG G 216 -26.34 1.31 -33.63
N GLN G 217 -27.22 0.33 -33.79
CA GLN G 217 -27.11 -0.91 -33.02
C GLN G 217 -25.84 -1.65 -33.43
N GLU G 218 -25.63 -1.73 -34.75
CA GLU G 218 -24.47 -2.40 -35.31
C GLU G 218 -23.16 -1.72 -34.90
N GLU G 219 -23.15 -0.39 -34.88
CA GLU G 219 -21.93 0.30 -34.49
C GLU G 219 -21.65 0.08 -33.01
N LEU G 220 -22.71 0.14 -32.20
CA LEU G 220 -22.56 -0.05 -30.75
C LEU G 220 -22.04 -1.45 -30.44
N LEU G 221 -22.59 -2.47 -31.09
CA LEU G 221 -22.15 -3.83 -30.85
C LEU G 221 -20.70 -4.05 -31.30
N LEU G 222 -20.28 -3.34 -32.33
CA LEU G 222 -18.91 -3.45 -32.81
C LEU G 222 -17.97 -2.84 -31.78
N LEU G 223 -18.33 -1.66 -31.28
CA LEU G 223 -17.53 -0.99 -30.27
C LEU G 223 -17.43 -1.84 -28.99
N GLN G 224 -18.57 -2.39 -28.56
CA GLN G 224 -18.61 -3.20 -27.35
C GLN G 224 -17.80 -4.48 -27.51
N ALA G 225 -17.73 -4.98 -28.74
CA ALA G 225 -16.98 -6.20 -29.02
C ALA G 225 -15.55 -6.09 -28.52
N GLU G 226 -14.91 -4.95 -28.76
CA GLU G 226 -13.53 -4.74 -28.31
C GLU G 226 -13.46 -4.60 -26.80
N ILE G 227 -14.45 -3.93 -26.23
CA ILE G 227 -14.50 -3.73 -24.80
C ILE G 227 -14.66 -5.08 -24.09
N SER G 228 -15.62 -5.89 -24.53
CA SER G 228 -15.83 -7.19 -23.91
C SER G 228 -14.57 -8.06 -23.97
N ASN G 229 -13.91 -8.04 -25.12
CA ASN G 229 -12.69 -8.81 -25.32
C ASN G 229 -11.63 -8.34 -24.37
N SER G 230 -11.56 -7.02 -24.18
CA SER G 230 -10.58 -6.43 -23.30
C SER G 230 -10.86 -6.82 -21.84
N ARG G 231 -12.13 -6.92 -21.46
CA ARG G 231 -12.45 -7.30 -20.09
C ARG G 231 -12.10 -8.76 -19.89
N LEU G 232 -12.42 -9.60 -20.87
CA LEU G 232 -12.11 -11.02 -20.75
C LEU G 232 -10.60 -11.25 -20.69
N ASP G 233 -9.82 -10.44 -21.40
CA ASP G 233 -8.37 -10.58 -21.39
C ASP G 233 -7.76 -10.48 -19.98
N ARG G 234 -8.30 -9.62 -19.13
CA ARG G 234 -7.72 -9.51 -17.80
C ARG G 234 -7.92 -10.73 -16.91
N PHE G 235 -8.69 -11.71 -17.39
CA PHE G 235 -8.90 -12.92 -16.61
C PHE G 235 -7.88 -14.00 -17.01
N VAL G 236 -7.20 -13.80 -18.14
CA VAL G 236 -6.20 -14.77 -18.59
C VAL G 236 -5.11 -14.88 -17.53
N GLY G 237 -4.89 -16.10 -17.03
CA GLY G 237 -3.89 -16.32 -16.01
C GLY G 237 -4.41 -16.09 -14.60
N LYS G 238 -5.67 -15.68 -14.49
CA LYS G 238 -6.27 -15.42 -13.19
C LYS G 238 -7.08 -16.62 -12.71
N LYS G 239 -7.18 -16.76 -11.39
CA LYS G 239 -7.92 -17.85 -10.77
C LYS G 239 -9.35 -17.40 -10.47
N LEU G 240 -10.32 -18.21 -10.87
CA LEU G 240 -11.73 -17.88 -10.63
C LEU G 240 -12.52 -19.09 -10.15
N LYS G 241 -13.47 -18.84 -9.25
CA LYS G 241 -14.31 -19.92 -8.74
C LYS G 241 -15.22 -20.39 -9.88
N PHE G 242 -15.29 -21.71 -10.04
CA PHE G 242 -16.04 -22.36 -11.11
C PHE G 242 -17.04 -23.38 -10.58
N LEU G 243 -18.21 -23.44 -11.21
CA LEU G 243 -19.24 -24.40 -10.82
C LEU G 243 -19.41 -25.39 -11.95
N VAL G 244 -19.17 -26.67 -11.66
CA VAL G 244 -19.28 -27.73 -12.67
C VAL G 244 -20.74 -28.00 -13.05
N GLU G 245 -21.04 -28.02 -14.34
CA GLU G 245 -22.40 -28.31 -14.77
C GLU G 245 -22.48 -29.52 -15.72
N GLY G 246 -21.33 -30.01 -16.15
CA GLY G 246 -21.32 -31.15 -17.04
C GLY G 246 -19.93 -31.71 -17.23
N LYS G 247 -19.84 -32.90 -17.81
CA LYS G 247 -18.55 -33.53 -18.07
C LYS G 247 -18.50 -33.99 -19.51
N GLU G 248 -17.42 -33.64 -20.20
CA GLU G 248 -17.25 -34.03 -21.60
C GLU G 248 -15.82 -34.51 -21.81
N GLY G 249 -15.62 -35.82 -21.77
CA GLY G 249 -14.28 -36.37 -21.95
C GLY G 249 -13.37 -36.02 -20.79
N LYS G 250 -12.29 -35.31 -21.07
CA LYS G 250 -11.34 -34.91 -20.03
C LYS G 250 -11.63 -33.46 -19.63
N PHE G 251 -12.72 -32.92 -20.17
CA PHE G 251 -13.12 -31.55 -19.88
C PHE G 251 -14.34 -31.43 -18.97
N LEU G 252 -14.34 -30.39 -18.18
CA LEU G 252 -15.45 -30.09 -17.27
C LEU G 252 -16.06 -28.83 -17.84
N VAL G 253 -17.38 -28.83 -17.99
CA VAL G 253 -18.06 -27.67 -18.54
C VAL G 253 -18.90 -27.02 -17.46
N GLY G 254 -18.90 -25.69 -17.45
CA GLY G 254 -19.66 -24.96 -16.47
C GLY G 254 -19.46 -23.47 -16.59
N ARG G 255 -19.56 -22.78 -15.45
CA ARG G 255 -19.42 -21.35 -15.42
C ARG G 255 -18.61 -20.83 -14.23
N THR G 256 -17.85 -19.78 -14.48
CA THR G 256 -17.10 -19.11 -13.43
C THR G 256 -18.19 -18.22 -12.85
N TRP G 257 -17.95 -17.60 -11.70
CA TRP G 257 -18.97 -16.75 -11.08
C TRP G 257 -19.42 -15.59 -11.98
N THR G 258 -18.56 -15.23 -12.93
CA THR G 258 -18.80 -14.13 -13.86
C THR G 258 -19.92 -14.35 -14.89
N GLU G 259 -20.34 -15.59 -15.07
CA GLU G 259 -21.36 -15.95 -16.06
C GLU G 259 -22.66 -16.48 -15.45
N ALA G 260 -23.78 -15.90 -15.87
CA ALA G 260 -25.07 -16.36 -15.40
C ALA G 260 -25.47 -17.48 -16.35
N PRO G 261 -26.34 -18.40 -15.89
CA PRO G 261 -26.75 -19.48 -16.78
C PRO G 261 -27.53 -19.03 -18.02
N GLU G 262 -27.36 -19.79 -19.10
CA GLU G 262 -28.02 -19.59 -20.38
C GLU G 262 -27.84 -18.27 -21.13
N VAL G 263 -27.69 -17.17 -20.41
CA VAL G 263 -27.59 -15.87 -21.05
C VAL G 263 -26.19 -15.31 -21.28
N ASP G 264 -25.19 -15.88 -20.64
CA ASP G 264 -23.83 -15.37 -20.83
C ASP G 264 -22.99 -16.41 -21.57
N GLY G 265 -21.72 -16.56 -21.20
CA GLY G 265 -20.87 -17.52 -21.88
C GLY G 265 -20.70 -18.82 -21.11
N VAL G 266 -19.88 -19.72 -21.64
CA VAL G 266 -19.64 -20.99 -20.97
C VAL G 266 -18.14 -21.11 -20.73
N VAL G 267 -17.75 -21.92 -19.74
CA VAL G 267 -16.34 -22.12 -19.45
C VAL G 267 -15.99 -23.60 -19.49
N PHE G 268 -14.90 -23.91 -20.18
CA PHE G 268 -14.41 -25.28 -20.35
C PHE G 268 -13.07 -25.41 -19.65
N VAL G 269 -12.94 -26.42 -18.80
CA VAL G 269 -11.69 -26.64 -18.09
C VAL G 269 -11.36 -28.13 -17.99
N ARG G 270 -10.09 -28.47 -18.19
CA ARG G 270 -9.70 -29.87 -18.09
C ARG G 270 -9.39 -30.22 -16.64
N GLY G 271 -10.01 -31.28 -16.15
CA GLY G 271 -9.80 -31.71 -14.77
C GLY G 271 -10.85 -32.70 -14.32
N LYS G 272 -10.71 -33.21 -13.11
CA LYS G 272 -11.66 -34.17 -12.57
C LYS G 272 -12.70 -33.46 -11.71
N GLY G 273 -13.91 -34.00 -11.66
CA GLY G 273 -14.96 -33.40 -10.87
C GLY G 273 -16.34 -33.88 -11.23
N LYS G 274 -17.30 -33.59 -10.36
CA LYS G 274 -18.68 -33.97 -10.57
C LYS G 274 -19.59 -32.73 -10.59
N ILE G 275 -20.72 -32.86 -11.27
CA ILE G 275 -21.70 -31.78 -11.37
C ILE G 275 -22.04 -31.26 -9.98
N GLY G 276 -21.97 -29.94 -9.78
CA GLY G 276 -22.29 -29.37 -8.49
C GLY G 276 -21.07 -28.96 -7.68
N ASP G 277 -19.91 -29.45 -8.07
CA ASP G 277 -18.69 -29.10 -7.35
C ASP G 277 -18.21 -27.69 -7.66
N PHE G 278 -17.58 -27.07 -6.67
CA PHE G 278 -16.99 -25.74 -6.85
C PHE G 278 -15.51 -26.05 -7.02
N LEU G 279 -14.90 -25.53 -8.08
CA LEU G 279 -13.49 -25.74 -8.32
C LEU G 279 -12.81 -24.39 -8.56
N GLU G 280 -11.49 -24.38 -8.40
CA GLU G 280 -10.69 -23.19 -8.63
C GLU G 280 -10.01 -23.43 -9.98
N VAL G 281 -10.26 -22.55 -10.94
CA VAL G 281 -9.66 -22.73 -12.26
C VAL G 281 -8.90 -21.48 -12.71
N VAL G 282 -7.91 -21.66 -13.59
CA VAL G 282 -7.15 -20.54 -14.11
C VAL G 282 -7.48 -20.47 -15.60
N ILE G 283 -7.90 -19.30 -16.06
CA ILE G 283 -8.27 -19.13 -17.45
C ILE G 283 -7.04 -19.04 -18.33
N LYS G 284 -7.04 -19.80 -19.41
CA LYS G 284 -5.91 -19.81 -20.32
C LYS G 284 -6.20 -18.93 -21.54
N GLU G 285 -7.44 -18.97 -22.02
CA GLU G 285 -7.81 -18.17 -23.18
C GLU G 285 -9.32 -18.05 -23.32
N HIS G 286 -9.76 -17.12 -24.16
CA HIS G 286 -11.19 -16.94 -24.39
C HIS G 286 -11.44 -16.66 -25.87
N ASP G 287 -12.64 -16.98 -26.32
CA ASP G 287 -13.01 -16.75 -27.72
C ASP G 287 -14.54 -16.75 -27.85
N GLU G 288 -15.06 -15.75 -28.54
CA GLU G 288 -16.50 -15.62 -28.74
C GLU G 288 -17.27 -15.64 -27.43
N TYR G 289 -16.70 -15.01 -26.41
CA TYR G 289 -17.31 -14.93 -25.08
C TYR G 289 -17.25 -16.20 -24.25
N ASP G 290 -16.66 -17.28 -24.77
CA ASP G 290 -16.51 -18.51 -23.99
C ASP G 290 -15.07 -18.55 -23.49
N MSE G 291 -14.80 -19.31 -22.44
CA MSE G 291 -13.46 -19.41 -21.88
C MSE G 291 -12.99 -20.85 -21.75
O MSE G 291 -13.78 -21.78 -21.59
CB MSE G 291 -13.42 -18.73 -20.51
CG MSE G 291 -13.60 -17.23 -20.55
SE MSE G 291 -13.43 -16.40 -18.78
CE MSE G 291 -15.33 -16.15 -18.39
N TRP G 292 -11.66 -21.02 -21.82
CA TRP G 292 -11.04 -22.32 -21.68
C TRP G 292 -9.92 -22.18 -20.66
N GLY G 293 -9.80 -23.15 -19.78
CA GLY G 293 -8.76 -23.09 -18.76
C GLY G 293 -8.50 -24.46 -18.17
N SER G 294 -7.86 -24.46 -17.00
CA SER G 294 -7.53 -25.70 -16.32
C SER G 294 -7.85 -25.60 -14.82
N VAL G 295 -8.20 -26.72 -14.22
CA VAL G 295 -8.52 -26.75 -12.80
C VAL G 295 -7.26 -26.82 -11.95
N ILE G 296 -7.16 -25.95 -10.94
CA ILE G 296 -6.01 -25.91 -10.06
C ILE G 296 -6.13 -27.01 -9.00
N GLU H 2 20.91 -26.68 9.51
CA GLU H 2 20.93 -25.29 8.96
C GLU H 2 19.70 -24.46 9.31
N ARG H 3 18.68 -25.08 9.90
CA ARG H 3 17.46 -24.36 10.28
C ARG H 3 17.77 -23.39 11.43
N PRO H 4 17.23 -22.17 11.36
CA PRO H 4 17.47 -21.18 12.42
C PRO H 4 16.63 -21.37 13.68
N TYR H 5 15.72 -22.34 13.65
CA TYR H 5 14.88 -22.58 14.81
C TYR H 5 15.07 -23.99 15.36
N ALA H 6 14.62 -24.21 16.59
CA ALA H 6 14.73 -25.51 17.21
C ALA H 6 13.58 -25.74 18.19
N TYR H 7 13.12 -26.97 18.26
CA TYR H 7 12.06 -27.32 19.20
C TYR H 7 12.74 -27.81 20.45
N VAL H 8 12.18 -27.42 21.60
CA VAL H 8 12.74 -27.82 22.88
C VAL H 8 11.61 -28.49 23.66
N LYS H 9 11.75 -29.78 23.96
CA LYS H 9 10.73 -30.51 24.70
C LYS H 9 10.96 -30.36 26.19
N ILE H 10 10.10 -29.58 26.83
CA ILE H 10 10.20 -29.30 28.26
C ILE H 10 9.58 -30.35 29.17
N SER H 11 8.81 -31.26 28.58
CA SER H 11 8.15 -32.34 29.30
C SER H 11 7.84 -33.48 28.34
N ASP H 12 7.73 -34.68 28.87
CA ASP H 12 7.43 -35.86 28.05
C ASP H 12 6.46 -36.80 28.77
N GLY H 13 5.28 -36.29 29.10
CA GLY H 13 4.29 -37.09 29.79
C GLY H 13 2.88 -36.66 29.48
N GLY H 28 3.14 -41.87 29.80
CA GLY H 28 1.87 -41.48 30.36
C GLY H 28 2.00 -40.42 31.44
N SER H 29 2.73 -40.76 32.51
CA SER H 29 2.94 -39.84 33.62
C SER H 29 3.71 -38.60 33.16
N LEU H 30 3.26 -37.44 33.61
CA LEU H 30 3.89 -36.18 33.26
C LEU H 30 5.30 -36.12 33.84
N ARG H 31 6.30 -35.90 32.98
CA ARG H 31 7.69 -35.83 33.40
C ARG H 31 8.33 -34.56 32.84
N SER H 32 8.51 -33.55 33.68
CA SER H 32 9.10 -32.29 33.28
C SER H 32 10.61 -32.24 33.49
N ARG H 33 11.33 -31.58 32.57
CA ARG H 33 12.78 -31.45 32.72
C ARG H 33 12.98 -30.21 33.59
N SER H 34 14.09 -30.16 34.31
CA SER H 34 14.36 -29.03 35.18
C SER H 34 14.63 -27.75 34.41
N ILE H 35 14.33 -26.61 35.03
CA ILE H 35 14.56 -25.33 34.37
C ILE H 35 16.03 -25.21 33.98
N GLU H 36 16.91 -25.60 34.89
CA GLU H 36 18.34 -25.54 34.61
C GLU H 36 18.74 -26.40 33.41
N ASP H 37 18.18 -27.60 33.31
CA ASP H 37 18.53 -28.47 32.17
C ASP H 37 18.04 -27.91 30.83
N ILE H 38 16.83 -27.36 30.82
CA ILE H 38 16.26 -26.77 29.61
C ILE H 38 17.07 -25.54 29.23
N THR H 39 17.43 -24.76 30.25
CA THR H 39 18.21 -23.56 30.03
C THR H 39 19.56 -23.88 29.38
N ARG H 40 20.27 -24.89 29.88
CA ARG H 40 21.56 -25.25 29.28
C ARG H 40 21.37 -25.69 27.83
N GLU H 41 20.28 -26.40 27.54
CA GLU H 41 20.02 -26.83 26.18
C GLU H 41 19.82 -25.61 25.28
N VAL H 42 18.98 -24.68 25.70
CA VAL H 42 18.73 -23.49 24.91
C VAL H 42 20.03 -22.68 24.68
N GLU H 43 20.86 -22.57 25.72
CA GLU H 43 22.13 -21.85 25.63
C GLU H 43 22.98 -22.47 24.54
N ASP H 44 23.04 -23.80 24.51
CA ASP H 44 23.82 -24.50 23.50
C ASP H 44 23.26 -24.21 22.11
N LEU H 45 21.94 -24.13 22.03
CA LEU H 45 21.28 -23.85 20.77
C LEU H 45 21.59 -22.42 20.32
N LEU H 46 21.60 -21.48 21.26
CA LEU H 46 21.90 -20.09 20.93
C LEU H 46 23.34 -19.94 20.50
N LYS H 47 24.21 -20.75 21.12
CA LYS H 47 25.63 -20.72 20.81
C LYS H 47 25.88 -21.26 19.40
N GLU H 48 25.00 -22.13 18.91
CA GLU H 48 25.20 -22.65 17.57
C GLU H 48 24.48 -21.82 16.51
N GLY H 49 23.91 -20.68 16.90
CA GLY H 49 23.26 -19.82 15.93
C GLY H 49 21.74 -19.78 15.86
N LYS H 50 21.07 -20.67 16.59
CA LYS H 50 19.60 -20.68 16.58
C LYS H 50 19.03 -19.34 17.02
N LYS H 51 18.00 -18.88 16.30
CA LYS H 51 17.38 -17.60 16.60
C LYS H 51 15.96 -17.73 17.12
N GLU H 52 15.42 -18.93 17.08
CA GLU H 52 14.05 -19.13 17.56
C GLU H 52 13.99 -20.41 18.36
N ILE H 53 13.51 -20.27 19.59
CA ILE H 53 13.38 -21.40 20.52
C ILE H 53 11.88 -21.66 20.69
N ILE H 54 11.46 -22.84 20.27
CA ILE H 54 10.05 -23.22 20.33
C ILE H 54 9.85 -24.29 21.40
N LEU H 55 9.19 -23.90 22.48
CA LEU H 55 8.92 -24.79 23.61
C LEU H 55 7.69 -25.64 23.31
N VAL H 56 7.86 -26.96 23.39
CA VAL H 56 6.78 -27.90 23.11
C VAL H 56 6.59 -28.98 24.16
N ALA H 57 5.41 -29.59 24.12
CA ALA H 57 5.02 -30.66 25.04
C ALA H 57 3.55 -30.91 24.74
N GLN H 58 2.99 -32.00 25.27
CA GLN H 58 1.58 -32.29 25.05
C GLN H 58 0.78 -31.10 25.58
N ASP H 59 1.15 -30.61 26.75
CA ASP H 59 0.49 -29.47 27.37
C ASP H 59 1.56 -28.63 28.03
N THR H 60 2.02 -27.59 27.33
CA THR H 60 3.07 -26.72 27.85
C THR H 60 2.69 -25.99 29.14
N THR H 61 1.42 -25.64 29.30
CA THR H 61 0.99 -24.95 30.51
C THR H 61 1.07 -25.82 31.76
N SER H 62 1.26 -27.12 31.59
CA SER H 62 1.36 -28.02 32.74
C SER H 62 2.81 -28.27 33.16
N TYR H 63 3.76 -27.59 32.51
CA TYR H 63 5.18 -27.74 32.83
C TYR H 63 5.53 -27.50 34.31
N GLY H 64 6.32 -28.40 34.89
CA GLY H 64 6.75 -28.23 36.27
C GLY H 64 5.87 -28.68 37.41
N ILE H 65 4.63 -29.05 37.11
CA ILE H 65 3.71 -29.50 38.14
C ILE H 65 4.23 -30.75 38.85
N ASP H 66 4.90 -31.62 38.10
CA ASP H 66 5.42 -32.87 38.67
C ASP H 66 6.78 -32.73 39.32
N LEU H 67 7.40 -31.57 39.14
CA LEU H 67 8.73 -31.33 39.68
C LEU H 67 8.81 -30.19 40.69
N TYR H 68 8.06 -29.13 40.44
CA TYR H 68 8.06 -27.98 41.33
C TYR H 68 6.77 -27.84 42.11
N ARG H 69 5.83 -28.76 41.89
CA ARG H 69 4.55 -28.70 42.58
C ARG H 69 3.78 -27.43 42.22
N LYS H 70 3.93 -26.99 40.98
CA LYS H 70 3.26 -25.78 40.51
C LYS H 70 3.57 -25.53 39.03
N GLN H 71 2.79 -24.65 38.42
CA GLN H 71 2.97 -24.31 37.00
C GLN H 71 4.15 -23.36 36.88
N ALA H 72 5.32 -23.94 36.69
CA ALA H 72 6.54 -23.16 36.58
C ALA H 72 6.87 -22.61 35.20
N LEU H 73 5.92 -22.67 34.26
CA LEU H 73 6.18 -22.15 32.91
C LEU H 73 6.68 -20.72 33.00
N PRO H 74 6.08 -19.88 33.86
CA PRO H 74 6.50 -18.48 34.00
C PRO H 74 7.98 -18.36 34.36
N ASP H 75 8.40 -19.19 35.32
CA ASP H 75 9.78 -19.22 35.78
C ASP H 75 10.72 -19.65 34.66
N LEU H 76 10.31 -20.66 33.90
CA LEU H 76 11.11 -21.16 32.80
C LEU H 76 11.32 -20.06 31.77
N LEU H 77 10.23 -19.42 31.39
CA LEU H 77 10.28 -18.33 30.40
C LEU H 77 11.19 -17.19 30.83
N ARG H 78 11.08 -16.76 32.09
CA ARG H 78 11.91 -15.68 32.59
C ARG H 78 13.39 -16.07 32.51
N ARG H 79 13.66 -17.32 32.84
CA ARG H 79 15.04 -17.82 32.81
C ARG H 79 15.59 -17.80 31.39
N LEU H 80 14.81 -18.32 30.44
CA LEU H 80 15.23 -18.37 29.05
C LEU H 80 15.34 -16.95 28.48
N ASN H 81 14.38 -16.09 28.85
CA ASN H 81 14.37 -14.72 28.38
C ASN H 81 15.66 -14.00 28.77
N SER H 82 16.22 -14.34 29.93
CA SER H 82 17.45 -13.71 30.39
C SER H 82 18.71 -14.15 29.66
N LEU H 83 18.64 -15.22 28.89
CA LEU H 83 19.82 -15.66 28.16
C LEU H 83 20.21 -14.53 27.21
N ASN H 84 21.51 -14.40 26.97
CA ASN H 84 22.05 -13.34 26.12
C ASN H 84 21.80 -13.48 24.62
N GLY H 85 21.46 -12.37 23.97
CA GLY H 85 21.23 -12.37 22.53
C GLY H 85 19.85 -11.94 22.07
N GLU H 86 19.73 -11.73 20.76
CA GLU H 86 18.46 -11.37 20.16
C GLU H 86 17.94 -12.67 19.56
N PHE H 87 16.82 -13.16 20.09
CA PHE H 87 16.20 -14.40 19.61
C PHE H 87 14.75 -14.41 20.02
N TRP H 88 13.97 -15.31 19.44
CA TRP H 88 12.56 -15.45 19.77
C TRP H 88 12.32 -16.69 20.61
N ILE H 89 11.34 -16.60 21.52
CA ILE H 89 10.93 -17.72 22.34
C ILE H 89 9.46 -17.88 21.96
N ARG H 90 9.09 -19.05 21.42
CA ARG H 90 7.71 -19.29 21.02
C ARG H 90 7.16 -20.49 21.77
N VAL H 91 5.99 -20.33 22.36
CA VAL H 91 5.38 -21.40 23.12
C VAL H 91 4.26 -22.00 22.28
N MSE H 92 4.13 -23.31 22.34
CA MSE H 92 3.07 -23.94 21.59
C MSE H 92 2.34 -24.97 22.44
O MSE H 92 2.81 -25.32 23.52
CB MSE H 92 3.63 -24.55 20.30
CG MSE H 92 4.07 -23.46 19.32
SE MSE H 92 4.59 -24.19 17.65
CE MSE H 92 2.86 -24.12 16.79
N TYR H 93 1.19 -25.39 21.97
CA TYR H 93 0.39 -26.39 22.66
C TYR H 93 -0.08 -25.95 24.06
N LEU H 94 -0.62 -24.75 24.16
CA LEU H 94 -1.15 -24.24 25.42
C LEU H 94 -2.53 -24.88 25.60
N HIS H 95 -2.90 -25.21 26.84
CA HIS H 95 -4.21 -25.78 27.12
C HIS H 95 -4.99 -24.66 27.83
N PRO H 96 -6.11 -24.22 27.24
CA PRO H 96 -6.95 -23.14 27.79
C PRO H 96 -7.39 -23.29 29.24
N ASP H 97 -7.76 -24.50 29.65
CA ASP H 97 -8.19 -24.71 31.02
C ASP H 97 -7.06 -24.52 32.02
N HIS H 98 -5.83 -24.57 31.52
CA HIS H 98 -4.66 -24.44 32.37
C HIS H 98 -3.87 -23.16 32.10
N LEU H 99 -4.36 -22.34 31.17
CA LEU H 99 -3.68 -21.09 30.84
C LEU H 99 -4.03 -20.06 31.91
N THR H 100 -3.20 -20.00 32.94
CA THR H 100 -3.41 -19.07 34.06
C THR H 100 -2.96 -17.65 33.73
N GLU H 101 -3.42 -16.69 34.54
CA GLU H 101 -3.06 -15.30 34.35
C GLU H 101 -1.56 -15.10 34.59
N GLU H 102 -0.95 -16.01 35.34
CA GLU H 102 0.47 -15.91 35.60
C GLU H 102 1.28 -16.24 34.35
N ILE H 103 0.80 -17.21 33.56
CA ILE H 103 1.49 -17.59 32.33
C ILE H 103 1.29 -16.48 31.28
N ILE H 104 0.04 -16.08 31.09
CA ILE H 104 -0.31 -15.04 30.15
C ILE H 104 0.50 -13.77 30.42
N SER H 105 0.53 -13.37 31.67
CA SER H 105 1.26 -12.16 32.03
C SER H 105 2.76 -12.28 31.74
N ALA H 106 3.32 -13.46 32.00
CA ALA H 106 4.75 -13.69 31.75
C ALA H 106 5.05 -13.60 30.26
N MSE H 107 4.20 -14.21 29.46
CA MSE H 107 4.36 -14.22 28.02
C MSE H 107 4.26 -12.81 27.44
O MSE H 107 4.93 -12.49 26.47
CB MSE H 107 3.32 -15.14 27.38
CG MSE H 107 3.61 -16.63 27.62
SE MSE H 107 2.28 -17.83 26.92
CE MSE H 107 2.63 -17.60 25.02
N LEU H 108 3.43 -11.97 28.05
CA LEU H 108 3.26 -10.60 27.58
C LEU H 108 4.38 -9.68 28.07
N GLU H 109 4.85 -9.90 29.29
CA GLU H 109 5.91 -9.07 29.87
C GLU H 109 7.31 -9.32 29.30
N LEU H 110 7.67 -10.59 29.12
CA LEU H 110 8.99 -10.96 28.60
C LEU H 110 9.17 -10.55 27.15
N ASP H 111 10.13 -9.66 26.89
CA ASP H 111 10.36 -9.14 25.55
C ASP H 111 10.73 -10.11 24.43
N LYS H 112 11.45 -11.18 24.75
CA LYS H 112 11.84 -12.14 23.73
C LYS H 112 10.77 -13.19 23.45
N VAL H 113 9.76 -13.23 24.30
CA VAL H 113 8.70 -14.19 24.10
C VAL H 113 7.75 -13.56 23.09
N VAL H 114 7.50 -14.25 21.97
CA VAL H 114 6.61 -13.70 20.97
C VAL H 114 5.17 -13.80 21.48
N LYS H 115 4.36 -12.76 21.23
CA LYS H 115 2.98 -12.70 21.69
C LYS H 115 2.07 -13.58 20.84
N TYR H 116 2.47 -14.84 20.73
CA TYR H 116 1.79 -15.85 19.95
C TYR H 116 1.16 -16.85 20.91
N PHE H 117 -0.16 -16.97 20.86
CA PHE H 117 -0.88 -17.87 21.75
C PHE H 117 -1.54 -19.01 21.05
N ASP H 118 -0.92 -20.18 21.15
CA ASP H 118 -1.43 -21.40 20.52
C ASP H 118 -2.28 -22.11 21.57
N VAL H 119 -3.58 -21.86 21.54
CA VAL H 119 -4.50 -22.43 22.50
C VAL H 119 -5.79 -22.94 21.87
N PRO H 120 -5.81 -24.23 21.51
CA PRO H 120 -7.00 -24.84 20.88
C PRO H 120 -8.14 -24.97 21.88
N VAL H 121 -9.25 -24.29 21.60
CA VAL H 121 -10.40 -24.32 22.48
C VAL H 121 -11.41 -25.41 22.13
N GLN H 122 -11.27 -26.02 20.95
CA GLN H 122 -12.14 -27.11 20.52
C GLN H 122 -13.56 -26.71 20.13
N HIS H 123 -14.21 -25.84 20.91
CA HIS H 123 -15.57 -25.43 20.58
C HIS H 123 -15.97 -24.16 21.32
N GLY H 124 -17.14 -23.62 20.97
CA GLY H 124 -17.61 -22.40 21.59
C GLY H 124 -18.89 -22.56 22.38
N SER H 125 -19.55 -23.70 22.18
CA SER H 125 -20.79 -24.00 22.86
C SER H 125 -20.50 -24.64 24.22
N ASP H 126 -21.07 -24.09 25.29
CA ASP H 126 -20.84 -24.63 26.63
C ASP H 126 -21.28 -26.08 26.74
N LYS H 127 -22.39 -26.42 26.10
CA LYS H 127 -22.91 -27.78 26.12
C LYS H 127 -21.88 -28.75 25.54
N ILE H 128 -21.29 -28.37 24.41
CA ILE H 128 -20.29 -29.21 23.75
C ILE H 128 -18.98 -29.23 24.53
N LEU H 129 -18.60 -28.09 25.08
CA LEU H 129 -17.38 -27.98 25.85
C LEU H 129 -17.38 -28.99 26.99
N LYS H 130 -18.46 -28.99 27.78
CA LYS H 130 -18.59 -29.91 28.91
C LYS H 130 -18.56 -31.36 28.43
N LEU H 131 -19.20 -31.62 27.30
CA LEU H 131 -19.24 -32.97 26.74
C LEU H 131 -17.86 -33.44 26.31
N MSE H 132 -16.96 -32.49 26.05
CA MSE H 132 -15.60 -32.83 25.63
C MSE H 132 -14.66 -32.91 26.83
O MSE H 132 -13.49 -33.28 26.69
CB MSE H 132 -15.09 -31.79 24.63
CG MSE H 132 -15.97 -31.64 23.40
SE MSE H 132 -15.29 -30.36 22.11
CE MSE H 132 -15.09 -31.51 20.59
N GLY H 133 -15.17 -32.57 28.00
CA GLY H 133 -14.36 -32.62 29.20
C GLY H 133 -13.71 -31.29 29.53
N ARG H 134 -14.10 -30.24 28.81
CA ARG H 134 -13.55 -28.91 29.04
C ARG H 134 -14.13 -28.29 30.30
N THR H 135 -13.27 -27.62 31.06
CA THR H 135 -13.68 -26.99 32.30
C THR H 135 -14.16 -25.55 32.13
N LYS H 136 -13.27 -24.68 31.67
CA LYS H 136 -13.63 -23.27 31.47
C LYS H 136 -14.78 -23.14 30.48
N SER H 137 -15.65 -22.17 30.73
CA SER H 137 -16.82 -21.93 29.87
C SER H 137 -16.48 -20.99 28.72
N SER H 138 -17.36 -20.94 27.73
CA SER H 138 -17.12 -20.06 26.58
C SER H 138 -16.93 -18.63 27.08
N GLU H 139 -17.74 -18.25 28.07
CA GLU H 139 -17.66 -16.91 28.64
C GLU H 139 -16.27 -16.67 29.21
N GLU H 140 -15.75 -17.65 29.94
CA GLU H 140 -14.42 -17.52 30.54
C GLU H 140 -13.35 -17.48 29.47
N LEU H 141 -13.47 -18.36 28.48
CA LEU H 141 -12.52 -18.41 27.37
C LEU H 141 -12.44 -17.05 26.68
N LYS H 142 -13.60 -16.46 26.42
CA LYS H 142 -13.67 -15.15 25.76
C LYS H 142 -13.08 -14.06 26.64
N LYS H 143 -13.37 -14.15 27.94
CA LYS H 143 -12.86 -13.17 28.89
C LYS H 143 -11.33 -13.23 28.88
N MSE H 144 -10.81 -14.45 28.92
CA MSE H 144 -9.36 -14.66 28.92
C MSE H 144 -8.72 -14.09 27.65
O MSE H 144 -7.82 -13.26 27.72
CB MSE H 144 -9.05 -16.15 29.03
CG MSE H 144 -7.58 -16.50 28.89
SE MSE H 144 -7.34 -18.41 29.07
CE MSE H 144 -7.91 -18.95 27.30
N LEU H 145 -9.19 -14.55 26.51
CA LEU H 145 -8.67 -14.12 25.22
C LEU H 145 -8.79 -12.61 25.00
N SER H 146 -9.94 -12.03 25.36
CA SER H 146 -10.10 -10.59 25.18
C SER H 146 -9.11 -9.83 26.06
N SER H 147 -8.85 -10.40 27.24
CA SER H 147 -7.92 -9.79 28.18
C SER H 147 -6.53 -9.64 27.55
N ILE H 148 -6.09 -10.70 26.88
CA ILE H 148 -4.79 -10.69 26.20
C ILE H 148 -4.77 -9.58 25.14
N ARG H 149 -5.79 -9.57 24.30
CA ARG H 149 -5.89 -8.57 23.24
C ARG H 149 -5.91 -7.13 23.77
N GLU H 150 -6.57 -6.93 24.92
CA GLU H 150 -6.64 -5.59 25.51
C GLU H 150 -5.25 -5.08 25.89
N ARG H 151 -4.41 -5.98 26.41
CA ARG H 151 -3.05 -5.59 26.80
C ARG H 151 -2.10 -5.52 25.62
N PHE H 152 -2.34 -6.35 24.61
CA PHE H 152 -1.49 -6.37 23.42
C PHE H 152 -2.37 -6.60 22.19
N PRO H 153 -2.86 -5.52 21.58
CA PRO H 153 -3.72 -5.55 20.39
C PRO H 153 -3.25 -6.46 19.24
N ASP H 154 -1.95 -6.53 19.00
CA ASP H 154 -1.44 -7.37 17.91
C ASP H 154 -1.26 -8.84 18.29
N ALA H 155 -1.67 -9.21 19.50
CA ALA H 155 -1.52 -10.59 19.96
C ALA H 155 -2.09 -11.60 18.98
N VAL H 156 -1.28 -12.59 18.60
CA VAL H 156 -1.74 -13.61 17.70
C VAL H 156 -2.40 -14.73 18.51
N LEU H 157 -3.65 -15.01 18.17
CA LEU H 157 -4.45 -16.05 18.84
C LEU H 157 -4.68 -17.13 17.80
N ARG H 158 -4.23 -18.33 18.13
CA ARG H 158 -4.32 -19.46 17.24
C ARG H 158 -5.08 -20.58 17.93
N THR H 159 -6.06 -21.15 17.25
CA THR H 159 -6.82 -22.20 17.89
C THR H 159 -7.26 -23.28 16.92
N SER H 160 -7.96 -24.28 17.46
CA SER H 160 -8.45 -25.40 16.69
C SER H 160 -9.89 -25.69 17.14
N ILE H 161 -10.77 -25.92 16.18
CA ILE H 161 -12.17 -26.21 16.49
C ILE H 161 -12.60 -27.57 15.94
N ILE H 162 -13.42 -28.30 16.70
CA ILE H 162 -13.90 -29.60 16.28
C ILE H 162 -15.40 -29.57 16.06
N VAL H 163 -15.83 -29.58 14.79
CA VAL H 163 -17.25 -29.57 14.48
C VAL H 163 -17.73 -30.98 14.16
N GLY H 164 -18.96 -31.28 14.57
CA GLY H 164 -19.51 -32.60 14.31
C GLY H 164 -19.42 -33.51 15.52
N PHE H 165 -19.27 -32.93 16.70
CA PHE H 165 -19.18 -33.70 17.91
C PHE H 165 -20.57 -34.24 18.26
N PRO H 166 -20.66 -35.51 18.66
CA PRO H 166 -21.93 -36.15 19.02
C PRO H 166 -22.78 -35.29 19.95
N GLY H 167 -23.90 -34.80 19.44
CA GLY H 167 -24.77 -33.96 20.25
C GLY H 167 -24.73 -32.51 19.84
N GLU H 168 -23.99 -32.20 18.78
CA GLU H 168 -23.90 -30.84 18.29
C GLU H 168 -25.15 -30.48 17.52
N THR H 169 -25.90 -29.52 18.03
CA THR H 169 -27.13 -29.09 17.37
C THR H 169 -26.93 -27.76 16.64
N GLU H 170 -27.92 -27.38 15.85
CA GLU H 170 -27.85 -26.13 15.10
C GLU H 170 -27.58 -24.96 16.03
N GLU H 171 -28.09 -25.03 17.26
CA GLU H 171 -27.88 -23.96 18.22
C GLU H 171 -26.45 -23.94 18.75
N ASP H 172 -25.84 -25.12 18.86
CA ASP H 172 -24.48 -25.21 19.35
C ASP H 172 -23.55 -24.61 18.30
N PHE H 173 -23.77 -24.95 17.04
CA PHE H 173 -22.95 -24.43 15.95
C PHE H 173 -23.18 -22.94 15.81
N GLU H 174 -24.41 -22.51 16.06
CA GLU H 174 -24.74 -21.10 15.97
C GLU H 174 -23.97 -20.35 17.06
N GLU H 175 -23.93 -20.95 18.25
CA GLU H 175 -23.22 -20.35 19.37
C GLU H 175 -21.73 -20.32 19.06
N LEU H 176 -21.26 -21.34 18.35
CA LEU H 176 -19.84 -21.41 17.98
C LEU H 176 -19.48 -20.28 17.03
N LYS H 177 -20.36 -20.03 16.05
CA LYS H 177 -20.12 -18.97 15.07
C LYS H 177 -19.99 -17.58 15.70
N GLN H 178 -20.84 -17.26 16.66
CA GLN H 178 -20.74 -15.94 17.29
C GLN H 178 -19.51 -15.94 18.20
N PHE H 179 -19.12 -17.15 18.63
CA PHE H 179 -17.96 -17.34 19.50
C PHE H 179 -16.70 -16.92 18.74
N VAL H 180 -16.54 -17.48 17.53
CA VAL H 180 -15.37 -17.16 16.72
C VAL H 180 -15.45 -15.72 16.19
N GLU H 181 -16.67 -15.21 16.05
CA GLU H 181 -16.87 -13.85 15.58
C GLU H 181 -16.50 -12.83 16.65
N GLU H 182 -16.73 -13.18 17.91
CA GLU H 182 -16.41 -12.26 19.00
C GLU H 182 -14.92 -12.23 19.31
N ILE H 183 -14.28 -13.40 19.32
CA ILE H 183 -12.86 -13.49 19.63
C ILE H 183 -11.94 -12.97 18.52
N GLN H 184 -12.26 -13.30 17.26
CA GLN H 184 -11.45 -12.85 16.14
C GLN H 184 -10.04 -13.46 16.20
N PHE H 185 -9.99 -14.79 16.15
CA PHE H 185 -8.72 -15.52 16.16
C PHE H 185 -7.97 -15.15 14.89
N ASP H 186 -6.65 -15.09 14.97
CA ASP H 186 -5.84 -14.77 13.79
C ASP H 186 -5.76 -16.02 12.92
N LYS H 187 -5.70 -17.17 13.57
CA LYS H 187 -5.58 -18.46 12.90
C LYS H 187 -6.47 -19.49 13.58
N LEU H 188 -7.20 -20.26 12.78
CA LEU H 188 -8.09 -21.25 13.35
C LEU H 188 -8.35 -22.42 12.41
N GLY H 189 -8.10 -23.63 12.92
CA GLY H 189 -8.33 -24.83 12.13
C GLY H 189 -9.65 -25.45 12.56
N ALA H 190 -10.35 -26.07 11.62
CA ALA H 190 -11.63 -26.71 11.91
C ALA H 190 -11.59 -28.14 11.40
N PHE H 191 -11.77 -29.10 12.31
CA PHE H 191 -11.75 -30.52 11.95
C PHE H 191 -13.09 -31.20 12.28
N VAL H 192 -13.31 -32.36 11.69
CA VAL H 192 -14.54 -33.13 11.91
C VAL H 192 -14.32 -34.25 12.91
N TYR H 193 -15.26 -34.44 13.83
CA TYR H 193 -15.16 -35.49 14.83
C TYR H 193 -14.98 -36.86 14.20
N SER H 194 -14.34 -37.77 14.91
CA SER H 194 -14.10 -39.12 14.42
C SER H 194 -13.85 -40.09 15.57
N ASP H 195 -14.41 -41.30 15.45
CA ASP H 195 -14.25 -42.32 16.48
C ASP H 195 -14.00 -43.69 15.85
N LYS H 207 -24.16 -39.56 17.30
CA LYS H 207 -25.46 -38.93 17.08
C LYS H 207 -25.36 -37.84 16.01
N VAL H 208 -24.13 -37.42 15.71
CA VAL H 208 -23.89 -36.39 14.70
C VAL H 208 -24.02 -36.96 13.30
N ASP H 209 -24.48 -36.13 12.37
CA ASP H 209 -24.66 -36.54 10.97
C ASP H 209 -23.51 -36.03 10.10
N PRO H 210 -22.79 -36.95 9.44
CA PRO H 210 -21.67 -36.58 8.57
C PRO H 210 -22.06 -35.79 7.33
N GLU H 211 -23.32 -35.37 7.26
CA GLU H 211 -23.82 -34.60 6.12
C GLU H 211 -23.71 -33.11 6.40
N MSE H 212 -24.44 -32.64 7.40
CA MSE H 212 -24.44 -31.24 7.78
C MSE H 212 -23.09 -30.85 8.35
O MSE H 212 -22.69 -29.68 8.33
CB MSE H 212 -25.53 -30.98 8.83
CG MSE H 212 -25.58 -29.56 9.40
SE MSE H 212 -26.17 -28.18 8.16
CE MSE H 212 -28.08 -28.36 8.42
N ALA H 213 -22.36 -31.84 8.86
CA ALA H 213 -21.05 -31.61 9.45
C ALA H 213 -20.08 -30.95 8.47
N LYS H 214 -20.13 -31.38 7.22
CA LYS H 214 -19.27 -30.83 6.18
C LYS H 214 -19.67 -29.37 5.90
N ARG H 215 -20.96 -29.13 5.80
CA ARG H 215 -21.46 -27.78 5.55
C ARG H 215 -21.00 -26.84 6.67
N ARG H 216 -21.00 -27.34 7.90
CA ARG H 216 -20.58 -26.55 9.04
C ARG H 216 -19.08 -26.29 8.99
N GLN H 217 -18.31 -27.32 8.64
CA GLN H 217 -16.87 -27.17 8.55
C GLN H 217 -16.50 -26.09 7.54
N GLU H 218 -17.06 -26.18 6.34
CA GLU H 218 -16.77 -25.20 5.31
C GLU H 218 -17.33 -23.82 5.66
N GLU H 219 -18.44 -23.78 6.38
CA GLU H 219 -19.03 -22.51 6.78
C GLU H 219 -18.09 -21.87 7.79
N LEU H 220 -17.60 -22.68 8.73
CA LEU H 220 -16.69 -22.16 9.75
C LEU H 220 -15.43 -21.61 9.09
N LEU H 221 -14.88 -22.33 8.11
CA LEU H 221 -13.68 -21.85 7.44
C LEU H 221 -13.99 -20.61 6.60
N LEU H 222 -15.18 -20.61 6.02
CA LEU H 222 -15.61 -19.48 5.19
C LEU H 222 -15.69 -18.21 6.02
N LEU H 223 -16.19 -18.34 7.25
CA LEU H 223 -16.31 -17.18 8.13
C LEU H 223 -14.93 -16.77 8.63
N GLN H 224 -14.12 -17.74 9.01
CA GLN H 224 -12.78 -17.47 9.52
C GLN H 224 -11.87 -16.82 8.47
N ALA H 225 -12.00 -17.21 7.21
CA ALA H 225 -11.20 -16.63 6.15
C ALA H 225 -11.32 -15.10 6.21
N GLU H 226 -12.55 -14.62 6.39
CA GLU H 226 -12.81 -13.18 6.47
C GLU H 226 -12.03 -12.63 7.67
N ILE H 227 -12.16 -13.32 8.80
CA ILE H 227 -11.49 -12.91 10.03
C ILE H 227 -9.97 -12.92 9.88
N SER H 228 -9.41 -14.05 9.44
CA SER H 228 -7.96 -14.14 9.25
C SER H 228 -7.43 -13.05 8.34
N ASN H 229 -8.17 -12.77 7.27
CA ASN H 229 -7.77 -11.75 6.32
C ASN H 229 -7.79 -10.38 6.98
N SER H 230 -8.83 -10.15 7.78
CA SER H 230 -8.97 -8.88 8.48
C SER H 230 -7.83 -8.70 9.46
N ARG H 231 -7.45 -9.78 10.14
CA ARG H 231 -6.35 -9.68 11.10
C ARG H 231 -5.06 -9.37 10.36
N LEU H 232 -4.82 -10.06 9.26
CA LEU H 232 -3.62 -9.84 8.48
C LEU H 232 -3.55 -8.42 7.89
N ASP H 233 -4.71 -7.84 7.60
CA ASP H 233 -4.76 -6.49 7.03
C ASP H 233 -4.16 -5.43 7.94
N ARG H 234 -4.30 -5.59 9.25
CA ARG H 234 -3.76 -4.61 10.17
C ARG H 234 -2.24 -4.68 10.29
N PHE H 235 -1.63 -5.61 9.54
CA PHE H 235 -0.18 -5.74 9.53
C PHE H 235 0.40 -5.11 8.27
N VAL H 236 -0.43 -4.93 7.25
CA VAL H 236 0.01 -4.33 6.00
C VAL H 236 0.56 -2.92 6.22
N GLY H 237 1.79 -2.69 5.79
CA GLY H 237 2.41 -1.39 5.96
C GLY H 237 3.14 -1.24 7.28
N LYS H 238 3.09 -2.27 8.11
CA LYS H 238 3.76 -2.24 9.41
C LYS H 238 5.14 -2.89 9.36
N LYS H 239 6.03 -2.41 10.23
CA LYS H 239 7.39 -2.92 10.31
C LYS H 239 7.47 -4.11 11.28
N LEU H 240 7.60 -5.31 10.73
CA LEU H 240 7.70 -6.53 11.52
C LEU H 240 9.06 -7.18 11.41
N LYS H 241 9.45 -7.89 12.47
CA LYS H 241 10.74 -8.59 12.51
C LYS H 241 10.59 -9.82 11.61
N PHE H 242 11.62 -10.11 10.83
CA PHE H 242 11.60 -11.23 9.88
C PHE H 242 12.84 -12.10 9.99
N LEU H 243 12.63 -13.39 10.24
CA LEU H 243 13.72 -14.35 10.35
C LEU H 243 13.94 -15.05 9.02
N VAL H 244 15.14 -14.90 8.47
CA VAL H 244 15.48 -15.50 7.19
C VAL H 244 15.74 -16.99 7.30
N GLU H 245 15.05 -17.78 6.49
CA GLU H 245 15.22 -19.22 6.52
C GLU H 245 15.70 -19.78 5.19
N GLY H 246 15.73 -18.93 4.17
CA GLY H 246 16.19 -19.38 2.87
C GLY H 246 16.15 -18.27 1.84
N LYS H 247 16.63 -18.57 0.65
CA LYS H 247 16.64 -17.59 -0.44
C LYS H 247 16.27 -18.30 -1.72
N GLU H 248 15.30 -17.73 -2.43
CA GLU H 248 14.84 -18.31 -3.69
C GLU H 248 14.80 -17.21 -4.74
N GLY H 249 15.76 -17.24 -5.65
CA GLY H 249 15.82 -16.22 -6.68
C GLY H 249 16.14 -14.88 -6.07
N LYS H 250 15.27 -13.90 -6.29
CA LYS H 250 15.48 -12.57 -5.76
C LYS H 250 14.66 -12.39 -4.47
N PHE H 251 14.01 -13.47 -4.05
CA PHE H 251 13.18 -13.43 -2.85
C PHE H 251 13.83 -14.09 -1.64
N LEU H 252 13.55 -13.55 -0.47
CA LEU H 252 14.04 -14.10 0.78
C LEU H 252 12.82 -14.80 1.36
N VAL H 253 12.98 -16.04 1.82
CA VAL H 253 11.86 -16.77 2.38
C VAL H 253 12.05 -16.94 3.90
N GLY H 254 10.99 -16.69 4.66
CA GLY H 254 11.09 -16.80 6.11
C GLY H 254 9.79 -16.54 6.82
N ARG H 255 9.86 -16.14 8.09
CA ARG H 255 8.65 -15.87 8.84
C ARG H 255 8.75 -14.65 9.74
N THR H 256 7.62 -13.99 9.92
CA THR H 256 7.55 -12.86 10.82
C THR H 256 7.26 -13.58 12.14
N TRP H 257 7.30 -12.87 13.26
CA TRP H 257 7.07 -13.53 14.56
C TRP H 257 5.71 -14.19 14.70
N THR H 258 4.73 -13.70 13.94
CA THR H 258 3.37 -14.21 13.98
C THR H 258 3.19 -15.60 13.40
N GLU H 259 4.23 -16.12 12.76
CA GLU H 259 4.14 -17.44 12.12
C GLU H 259 5.06 -18.52 12.69
N ALA H 260 4.48 -19.64 13.09
CA ALA H 260 5.27 -20.75 13.60
C ALA H 260 5.72 -21.53 12.38
N PRO H 261 6.82 -22.30 12.51
CA PRO H 261 7.31 -23.07 11.37
C PRO H 261 6.38 -24.20 10.91
N GLU H 262 6.39 -24.46 9.61
CA GLU H 262 5.62 -25.53 8.97
C GLU H 262 4.11 -25.55 9.14
N VAL H 263 3.62 -25.09 10.29
CA VAL H 263 2.19 -25.16 10.57
C VAL H 263 1.39 -23.90 10.26
N ASP H 264 2.07 -22.81 9.95
CA ASP H 264 1.39 -21.57 9.66
C ASP H 264 1.69 -21.07 8.24
N GLY H 265 1.92 -19.77 8.09
CA GLY H 265 2.21 -19.23 6.79
C GLY H 265 3.68 -18.92 6.57
N VAL H 266 3.99 -18.46 5.37
CA VAL H 266 5.36 -18.11 5.03
C VAL H 266 5.37 -16.66 4.53
N VAL H 267 6.51 -16.00 4.68
CA VAL H 267 6.65 -14.61 4.25
C VAL H 267 7.72 -14.49 3.17
N PHE H 268 7.35 -13.93 2.03
CA PHE H 268 8.28 -13.73 0.91
C PHE H 268 8.71 -12.27 0.88
N VAL H 269 9.99 -12.02 1.01
CA VAL H 269 10.46 -10.65 1.00
C VAL H 269 11.62 -10.47 0.05
N ARG H 270 11.49 -9.53 -0.87
CA ARG H 270 12.56 -9.26 -1.83
C ARG H 270 13.60 -8.39 -1.14
N GLY H 271 14.85 -8.87 -1.14
CA GLY H 271 15.92 -8.13 -0.51
C GLY H 271 17.12 -9.04 -0.30
N LYS H 272 18.18 -8.50 0.31
CA LYS H 272 19.38 -9.29 0.55
C LYS H 272 19.53 -9.63 2.03
N GLY H 273 19.94 -10.87 2.31
CA GLY H 273 20.12 -11.29 3.69
C GLY H 273 20.64 -12.71 3.78
N LYS H 274 21.09 -13.10 4.97
CA LYS H 274 21.63 -14.43 5.19
C LYS H 274 20.68 -15.24 6.07
N ILE H 275 20.61 -16.54 5.82
CA ILE H 275 19.75 -17.41 6.61
C ILE H 275 20.13 -17.29 8.07
N GLY H 276 19.12 -17.24 8.94
CA GLY H 276 19.36 -17.12 10.36
C GLY H 276 19.43 -15.68 10.83
N ASP H 277 19.37 -14.73 9.90
CA ASP H 277 19.42 -13.31 10.23
C ASP H 277 18.06 -12.68 10.47
N PHE H 278 18.01 -11.70 11.37
CA PHE H 278 16.78 -10.99 11.66
C PHE H 278 16.78 -9.73 10.79
N LEU H 279 15.67 -9.48 10.11
CA LEU H 279 15.59 -8.29 9.26
C LEU H 279 14.30 -7.57 9.55
N GLU H 280 14.23 -6.33 9.10
CA GLU H 280 13.04 -5.51 9.29
C GLU H 280 12.33 -5.56 7.95
N VAL H 281 11.05 -5.92 7.95
CA VAL H 281 10.31 -5.98 6.70
C VAL H 281 8.94 -5.33 6.82
N VAL H 282 8.46 -4.81 5.70
CA VAL H 282 7.14 -4.19 5.65
C VAL H 282 6.26 -5.04 4.75
N ILE H 283 5.13 -5.48 5.30
CA ILE H 283 4.20 -6.32 4.56
C ILE H 283 3.40 -5.44 3.60
N LYS H 284 3.34 -5.86 2.34
CA LYS H 284 2.61 -5.11 1.33
C LYS H 284 1.30 -5.80 0.98
N GLU H 285 1.29 -7.12 1.01
CA GLU H 285 0.08 -7.88 0.69
C GLU H 285 0.14 -9.30 1.24
N HIS H 286 -1.03 -9.92 1.31
CA HIS H 286 -1.13 -11.29 1.78
C HIS H 286 -2.18 -12.04 0.96
N ASP H 287 -2.05 -13.36 0.93
CA ASP H 287 -2.98 -14.19 0.17
C ASP H 287 -2.90 -15.62 0.66
N GLU H 288 -4.06 -16.22 0.92
CA GLU H 288 -4.10 -17.59 1.41
C GLU H 288 -3.25 -17.73 2.66
N TYR H 289 -3.24 -16.67 3.46
CA TYR H 289 -2.51 -16.59 4.71
C TYR H 289 -1.00 -16.42 4.58
N ASP H 290 -0.50 -16.31 3.36
CA ASP H 290 0.93 -16.08 3.16
C ASP H 290 1.15 -14.58 2.94
N MSE H 291 2.37 -14.10 3.17
CA MSE H 291 2.64 -12.67 3.01
C MSE H 291 3.79 -12.34 2.08
O MSE H 291 4.73 -13.12 1.90
CB MSE H 291 2.91 -12.02 4.37
CG MSE H 291 1.89 -12.37 5.46
SE MSE H 291 2.09 -11.27 7.05
CE MSE H 291 3.93 -11.67 7.49
N TRP H 292 3.72 -11.14 1.51
CA TRP H 292 4.74 -10.63 0.60
C TRP H 292 5.14 -9.23 1.05
N GLY H 293 6.45 -8.97 1.09
CA GLY H 293 6.91 -7.66 1.51
C GLY H 293 8.30 -7.34 1.01
N SER H 294 8.91 -6.33 1.61
CA SER H 294 10.25 -5.92 1.22
C SER H 294 11.07 -5.55 2.45
N VAL H 295 12.38 -5.70 2.35
CA VAL H 295 13.28 -5.39 3.45
C VAL H 295 13.45 -3.89 3.60
N ILE H 296 13.90 -3.47 4.78
CA ILE H 296 14.12 -2.06 5.08
C ILE H 296 15.57 -1.81 5.49
S CXS I . -1.71 27.97 50.94
O1 CXS I . -0.87 29.17 51.06
O2 CXS I . -1.28 27.19 49.83
O3 CXS I . -3.13 28.42 50.80
C1 CXS I . -1.54 27.02 52.45
C2 CXS I . -0.11 26.55 52.66
C3 CXS I . 0.01 25.51 53.76
N CXS I . 1.37 25.32 54.27
C4 CXS I . 1.54 24.70 55.56
C5 CXS I . 2.04 25.68 56.64
C6 CXS I . 2.19 24.95 57.97
C7 CXS I . 3.18 23.77 57.85
C8 CXS I . 2.78 22.77 56.75
C9 CXS I . 2.54 23.52 55.42
S CXS J . -2.63 24.39 30.16
O1 CXS J . -2.45 23.21 30.99
O2 CXS J . -2.91 25.53 31.01
O3 CXS J . -3.73 24.13 29.20
C1 CXS J . -1.11 24.69 29.27
C2 CXS J . -1.33 25.58 28.03
C3 CXS J . -0.18 26.54 27.79
N CXS J . 0.93 25.99 27.02
C4 CXS J . 1.21 26.56 25.71
C5 CXS J . 1.35 25.49 24.62
C6 CXS J . 1.64 26.13 23.27
C7 CXS J . 2.93 26.99 23.32
C8 CXS J . 2.89 28.05 24.44
C9 CXS J . 2.51 27.39 25.79
S CXS K . 8.66 7.19 5.83
O1 CXS K . 9.21 6.22 4.91
O2 CXS K . 9.72 7.76 6.62
O3 CXS K . 7.64 6.51 6.68
C1 CXS K . 7.87 8.48 4.90
C2 CXS K . 7.27 9.57 5.80
C3 CXS K . 7.19 10.92 5.13
N CXS K . 5.91 11.62 5.31
C4 CXS K . 5.90 13.07 5.27
C5 CXS K . 5.79 13.71 6.66
C6 CXS K . 5.79 15.23 6.55
C7 CXS K . 4.63 15.72 5.66
C8 CXS K . 4.64 15.08 4.27
C9 CXS K . 4.74 13.53 4.39
S CXS L . 5.82 -9.55 -6.32
O1 CXS L . 4.86 -8.55 -6.77
O2 CXS L . 6.30 -9.19 -5.01
O3 CXS L . 6.93 -9.62 -7.31
C1 CXS L . 5.00 -11.13 -6.22
C2 CXS L . 3.77 -11.09 -5.31
C3 CXS L . 2.55 -11.72 -5.95
N CXS L . 2.24 -13.05 -5.44
C4 CXS L . 0.97 -13.64 -5.81
C5 CXS L . 0.11 -14.04 -4.60
C6 CXS L . -1.21 -14.64 -5.07
C7 CXS L . -0.97 -15.89 -5.96
C8 CXS L . -0.07 -15.57 -7.17
C9 CXS L . 1.23 -14.87 -6.70
#